data_5F29
# 
_entry.id   5F29 
# 
_audit_conform.dict_name       mmcif_pdbx.dic 
_audit_conform.dict_version    5.398 
_audit_conform.dict_location   http://mmcif.pdb.org/dictionaries/ascii/mmcif_pdbx.dic 
# 
loop_
_database_2.database_id 
_database_2.database_code 
_database_2.pdbx_database_accession 
_database_2.pdbx_DOI 
PDB   5F29         pdb_00005f29 10.2210/pdb5f29/pdb 
WWPDB D_1000207856 ?            ?                   
# 
loop_
_pdbx_audit_revision_history.ordinal 
_pdbx_audit_revision_history.data_content_type 
_pdbx_audit_revision_history.major_revision 
_pdbx_audit_revision_history.minor_revision 
_pdbx_audit_revision_history.revision_date 
1 'Structure model' 1 0 2017-02-01 
2 'Structure model' 1 1 2018-08-08 
3 'Structure model' 1 2 2024-11-20 
# 
_pdbx_audit_revision_details.ordinal             1 
_pdbx_audit_revision_details.revision_ordinal    1 
_pdbx_audit_revision_details.data_content_type   'Structure model' 
_pdbx_audit_revision_details.provider            repository 
_pdbx_audit_revision_details.type                'Initial release' 
_pdbx_audit_revision_details.description         ? 
_pdbx_audit_revision_details.details             ? 
# 
loop_
_pdbx_audit_revision_group.ordinal 
_pdbx_audit_revision_group.revision_ordinal 
_pdbx_audit_revision_group.data_content_type 
_pdbx_audit_revision_group.group 
1 2 'Structure model' 'Data collection'      
2 2 'Structure model' 'Database references'  
3 3 'Structure model' 'Data collection'      
4 3 'Structure model' 'Database references'  
5 3 'Structure model' 'Derived calculations' 
6 3 'Structure model' 'Structure summary'    
# 
loop_
_pdbx_audit_revision_category.ordinal 
_pdbx_audit_revision_category.revision_ordinal 
_pdbx_audit_revision_category.data_content_type 
_pdbx_audit_revision_category.category 
1  2 'Structure model' citation                  
2  2 'Structure model' citation_author           
3  2 'Structure model' diffrn_source             
4  3 'Structure model' chem_comp                 
5  3 'Structure model' chem_comp_atom            
6  3 'Structure model' chem_comp_bond            
7  3 'Structure model' database_2                
8  3 'Structure model' entity                    
9  3 'Structure model' pdbx_entity_nonpoly       
10 3 'Structure model' pdbx_entry_details        
11 3 'Structure model' pdbx_modification_feature 
# 
loop_
_pdbx_audit_revision_item.ordinal 
_pdbx_audit_revision_item.revision_ordinal 
_pdbx_audit_revision_item.data_content_type 
_pdbx_audit_revision_item.item 
1  2 'Structure model' '_citation.country'                    
2  2 'Structure model' '_citation.journal_abbrev'             
3  2 'Structure model' '_citation.journal_id_ASTM'            
4  2 'Structure model' '_citation.journal_id_CSD'             
5  2 'Structure model' '_citation.journal_id_ISSN'            
6  2 'Structure model' '_citation.journal_volume'             
7  2 'Structure model' '_citation.page_first'                 
8  2 'Structure model' '_citation.page_last'                  
9  2 'Structure model' '_citation.pdbx_database_id_DOI'       
10 2 'Structure model' '_citation.pdbx_database_id_PubMed'    
11 2 'Structure model' '_citation.title'                      
12 2 'Structure model' '_citation.year'                       
13 2 'Structure model' '_diffrn_source.pdbx_synchrotron_site' 
14 3 'Structure model' '_chem_comp.name'                      
15 3 'Structure model' '_database_2.pdbx_DOI'                 
16 3 'Structure model' '_database_2.pdbx_database_accession'  
17 3 'Structure model' '_entity.pdbx_description'             
18 3 'Structure model' '_pdbx_entity_nonpoly.name'            
# 
_pdbx_database_status.status_code                     REL 
_pdbx_database_status.status_code_sf                  REL 
_pdbx_database_status.status_code_mr                  ? 
_pdbx_database_status.entry_id                        5F29 
_pdbx_database_status.recvd_initial_deposition_date   2015-12-01 
_pdbx_database_status.SG_entry                        N 
_pdbx_database_status.deposit_site                    RCSB 
_pdbx_database_status.process_site                    PDBJ 
_pdbx_database_status.status_code_cs                  ? 
_pdbx_database_status.methods_development_category    ? 
_pdbx_database_status.pdb_format_compatible           Y 
_pdbx_database_status.status_code_nmr_data            ? 
# 
_pdbx_database_related.content_type   unspecified 
_pdbx_database_related.db_id          4YS2 
_pdbx_database_related.db_name        PDB 
_pdbx_database_related.details        . 
# 
_audit_author.name               'Chin, K.H.' 
_audit_author.pdbx_ordinal       1 
_audit_author.identifier_ORCID   ? 
# 
_citation.abstract                  ? 
_citation.abstract_id_CAS           ? 
_citation.book_id_ISBN              ? 
_citation.book_publisher            ? 
_citation.book_publisher_city       ? 
_citation.book_title                ? 
_citation.coordinate_linkage        ? 
_citation.country                   US 
_citation.database_id_Medline       ? 
_citation.details                   ? 
_citation.id                        primary 
_citation.journal_abbrev            Biochemistry 
_citation.journal_id_ASTM           BICHAW 
_citation.journal_id_CSD            0033 
_citation.journal_id_ISSN           1520-4995 
_citation.journal_full              ? 
_citation.journal_issue             ? 
_citation.journal_volume            54 
_citation.language                  ? 
_citation.page_first                4936 
_citation.page_last                 4951 
_citation.title                     'Structural Insights into the Distinct Binding Mode of Cyclic Di-AMP with SaCpaA_RCK.' 
_citation.year                      2015 
_citation.database_id_CSD           ? 
_citation.pdbx_database_id_DOI      10.1021/acs.biochem.5b00633 
_citation.pdbx_database_id_PubMed   26171638 
_citation.unpublished_flag          ? 
# 
loop_
_citation_author.citation_id 
_citation_author.name 
_citation_author.ordinal 
_citation_author.identifier_ORCID 
primary 'Chin, K.H.'  1  ? 
primary 'Liang, J.M.' 2  ? 
primary 'Yang, J.G.'  3  ? 
primary 'Shih, M.S.'  4  ? 
primary 'Tu, Z.L.'    5  ? 
primary 'Wang, Y.C.'  6  ? 
primary 'Sun, X.H.'   7  ? 
primary 'Hu, N.J.'    8  ? 
primary 'Liang, Z.X.' 9  ? 
primary 'Dow, J.M.'   10 ? 
primary 'Ryan, R.P.'  11 ? 
primary 'Chou, S.H.'  12 ? 
# 
loop_
_entity.id 
_entity.type 
_entity.src_method 
_entity.pdbx_description 
_entity.formula_weight 
_entity.pdbx_number_of_molecules 
_entity.pdbx_ec 
_entity.pdbx_mutation 
_entity.pdbx_fragment 
_entity.details 
1 polymer     man 'Na+/H+ antiporter-like protein' 8791.772 2  ? ? 'UNP RESIDUES 400-614' ? 
2 non-polymer syn 
;(2R,3R,3aS,5R,7aR,9R,10R,10aS,12R,14aR)-2,9-bis(6-amino-9H-purin-9-yl)octahydro-2H,7H-difuro[3,2-d:3',2'-j][1,3,7,9,2,8 ]tetraoxadiphosphacyclododecine-3,5,10,12-tetrol 5,12-dioxide
;
658.412  1  ? ? ?                      ? 
3 water       nat water 18.015   57 ? ? ?                      ? 
# 
_entity_poly.entity_id                      1 
_entity_poly.type                           'polypeptide(L)' 
_entity_poly.nstd_linkage                   no 
_entity_poly.nstd_monomer                   yes 
_entity_poly.pdbx_seq_one_letter_code       'TSLYEIQ(MSE)LNYKYENIQLRNFPFGGDIIFVRIIRNNESIVPHGDTQLRYGDRLIVTGAKEYVDELKQELEFYF' 
_entity_poly.pdbx_seq_one_letter_code_can   TSLYEIQMLNYKYENIQLRNFPFGGDIIFVRIIRNNESIVPHGDTQLRYGDRLIVTGAKEYVDELKQELEFYF 
_entity_poly.pdbx_strand_id                 A,B 
_entity_poly.pdbx_target_identifier         ? 
# 
loop_
_pdbx_entity_nonpoly.entity_id 
_pdbx_entity_nonpoly.name 
_pdbx_entity_nonpoly.comp_id 
2 
;(2R,3R,3aS,5R,7aR,9R,10R,10aS,12R,14aR)-2,9-bis(6-amino-9H-purin-9-yl)octahydro-2H,7H-difuro[3,2-d:3',2'-j][1,3,7,9,2,8 ]tetraoxadiphosphacyclododecine-3,5,10,12-tetrol 5,12-dioxide
;
2BA 
3 water HOH 
# 
loop_
_entity_poly_seq.entity_id 
_entity_poly_seq.num 
_entity_poly_seq.mon_id 
_entity_poly_seq.hetero 
1 1  THR n 
1 2  SER n 
1 3  LEU n 
1 4  TYR n 
1 5  GLU n 
1 6  ILE n 
1 7  GLN n 
1 8  MSE n 
1 9  LEU n 
1 10 ASN n 
1 11 TYR n 
1 12 LYS n 
1 13 TYR n 
1 14 GLU n 
1 15 ASN n 
1 16 ILE n 
1 17 GLN n 
1 18 LEU n 
1 19 ARG n 
1 20 ASN n 
1 21 PHE n 
1 22 PRO n 
1 23 PHE n 
1 24 GLY n 
1 25 GLY n 
1 26 ASP n 
1 27 ILE n 
1 28 ILE n 
1 29 PHE n 
1 30 VAL n 
1 31 ARG n 
1 32 ILE n 
1 33 ILE n 
1 34 ARG n 
1 35 ASN n 
1 36 ASN n 
1 37 GLU n 
1 38 SER n 
1 39 ILE n 
1 40 VAL n 
1 41 PRO n 
1 42 HIS n 
1 43 GLY n 
1 44 ASP n 
1 45 THR n 
1 46 GLN n 
1 47 LEU n 
1 48 ARG n 
1 49 TYR n 
1 50 GLY n 
1 51 ASP n 
1 52 ARG n 
1 53 LEU n 
1 54 ILE n 
1 55 VAL n 
1 56 THR n 
1 57 GLY n 
1 58 ALA n 
1 59 LYS n 
1 60 GLU n 
1 61 TYR n 
1 62 VAL n 
1 63 ASP n 
1 64 GLU n 
1 65 LEU n 
1 66 LYS n 
1 67 GLN n 
1 68 GLU n 
1 69 LEU n 
1 70 GLU n 
1 71 PHE n 
1 72 TYR n 
1 73 PHE n 
# 
_entity_src_gen.entity_id                          1 
_entity_src_gen.pdbx_src_id                        1 
_entity_src_gen.pdbx_alt_source_flag               sample 
_entity_src_gen.pdbx_seq_type                      'Biological sequence' 
_entity_src_gen.pdbx_beg_seq_num                   1 
_entity_src_gen.pdbx_end_seq_num                   73 
_entity_src_gen.gene_src_common_name               ? 
_entity_src_gen.gene_src_genus                     ? 
_entity_src_gen.pdbx_gene_src_gene                 'kefC, ERS154949_00406' 
_entity_src_gen.gene_src_species                   ? 
_entity_src_gen.gene_src_strain                    ? 
_entity_src_gen.gene_src_tissue                    ? 
_entity_src_gen.gene_src_tissue_fraction           ? 
_entity_src_gen.gene_src_details                   ? 
_entity_src_gen.pdbx_gene_src_fragment             ? 
_entity_src_gen.pdbx_gene_src_scientific_name      'Staphylococcus aureus' 
_entity_src_gen.pdbx_gene_src_ncbi_taxonomy_id     1280 
_entity_src_gen.pdbx_gene_src_variant              ? 
_entity_src_gen.pdbx_gene_src_cell_line            ? 
_entity_src_gen.pdbx_gene_src_atcc                 ? 
_entity_src_gen.pdbx_gene_src_organ                ? 
_entity_src_gen.pdbx_gene_src_organelle            ? 
_entity_src_gen.pdbx_gene_src_cell                 ? 
_entity_src_gen.pdbx_gene_src_cellular_location    ? 
_entity_src_gen.host_org_common_name               ? 
_entity_src_gen.pdbx_host_org_scientific_name      'Escherichia coli O103:H2 str. 12009' 
_entity_src_gen.pdbx_host_org_ncbi_taxonomy_id     585395 
_entity_src_gen.host_org_genus                     ? 
_entity_src_gen.pdbx_host_org_gene                 ? 
_entity_src_gen.pdbx_host_org_organ                ? 
_entity_src_gen.host_org_species                   ? 
_entity_src_gen.pdbx_host_org_tissue               ? 
_entity_src_gen.pdbx_host_org_tissue_fraction      ? 
_entity_src_gen.pdbx_host_org_strain               ? 
_entity_src_gen.pdbx_host_org_variant              ? 
_entity_src_gen.pdbx_host_org_cell_line            ? 
_entity_src_gen.pdbx_host_org_atcc                 ? 
_entity_src_gen.pdbx_host_org_culture_collection   ? 
_entity_src_gen.pdbx_host_org_cell                 ? 
_entity_src_gen.pdbx_host_org_organelle            ? 
_entity_src_gen.pdbx_host_org_cellular_location    ? 
_entity_src_gen.pdbx_host_org_vector_type          ? 
_entity_src_gen.pdbx_host_org_vector               ? 
_entity_src_gen.host_org_details                   ? 
_entity_src_gen.expression_system_id               ? 
_entity_src_gen.plasmid_name                       ? 
_entity_src_gen.plasmid_details                    ? 
_entity_src_gen.pdbx_description                   ? 
# 
loop_
_chem_comp.id 
_chem_comp.type 
_chem_comp.mon_nstd_flag 
_chem_comp.name 
_chem_comp.pdbx_synonyms 
_chem_comp.formula 
_chem_comp.formula_weight 
2BA non-polymer         . 
;(2R,3R,3aS,5R,7aR,9R,10R,10aS,12R,14aR)-2,9-bis(6-amino-9H-purin-9-yl)octahydro-2H,7H-difuro[3,2-d:3',2'-j][1,3,7,9,2,8 ]tetraoxadiphosphacyclododecine-3,5,10,12-tetrol 5,12-dioxide
;
"bis-(3',5')-cyclic-dimeric-Adenosine-monophosphate" 'C20 H24 N10 O12 P2' 658.412 
ALA 'L-peptide linking' y ALANINE ?                                                    'C3 H7 N O2'         89.093  
ARG 'L-peptide linking' y ARGININE ?                                                    'C6 H15 N4 O2 1'     175.209 
ASN 'L-peptide linking' y ASPARAGINE ?                                                    'C4 H8 N2 O3'        132.118 
ASP 'L-peptide linking' y 'ASPARTIC ACID' ?                                                    'C4 H7 N O4'         133.103 
GLN 'L-peptide linking' y GLUTAMINE ?                                                    'C5 H10 N2 O3'       146.144 
GLU 'L-peptide linking' y 'GLUTAMIC ACID' ?                                                    'C5 H9 N O4'         147.129 
GLY 'peptide linking'   y GLYCINE ?                                                    'C2 H5 N O2'         75.067  
HIS 'L-peptide linking' y HISTIDINE ?                                                    'C6 H10 N3 O2 1'     156.162 
HOH non-polymer         . WATER ?                                                    'H2 O'               18.015  
ILE 'L-peptide linking' y ISOLEUCINE ?                                                    'C6 H13 N O2'        131.173 
LEU 'L-peptide linking' y LEUCINE ?                                                    'C6 H13 N O2'        131.173 
LYS 'L-peptide linking' y LYSINE ?                                                    'C6 H15 N2 O2 1'     147.195 
MSE 'L-peptide linking' n SELENOMETHIONINE ?                                                    'C5 H11 N O2 Se'     196.106 
PHE 'L-peptide linking' y PHENYLALANINE ?                                                    'C9 H11 N O2'        165.189 
PRO 'L-peptide linking' y PROLINE ?                                                    'C5 H9 N O2'         115.130 
SER 'L-peptide linking' y SERINE ?                                                    'C3 H7 N O3'         105.093 
THR 'L-peptide linking' y THREONINE ?                                                    'C4 H9 N O3'         119.119 
TYR 'L-peptide linking' y TYROSINE ?                                                    'C9 H11 N O3'        181.189 
VAL 'L-peptide linking' y VALINE ?                                                    'C5 H11 N O2'        117.146 
# 
loop_
_pdbx_poly_seq_scheme.asym_id 
_pdbx_poly_seq_scheme.entity_id 
_pdbx_poly_seq_scheme.seq_id 
_pdbx_poly_seq_scheme.mon_id 
_pdbx_poly_seq_scheme.ndb_seq_num 
_pdbx_poly_seq_scheme.pdb_seq_num 
_pdbx_poly_seq_scheme.auth_seq_num 
_pdbx_poly_seq_scheme.pdb_mon_id 
_pdbx_poly_seq_scheme.auth_mon_id 
_pdbx_poly_seq_scheme.pdb_strand_id 
_pdbx_poly_seq_scheme.pdb_ins_code 
_pdbx_poly_seq_scheme.hetero 
A 1 1  THR 1  143 143 THR THR A . n 
A 1 2  SER 2  144 144 SER SER A . n 
A 1 3  LEU 3  145 145 LEU LEU A . n 
A 1 4  TYR 4  146 146 TYR TYR A . n 
A 1 5  GLU 5  147 147 GLU GLU A . n 
A 1 6  ILE 6  148 148 ILE ILE A . n 
A 1 7  GLN 7  149 149 GLN GLN A . n 
A 1 8  MSE 8  150 150 MSE MSE A . n 
A 1 9  LEU 9  151 151 LEU LEU A . n 
A 1 10 ASN 10 152 152 ASN ASN A . n 
A 1 11 TYR 11 153 153 TYR TYR A . n 
A 1 12 LYS 12 154 154 LYS LYS A . n 
A 1 13 TYR 13 155 155 TYR TYR A . n 
A 1 14 GLU 14 156 156 GLU GLU A . n 
A 1 15 ASN 15 157 157 ASN ASN A . n 
A 1 16 ILE 16 158 158 ILE ILE A . n 
A 1 17 GLN 17 159 159 GLN GLN A . n 
A 1 18 LEU 18 160 160 LEU LEU A . n 
A 1 19 ARG 19 161 161 ARG ARG A . n 
A 1 20 ASN 20 162 162 ASN ASN A . n 
A 1 21 PHE 21 163 163 PHE PHE A . n 
A 1 22 PRO 22 164 164 PRO PRO A . n 
A 1 23 PHE 23 165 165 PHE PHE A . n 
A 1 24 GLY 24 166 166 GLY GLY A . n 
A 1 25 GLY 25 167 167 GLY GLY A . n 
A 1 26 ASP 26 168 168 ASP ASP A . n 
A 1 27 ILE 27 169 169 ILE ILE A . n 
A 1 28 ILE 28 170 170 ILE ILE A . n 
A 1 29 PHE 29 171 171 PHE PHE A . n 
A 1 30 VAL 30 172 172 VAL VAL A . n 
A 1 31 ARG 31 173 173 ARG ARG A . n 
A 1 32 ILE 32 174 174 ILE ILE A . n 
A 1 33 ILE 33 175 175 ILE ILE A . n 
A 1 34 ARG 34 176 176 ARG ARG A . n 
A 1 35 ASN 35 177 177 ASN ASN A . n 
A 1 36 ASN 36 178 178 ASN ASN A . n 
A 1 37 GLU 37 179 179 GLU GLU A . n 
A 1 38 SER 38 180 180 SER SER A . n 
A 1 39 ILE 39 181 181 ILE ILE A . n 
A 1 40 VAL 40 182 182 VAL VAL A . n 
A 1 41 PRO 41 183 183 PRO PRO A . n 
A 1 42 HIS 42 184 184 HIS HIS A . n 
A 1 43 GLY 43 185 185 GLY GLY A . n 
A 1 44 ASP 44 186 186 ASP ASP A . n 
A 1 45 THR 45 187 187 THR THR A . n 
A 1 46 GLN 46 188 188 GLN GLN A . n 
A 1 47 LEU 47 189 189 LEU LEU A . n 
A 1 48 ARG 48 190 190 ARG ARG A . n 
A 1 49 TYR 49 191 191 TYR TYR A . n 
A 1 50 GLY 50 192 192 GLY GLY A . n 
A 1 51 ASP 51 193 193 ASP ASP A . n 
A 1 52 ARG 52 194 194 ARG ARG A . n 
A 1 53 LEU 53 195 195 LEU LEU A . n 
A 1 54 ILE 54 196 196 ILE ILE A . n 
A 1 55 VAL 55 197 197 VAL VAL A . n 
A 1 56 THR 56 198 198 THR THR A . n 
A 1 57 GLY 57 199 199 GLY GLY A . n 
A 1 58 ALA 58 200 200 ALA ALA A . n 
A 1 59 LYS 59 201 201 LYS LYS A . n 
A 1 60 GLU 60 202 202 GLU GLU A . n 
A 1 61 TYR 61 203 203 TYR TYR A . n 
A 1 62 VAL 62 204 204 VAL VAL A . n 
A 1 63 ASP 63 205 205 ASP ASP A . n 
A 1 64 GLU 64 206 206 GLU GLU A . n 
A 1 65 LEU 65 207 207 LEU LEU A . n 
A 1 66 LYS 66 208 208 LYS LYS A . n 
A 1 67 GLN 67 209 209 GLN GLN A . n 
A 1 68 GLU 68 210 210 GLU GLU A . n 
A 1 69 LEU 69 211 211 LEU LEU A . n 
A 1 70 GLU 70 212 212 GLU GLU A . n 
A 1 71 PHE 71 213 ?   ?   ?   A . n 
A 1 72 TYR 72 214 ?   ?   ?   A . n 
A 1 73 PHE 73 215 ?   ?   ?   A . n 
B 1 1  THR 1  143 143 THR THR B . n 
B 1 2  SER 2  144 144 SER SER B . n 
B 1 3  LEU 3  145 145 LEU LEU B . n 
B 1 4  TYR 4  146 146 TYR TYR B . n 
B 1 5  GLU 5  147 147 GLU GLU B . n 
B 1 6  ILE 6  148 148 ILE ILE B . n 
B 1 7  GLN 7  149 149 GLN GLN B . n 
B 1 8  MSE 8  150 150 MSE MSE B . n 
B 1 9  LEU 9  151 151 LEU LEU B . n 
B 1 10 ASN 10 152 152 ASN ASN B . n 
B 1 11 TYR 11 153 153 TYR TYR B . n 
B 1 12 LYS 12 154 154 LYS LYS B . n 
B 1 13 TYR 13 155 155 TYR TYR B . n 
B 1 14 GLU 14 156 156 GLU GLU B . n 
B 1 15 ASN 15 157 157 ASN ASN B . n 
B 1 16 ILE 16 158 158 ILE ILE B . n 
B 1 17 GLN 17 159 159 GLN GLN B . n 
B 1 18 LEU 18 160 160 LEU LEU B . n 
B 1 19 ARG 19 161 161 ARG ARG B . n 
B 1 20 ASN 20 162 162 ASN ASN B . n 
B 1 21 PHE 21 163 163 PHE PHE B . n 
B 1 22 PRO 22 164 164 PRO PRO B . n 
B 1 23 PHE 23 165 165 PHE PHE B . n 
B 1 24 GLY 24 166 166 GLY GLY B . n 
B 1 25 GLY 25 167 167 GLY GLY B . n 
B 1 26 ASP 26 168 168 ASP ASP B . n 
B 1 27 ILE 27 169 169 ILE ILE B . n 
B 1 28 ILE 28 170 170 ILE ILE B . n 
B 1 29 PHE 29 171 171 PHE PHE B . n 
B 1 30 VAL 30 172 172 VAL VAL B . n 
B 1 31 ARG 31 173 173 ARG ARG B . n 
B 1 32 ILE 32 174 174 ILE ILE B . n 
B 1 33 ILE 33 175 175 ILE ILE B . n 
B 1 34 ARG 34 176 176 ARG ARG B . n 
B 1 35 ASN 35 177 177 ASN ASN B . n 
B 1 36 ASN 36 178 178 ASN ASN B . n 
B 1 37 GLU 37 179 179 GLU GLU B . n 
B 1 38 SER 38 180 180 SER SER B . n 
B 1 39 ILE 39 181 181 ILE ILE B . n 
B 1 40 VAL 40 182 182 VAL VAL B . n 
B 1 41 PRO 41 183 183 PRO PRO B . n 
B 1 42 HIS 42 184 184 HIS HIS B . n 
B 1 43 GLY 43 185 185 GLY GLY B . n 
B 1 44 ASP 44 186 186 ASP ASP B . n 
B 1 45 THR 45 187 187 THR THR B . n 
B 1 46 GLN 46 188 188 GLN GLN B . n 
B 1 47 LEU 47 189 189 LEU LEU B . n 
B 1 48 ARG 48 190 190 ARG ARG B . n 
B 1 49 TYR 49 191 191 TYR TYR B . n 
B 1 50 GLY 50 192 192 GLY GLY B . n 
B 1 51 ASP 51 193 193 ASP ASP B . n 
B 1 52 ARG 52 194 194 ARG ARG B . n 
B 1 53 LEU 53 195 195 LEU LEU B . n 
B 1 54 ILE 54 196 196 ILE ILE B . n 
B 1 55 VAL 55 197 197 VAL VAL B . n 
B 1 56 THR 56 198 198 THR THR B . n 
B 1 57 GLY 57 199 199 GLY GLY B . n 
B 1 58 ALA 58 200 200 ALA ALA B . n 
B 1 59 LYS 59 201 201 LYS LYS B . n 
B 1 60 GLU 60 202 202 GLU GLU B . n 
B 1 61 TYR 61 203 203 TYR TYR B . n 
B 1 62 VAL 62 204 204 VAL VAL B . n 
B 1 63 ASP 63 205 205 ASP ASP B . n 
B 1 64 GLU 64 206 206 GLU GLU B . n 
B 1 65 LEU 65 207 207 LEU LEU B . n 
B 1 66 LYS 66 208 208 LYS LYS B . n 
B 1 67 GLN 67 209 209 GLN GLN B . n 
B 1 68 GLU 68 210 210 GLU GLU B . n 
B 1 69 LEU 69 211 211 LEU LEU B . n 
B 1 70 GLU 70 212 212 GLU GLU B . n 
B 1 71 PHE 71 213 213 PHE PHE B . n 
B 1 72 TYR 72 214 ?   ?   ?   B . n 
B 1 73 PHE 73 215 ?   ?   ?   B . n 
# 
loop_
_pdbx_nonpoly_scheme.asym_id 
_pdbx_nonpoly_scheme.entity_id 
_pdbx_nonpoly_scheme.mon_id 
_pdbx_nonpoly_scheme.ndb_seq_num 
_pdbx_nonpoly_scheme.pdb_seq_num 
_pdbx_nonpoly_scheme.auth_seq_num 
_pdbx_nonpoly_scheme.pdb_mon_id 
_pdbx_nonpoly_scheme.auth_mon_id 
_pdbx_nonpoly_scheme.pdb_strand_id 
_pdbx_nonpoly_scheme.pdb_ins_code 
C 2 2BA 1  301 100 2BA 2BA A . 
D 3 HOH 1  401 79  HOH HOH A . 
D 3 HOH 2  402 83  HOH HOH A . 
D 3 HOH 3  403 62  HOH HOH A . 
D 3 HOH 4  404 3   HOH HOH A . 
D 3 HOH 5  405 25  HOH HOH A . 
D 3 HOH 6  406 61  HOH HOH A . 
D 3 HOH 7  407 97  HOH HOH A . 
D 3 HOH 8  408 15  HOH HOH A . 
D 3 HOH 9  409 20  HOH HOH A . 
D 3 HOH 10 410 26  HOH HOH A . 
D 3 HOH 11 411 99  HOH HOH A . 
D 3 HOH 12 412 89  HOH HOH A . 
D 3 HOH 13 413 37  HOH HOH A . 
D 3 HOH 14 414 71  HOH HOH A . 
D 3 HOH 15 415 22  HOH HOH A . 
D 3 HOH 16 416 57  HOH HOH A . 
D 3 HOH 17 417 67  HOH HOH A . 
D 3 HOH 18 418 51  HOH HOH A . 
D 3 HOH 19 419 82  HOH HOH A . 
D 3 HOH 20 420 73  HOH HOH A . 
D 3 HOH 21 421 92  HOH HOH A . 
D 3 HOH 22 422 75  HOH HOH A . 
D 3 HOH 23 423 91  HOH HOH A . 
D 3 HOH 24 424 86  HOH HOH A . 
D 3 HOH 25 425 21  HOH HOH A . 
D 3 HOH 26 426 58  HOH HOH A . 
D 3 HOH 27 427 68  HOH HOH A . 
D 3 HOH 28 428 64  HOH HOH A . 
D 3 HOH 29 429 69  HOH HOH A . 
E 3 HOH 1  301 96  HOH HOH B . 
E 3 HOH 2  302 18  HOH HOH B . 
E 3 HOH 3  303 13  HOH HOH B . 
E 3 HOH 4  304 39  HOH HOH B . 
E 3 HOH 5  305 46  HOH HOH B . 
E 3 HOH 6  306 8   HOH HOH B . 
E 3 HOH 7  307 70  HOH HOH B . 
E 3 HOH 8  308 49  HOH HOH B . 
E 3 HOH 9  309 11  HOH HOH B . 
E 3 HOH 10 310 66  HOH HOH B . 
E 3 HOH 11 311 10  HOH HOH B . 
E 3 HOH 12 312 87  HOH HOH B . 
E 3 HOH 13 313 88  HOH HOH B . 
E 3 HOH 14 314 7   HOH HOH B . 
E 3 HOH 15 315 102 HOH HOH B . 
E 3 HOH 16 316 16  HOH HOH B . 
E 3 HOH 17 317 60  HOH HOH B . 
E 3 HOH 18 318 101 HOH HOH B . 
E 3 HOH 19 319 59  HOH HOH B . 
E 3 HOH 20 320 45  HOH HOH B . 
E 3 HOH 21 321 98  HOH HOH B . 
E 3 HOH 22 322 94  HOH HOH B . 
E 3 HOH 23 323 56  HOH HOH B . 
E 3 HOH 24 324 50  HOH HOH B . 
E 3 HOH 25 325 42  HOH HOH B . 
E 3 HOH 26 326 78  HOH HOH B . 
E 3 HOH 27 327 80  HOH HOH B . 
E 3 HOH 28 328 48  HOH HOH B . 
# 
loop_
_software.citation_id 
_software.classification 
_software.compiler_name 
_software.compiler_version 
_software.contact_author 
_software.contact_author_email 
_software.date 
_software.description 
_software.dependencies 
_software.hardware 
_software.language 
_software.location 
_software.mods 
_software.name 
_software.os 
_software.os_version 
_software.type 
_software.version 
_software.pdbx_ordinal 
? refinement       ? ? ? ? ? ? ? ? ? ? ? PHENIX   ? ? ? '(phenix.refine: 1.7.3_928)' 1 
? 'data reduction' ? ? ? ? ? ? ? ? ? ? ? HKL-2000 ? ? ? .                            2 
? 'data scaling'   ? ? ? ? ? ? ? ? ? ? ? HKL-2000 ? ? ? .                            3 
# 
_cell.angle_alpha                  90.00 
_cell.angle_alpha_esd              ? 
_cell.angle_beta                   90.00 
_cell.angle_beta_esd               ? 
_cell.angle_gamma                  90.00 
_cell.angle_gamma_esd              ? 
_cell.entry_id                     5F29 
_cell.details                      ? 
_cell.formula_units_Z              ? 
_cell.length_a                     41.489 
_cell.length_a_esd                 ? 
_cell.length_b                     47.297 
_cell.length_b_esd                 ? 
_cell.length_c                     70.174 
_cell.length_c_esd                 ? 
_cell.volume                       ? 
_cell.volume_esd                   ? 
_cell.Z_PDB                        8 
_cell.reciprocal_angle_alpha       ? 
_cell.reciprocal_angle_beta        ? 
_cell.reciprocal_angle_gamma       ? 
_cell.reciprocal_angle_alpha_esd   ? 
_cell.reciprocal_angle_beta_esd    ? 
_cell.reciprocal_angle_gamma_esd   ? 
_cell.reciprocal_length_a          ? 
_cell.reciprocal_length_b          ? 
_cell.reciprocal_length_c          ? 
_cell.reciprocal_length_a_esd      ? 
_cell.reciprocal_length_b_esd      ? 
_cell.reciprocal_length_c_esd      ? 
_cell.pdbx_unique_axis             ? 
# 
_symmetry.entry_id                         5F29 
_symmetry.cell_setting                     ? 
_symmetry.Int_Tables_number                19 
_symmetry.space_group_name_Hall            ? 
_symmetry.space_group_name_H-M             'P 21 21 21' 
_symmetry.pdbx_full_space_group_name_H-M   ? 
# 
_exptl.absorpt_coefficient_mu     ? 
_exptl.absorpt_correction_T_max   ? 
_exptl.absorpt_correction_T_min   ? 
_exptl.absorpt_correction_type    ? 
_exptl.absorpt_process_details    ? 
_exptl.entry_id                   5F29 
_exptl.crystals_number            ? 
_exptl.details                    ? 
_exptl.method                     'X-RAY DIFFRACTION' 
_exptl.method_details             ? 
# 
_exptl_crystal.colour                      ? 
_exptl_crystal.density_diffrn              ? 
_exptl_crystal.density_Matthews            1.96 
_exptl_crystal.density_method              ? 
_exptl_crystal.density_percent_sol         37.18 
_exptl_crystal.description                 ? 
_exptl_crystal.F_000                       ? 
_exptl_crystal.id                          1 
_exptl_crystal.preparation                 ? 
_exptl_crystal.size_max                    ? 
_exptl_crystal.size_mid                    ? 
_exptl_crystal.size_min                    ? 
_exptl_crystal.size_rad                    ? 
_exptl_crystal.colour_lustre               ? 
_exptl_crystal.colour_modifier             ? 
_exptl_crystal.colour_primary              ? 
_exptl_crystal.density_meas                ? 
_exptl_crystal.density_meas_esd            ? 
_exptl_crystal.density_meas_gt             ? 
_exptl_crystal.density_meas_lt             ? 
_exptl_crystal.density_meas_temp           ? 
_exptl_crystal.density_meas_temp_esd       ? 
_exptl_crystal.density_meas_temp_gt        ? 
_exptl_crystal.density_meas_temp_lt        ? 
_exptl_crystal.pdbx_crystal_image_url      ? 
_exptl_crystal.pdbx_crystal_image_format   ? 
_exptl_crystal.pdbx_mosaicity              ? 
_exptl_crystal.pdbx_mosaicity_esd          ? 
# 
_exptl_crystal_grow.apparatus       ? 
_exptl_crystal_grow.atmosphere      ? 
_exptl_crystal_grow.crystal_id      1 
_exptl_crystal_grow.details         ? 
_exptl_crystal_grow.method          'VAPOR DIFFUSION, SITTING DROP' 
_exptl_crystal_grow.method_ref      ? 
_exptl_crystal_grow.pH              7.0 
_exptl_crystal_grow.pressure        ? 
_exptl_crystal_grow.pressure_esd    ? 
_exptl_crystal_grow.seeding         ? 
_exptl_crystal_grow.seeding_ref     ? 
_exptl_crystal_grow.temp            293 
_exptl_crystal_grow.temp_details    ? 
_exptl_crystal_grow.temp_esd        ? 
_exptl_crystal_grow.time            ? 
_exptl_crystal_grow.pdbx_details    
;Tris 0.1M pH 7.0
PEG 4000 15%
;
_exptl_crystal_grow.pdbx_pH_range   ? 
# 
_diffrn.ambient_environment    ? 
_diffrn.ambient_temp           100 
_diffrn.ambient_temp_details   ? 
_diffrn.ambient_temp_esd       ? 
_diffrn.crystal_id             1 
_diffrn.crystal_support        ? 
_diffrn.crystal_treatment      ? 
_diffrn.details                ? 
_diffrn.id                     1 
_diffrn.ambient_pressure       ? 
_diffrn.ambient_pressure_esd   ? 
_diffrn.ambient_pressure_gt    ? 
_diffrn.ambient_pressure_lt    ? 
_diffrn.ambient_temp_gt        ? 
_diffrn.ambient_temp_lt        ? 
# 
_diffrn_detector.details                      ? 
_diffrn_detector.detector                     CCD 
_diffrn_detector.diffrn_id                    1 
_diffrn_detector.type                         'ADSC QUANTUM 210' 
_diffrn_detector.area_resol_mean              ? 
_diffrn_detector.dtime                        ? 
_diffrn_detector.pdbx_frames_total            ? 
_diffrn_detector.pdbx_collection_time_total   ? 
_diffrn_detector.pdbx_collection_date         2014-06-13 
# 
_diffrn_radiation.collimation                      ? 
_diffrn_radiation.diffrn_id                        1 
_diffrn_radiation.filter_edge                      ? 
_diffrn_radiation.inhomogeneity                    ? 
_diffrn_radiation.monochromator                    ? 
_diffrn_radiation.polarisn_norm                    ? 
_diffrn_radiation.polarisn_ratio                   ? 
_diffrn_radiation.probe                            ? 
_diffrn_radiation.type                             ? 
_diffrn_radiation.xray_symbol                      ? 
_diffrn_radiation.wavelength_id                    1 
_diffrn_radiation.pdbx_monochromatic_or_laue_m_l   M 
_diffrn_radiation.pdbx_wavelength_list             ? 
_diffrn_radiation.pdbx_wavelength                  ? 
_diffrn_radiation.pdbx_diffrn_protocol             'SINGLE WAVELENGTH' 
_diffrn_radiation.pdbx_analyzer                    ? 
_diffrn_radiation.pdbx_scattering_type             x-ray 
# 
_diffrn_radiation_wavelength.id           1 
_diffrn_radiation_wavelength.wavelength   1.0 
_diffrn_radiation_wavelength.wt           1.0 
# 
_diffrn_source.current                     ? 
_diffrn_source.details                     ? 
_diffrn_source.diffrn_id                   1 
_diffrn_source.power                       ? 
_diffrn_source.size                        ? 
_diffrn_source.source                      SYNCHROTRON 
_diffrn_source.target                      ? 
_diffrn_source.type                        'SPRING-8 BEAMLINE BL12B2' 
_diffrn_source.voltage                     ? 
_diffrn_source.take-off_angle              ? 
_diffrn_source.pdbx_wavelength_list        1.0 
_diffrn_source.pdbx_wavelength             ? 
_diffrn_source.pdbx_synchrotron_beamline   BL12B2 
_diffrn_source.pdbx_synchrotron_site       SPring-8 
# 
_reflns.B_iso_Wilson_estimate            ? 
_reflns.entry_id                         5F29 
_reflns.data_reduction_details           ? 
_reflns.data_reduction_method            ? 
_reflns.d_resolution_high                1.81 
_reflns.d_resolution_low                 23.5 
_reflns.details                          ? 
_reflns.limit_h_max                      ? 
_reflns.limit_h_min                      ? 
_reflns.limit_k_max                      ? 
_reflns.limit_k_min                      ? 
_reflns.limit_l_max                      ? 
_reflns.limit_l_min                      ? 
_reflns.number_all                       ? 
_reflns.number_obs                       12747 
_reflns.observed_criterion               ? 
_reflns.observed_criterion_F_max         ? 
_reflns.observed_criterion_F_min         ? 
_reflns.observed_criterion_I_max         ? 
_reflns.observed_criterion_I_min         ? 
_reflns.observed_criterion_sigma_F       ? 
_reflns.observed_criterion_sigma_I       ? 
_reflns.percent_possible_obs             98.9 
_reflns.R_free_details                   ? 
_reflns.Rmerge_F_all                     ? 
_reflns.Rmerge_F_obs                     ? 
_reflns.Friedel_coverage                 ? 
_reflns.number_gt                        ? 
_reflns.threshold_expression             ? 
_reflns.pdbx_redundancy                  6.3 
_reflns.pdbx_Rmerge_I_obs                ? 
_reflns.pdbx_Rmerge_I_all                ? 
_reflns.pdbx_Rsym_value                  ? 
_reflns.pdbx_netI_over_av_sigmaI         ? 
_reflns.pdbx_netI_over_sigmaI            22 
_reflns.pdbx_res_netI_over_av_sigmaI_2   ? 
_reflns.pdbx_res_netI_over_sigmaI_2      ? 
_reflns.pdbx_chi_squared                 ? 
_reflns.pdbx_scaling_rejects             ? 
_reflns.pdbx_d_res_high_opt              ? 
_reflns.pdbx_d_res_low_opt               ? 
_reflns.pdbx_d_res_opt_method            ? 
_reflns.phase_calculation_details        ? 
_reflns.pdbx_Rrim_I_all                  ? 
_reflns.pdbx_Rpim_I_all                  ? 
_reflns.pdbx_d_opt                       ? 
_reflns.pdbx_number_measured_all         ? 
_reflns.pdbx_diffrn_id                   1 
_reflns.pdbx_ordinal                     1 
_reflns.pdbx_CC_half                     ? 
_reflns.pdbx_R_split                     ? 
# 
_refine.aniso_B[1][1]                            2.6000 
_refine.aniso_B[1][2]                            -0.0000 
_refine.aniso_B[1][3]                            -0.0000 
_refine.aniso_B[2][2]                            -0.8313 
_refine.aniso_B[2][3]                            -0.0000 
_refine.aniso_B[3][3]                            -1.7687 
_refine.B_iso_max                                ? 
_refine.B_iso_mean                               ? 
_refine.B_iso_min                                ? 
_refine.correlation_coeff_Fo_to_Fc               ? 
_refine.correlation_coeff_Fo_to_Fc_free          ? 
_refine.details                                  ? 
_refine.diff_density_max                         ? 
_refine.diff_density_max_esd                     ? 
_refine.diff_density_min                         ? 
_refine.diff_density_min_esd                     ? 
_refine.diff_density_rms                         ? 
_refine.diff_density_rms_esd                     ? 
_refine.entry_id                                 5F29 
_refine.pdbx_refine_id                           'X-RAY DIFFRACTION' 
_refine.ls_abs_structure_details                 ? 
_refine.ls_abs_structure_Flack                   ? 
_refine.ls_abs_structure_Flack_esd               ? 
_refine.ls_abs_structure_Rogers                  ? 
_refine.ls_abs_structure_Rogers_esd              ? 
_refine.ls_d_res_high                            1.821 
_refine.ls_d_res_low                             20.744 
_refine.ls_extinction_coef                       ? 
_refine.ls_extinction_coef_esd                   ? 
_refine.ls_extinction_expression                 ? 
_refine.ls_extinction_method                     ? 
_refine.ls_goodness_of_fit_all                   ? 
_refine.ls_goodness_of_fit_all_esd               ? 
_refine.ls_goodness_of_fit_obs                   ? 
_refine.ls_goodness_of_fit_obs_esd               ? 
_refine.ls_hydrogen_treatment                    ? 
_refine.ls_matrix_type                           ? 
_refine.ls_number_constraints                    ? 
_refine.ls_number_parameters                     ? 
_refine.ls_number_reflns_all                     ? 
_refine.ls_number_reflns_obs                     12417 
_refine.ls_number_reflns_R_free                  1238 
_refine.ls_number_reflns_R_work                  ? 
_refine.ls_number_restraints                     ? 
_refine.ls_percent_reflns_obs                    96.39 
_refine.ls_percent_reflns_R_free                 9.97 
_refine.ls_R_factor_all                          ? 
_refine.ls_R_factor_obs                          0.2174 
_refine.ls_R_factor_R_free                       0.2553 
_refine.ls_R_factor_R_free_error                 ? 
_refine.ls_R_factor_R_free_error_details         ? 
_refine.ls_R_factor_R_work                       0.2011 
_refine.ls_R_Fsqd_factor_obs                     ? 
_refine.ls_R_I_factor_obs                        ? 
_refine.ls_redundancy_reflns_all                 ? 
_refine.ls_redundancy_reflns_obs                 ? 
_refine.ls_restrained_S_all                      ? 
_refine.ls_restrained_S_obs                      ? 
_refine.ls_shift_over_esd_max                    ? 
_refine.ls_shift_over_esd_mean                   ? 
_refine.ls_structure_factor_coef                 ? 
_refine.ls_weighting_details                     ? 
_refine.ls_weighting_scheme                      ? 
_refine.ls_wR_factor_all                         ? 
_refine.ls_wR_factor_obs                         ? 
_refine.ls_wR_factor_R_free                      ? 
_refine.ls_wR_factor_R_work                      ? 
_refine.occupancy_max                            ? 
_refine.occupancy_min                            ? 
_refine.solvent_model_details                    'FLAT BULK SOLVENT MODEL' 
_refine.solvent_model_param_bsol                 61.628 
_refine.solvent_model_param_ksol                 0.373 
_refine.ls_R_factor_gt                           ? 
_refine.ls_goodness_of_fit_gt                    ? 
_refine.ls_goodness_of_fit_ref                   ? 
_refine.ls_shift_over_su_max                     ? 
_refine.ls_shift_over_su_max_lt                  ? 
_refine.ls_shift_over_su_mean                    ? 
_refine.ls_shift_over_su_mean_lt                 ? 
_refine.pdbx_ls_sigma_I                          ? 
_refine.pdbx_ls_sigma_F                          0.00 
_refine.pdbx_ls_sigma_Fsqd                       ? 
_refine.pdbx_data_cutoff_high_absF               ? 
_refine.pdbx_data_cutoff_high_rms_absF           ? 
_refine.pdbx_data_cutoff_low_absF                ? 
_refine.pdbx_isotropic_thermal_model             ? 
_refine.pdbx_ls_cross_valid_method               NONE 
_refine.pdbx_method_to_determine_struct          ? 
_refine.pdbx_starting_model                      ? 
_refine.pdbx_stereochemistry_target_values       ML 
_refine.pdbx_R_Free_selection_details            ? 
_refine.pdbx_stereochem_target_val_spec_case     ? 
_refine.pdbx_overall_ESU_R                       ? 
_refine.pdbx_overall_ESU_R_Free                  ? 
_refine.pdbx_solvent_vdw_probe_radii             1.00 
_refine.pdbx_solvent_ion_probe_radii             ? 
_refine.pdbx_solvent_shrinkage_radii             0.73 
_refine.pdbx_real_space_R                        ? 
_refine.pdbx_density_correlation                 ? 
_refine.pdbx_pd_number_of_powder_patterns        ? 
_refine.pdbx_pd_number_of_points                 ? 
_refine.pdbx_pd_meas_number_of_points            ? 
_refine.pdbx_pd_proc_ls_prof_R_factor            ? 
_refine.pdbx_pd_proc_ls_prof_wR_factor           ? 
_refine.pdbx_pd_Marquardt_correlation_coeff      ? 
_refine.pdbx_pd_Fsqrd_R_factor                   ? 
_refine.pdbx_pd_ls_matrix_band_width             ? 
_refine.pdbx_overall_phase_error                 28.03 
_refine.pdbx_overall_SU_R_free_Cruickshank_DPI   ? 
_refine.pdbx_overall_SU_R_free_Blow_DPI          ? 
_refine.pdbx_overall_SU_R_Blow_DPI               ? 
_refine.pdbx_TLS_residual_ADP_flag               ? 
_refine.pdbx_diffrn_id                           1 
_refine.overall_SU_B                             ? 
_refine.overall_SU_ML                            0.23 
_refine.overall_SU_R_Cruickshank_DPI             ? 
_refine.overall_SU_R_free                        ? 
_refine.overall_FOM_free_R_set                   ? 
_refine.overall_FOM_work_R_set                   ? 
_refine.pdbx_average_fsc_overall                 ? 
_refine.pdbx_average_fsc_work                    ? 
_refine.pdbx_average_fsc_free                    ? 
# 
_refine_hist.pdbx_refine_id                   'X-RAY DIFFRACTION' 
_refine_hist.cycle_id                         LAST 
_refine_hist.pdbx_number_atoms_protein        1179 
_refine_hist.pdbx_number_atoms_nucleic_acid   0 
_refine_hist.pdbx_number_atoms_ligand         44 
_refine_hist.number_atoms_solvent             66 
_refine_hist.number_atoms_total               1289 
_refine_hist.d_res_high                       1.821 
_refine_hist.d_res_low                        20.744 
# 
loop_
_refine_ls_restr.pdbx_refine_id 
_refine_ls_restr.criterion 
_refine_ls_restr.dev_ideal 
_refine_ls_restr.dev_ideal_target 
_refine_ls_restr.number 
_refine_ls_restr.rejects 
_refine_ls_restr.type 
_refine_ls_restr.weight 
_refine_ls_restr.pdbx_restraint_function 
'X-RAY DIFFRACTION' ? 0.008  ? 1249 ? f_bond_d           ? ? 
'X-RAY DIFFRACTION' ? 1.202  ? 1693 ? f_angle_d          ? ? 
'X-RAY DIFFRACTION' ? 17.435 ? 470  ? f_dihedral_angle_d ? ? 
'X-RAY DIFFRACTION' ? 0.090  ? 182  ? f_chiral_restr     ? ? 
'X-RAY DIFFRACTION' ? 0.005  ? 214  ? f_plane_restr      ? ? 
# 
loop_
_refine_ls_shell.pdbx_refine_id 
_refine_ls_shell.d_res_high 
_refine_ls_shell.d_res_low 
_refine_ls_shell.number_reflns_all 
_refine_ls_shell.number_reflns_obs 
_refine_ls_shell.number_reflns_R_free 
_refine_ls_shell.number_reflns_R_work 
_refine_ls_shell.percent_reflns_obs 
_refine_ls_shell.percent_reflns_R_free 
_refine_ls_shell.R_factor_all 
_refine_ls_shell.R_factor_obs 
_refine_ls_shell.R_factor_R_free 
_refine_ls_shell.R_factor_R_free_error 
_refine_ls_shell.R_factor_R_work 
_refine_ls_shell.redundancy_reflns_all 
_refine_ls_shell.redundancy_reflns_obs 
_refine_ls_shell.wR_factor_all 
_refine_ls_shell.wR_factor_obs 
_refine_ls_shell.wR_factor_R_free 
_refine_ls_shell.wR_factor_R_work 
_refine_ls_shell.pdbx_total_number_of_bins_used 
_refine_ls_shell.pdbx_phase_error 
_refine_ls_shell.pdbx_fsc_work 
_refine_ls_shell.pdbx_fsc_free 
'X-RAY DIFFRACTION' 1.8206 1.8934 . . 123 1085 86.00  . . . 0.3019 . 0.2932 . . . . . . . . . . 
'X-RAY DIFFRACTION' 1.8934 1.9795 . . 128 1182 93.00  . . . 0.3018 . 0.2642 . . . . . . . . . . 
'X-RAY DIFFRACTION' 1.9795 2.0838 . . 132 1215 96.00  . . . 0.2998 . 0.2550 . . . . . . . . . . 
'X-RAY DIFFRACTION' 2.0838 2.2142 . . 135 1238 98.00  . . . 0.2625 . 0.2423 . . . . . . . . . . 
'X-RAY DIFFRACTION' 2.2142 2.3849 . . 139 1238 98.00  . . . 0.2559 . 0.2234 . . . . . . . . . . 
'X-RAY DIFFRACTION' 2.3849 2.6245 . . 141 1284 99.00  . . . 0.2706 . 0.2479 . . . . . . . . . . 
'X-RAY DIFFRACTION' 2.6245 3.0033 . . 143 1282 100.00 . . . 0.2803 . 0.2292 . . . . . . . . . . 
'X-RAY DIFFRACTION' 3.0033 3.7801 . . 145 1301 100.00 . . . 0.2677 . 0.1946 . . . . . . . . . . 
'X-RAY DIFFRACTION' 3.7801 3.901  . . 152 1354 98.00  . . . 0.2112 . 0.1863 . . . . . . . . . . 
# 
_struct.entry_id                     5F29 
_struct.title                        'Structure of RCK domain with cda' 
_struct.pdbx_model_details           ? 
_struct.pdbx_formula_weight          ? 
_struct.pdbx_formula_weight_method   ? 
_struct.pdbx_model_type_details      ? 
_struct.pdbx_CASP_flag               ? 
# 
_struct_keywords.entry_id        5F29 
_struct_keywords.text            'RCK domain, cda, CpaA, TRANSPORT PROTEIN' 
_struct_keywords.pdbx_keywords   'TRANSPORT PROTEIN' 
# 
loop_
_struct_asym.id 
_struct_asym.pdbx_blank_PDB_chainid_flag 
_struct_asym.pdbx_modified 
_struct_asym.entity_id 
_struct_asym.details 
A N N 1 ? 
B N N 1 ? 
C N N 2 ? 
D N N 3 ? 
E N N 3 ? 
# 
_struct_ref.id                         1 
_struct_ref.db_name                    UNP 
_struct_ref.db_code                    A0A077VS08_STAAU 
_struct_ref.pdbx_db_accession          A0A077VS08 
_struct_ref.pdbx_db_isoform            ? 
_struct_ref.entity_id                  1 
_struct_ref.pdbx_seq_one_letter_code   TSLYEIQMLNYKYENIQLRNFPFGGDIIFVRIIRNNESIVPHGDTQLRYGDRLIVTGAKEYVDELKQELEFYF 
_struct_ref.pdbx_align_begin           542 
# 
loop_
_struct_ref_seq.align_id 
_struct_ref_seq.ref_id 
_struct_ref_seq.pdbx_PDB_id_code 
_struct_ref_seq.pdbx_strand_id 
_struct_ref_seq.seq_align_beg 
_struct_ref_seq.pdbx_seq_align_beg_ins_code 
_struct_ref_seq.seq_align_end 
_struct_ref_seq.pdbx_seq_align_end_ins_code 
_struct_ref_seq.pdbx_db_accession 
_struct_ref_seq.db_align_beg 
_struct_ref_seq.pdbx_db_align_beg_ins_code 
_struct_ref_seq.db_align_end 
_struct_ref_seq.pdbx_db_align_end_ins_code 
_struct_ref_seq.pdbx_auth_seq_align_beg 
_struct_ref_seq.pdbx_auth_seq_align_end 
1 1 5F29 A 1 ? 73 ? A0A077VS08 542 ? 614 ? 143 215 
2 1 5F29 B 1 ? 73 ? A0A077VS08 542 ? 614 ? 143 215 
# 
_pdbx_struct_assembly.id                   1 
_pdbx_struct_assembly.details              author_and_software_defined_assembly 
_pdbx_struct_assembly.method_details       PISA 
_pdbx_struct_assembly.oligomeric_details   dimeric 
_pdbx_struct_assembly.oligomeric_count     2 
# 
loop_
_pdbx_struct_assembly_prop.biol_id 
_pdbx_struct_assembly_prop.type 
_pdbx_struct_assembly_prop.value 
_pdbx_struct_assembly_prop.details 
1 'ABSA (A^2)' 1480 ? 
1 MORE         -7   ? 
1 'SSA (A^2)'  7690 ? 
# 
_pdbx_struct_assembly_gen.assembly_id       1 
_pdbx_struct_assembly_gen.oper_expression   1 
_pdbx_struct_assembly_gen.asym_id_list      A,B,C,D,E 
# 
_pdbx_struct_oper_list.id                   1 
_pdbx_struct_oper_list.type                 'identity operation' 
_pdbx_struct_oper_list.name                 1_555 
_pdbx_struct_oper_list.symmetry_operation   x,y,z 
_pdbx_struct_oper_list.matrix[1][1]         1.0000000000 
_pdbx_struct_oper_list.matrix[1][2]         0.0000000000 
_pdbx_struct_oper_list.matrix[1][3]         0.0000000000 
_pdbx_struct_oper_list.vector[1]            0.0000000000 
_pdbx_struct_oper_list.matrix[2][1]         0.0000000000 
_pdbx_struct_oper_list.matrix[2][2]         1.0000000000 
_pdbx_struct_oper_list.matrix[2][3]         0.0000000000 
_pdbx_struct_oper_list.vector[2]            0.0000000000 
_pdbx_struct_oper_list.matrix[3][1]         0.0000000000 
_pdbx_struct_oper_list.matrix[3][2]         0.0000000000 
_pdbx_struct_oper_list.matrix[3][3]         1.0000000000 
_pdbx_struct_oper_list.vector[3]            0.0000000000 
# 
loop_
_struct_conf.conf_type_id 
_struct_conf.id 
_struct_conf.pdbx_PDB_helix_id 
_struct_conf.beg_label_comp_id 
_struct_conf.beg_label_asym_id 
_struct_conf.beg_label_seq_id 
_struct_conf.pdbx_beg_PDB_ins_code 
_struct_conf.end_label_comp_id 
_struct_conf.end_label_asym_id 
_struct_conf.end_label_seq_id 
_struct_conf.pdbx_end_PDB_ins_code 
_struct_conf.beg_auth_comp_id 
_struct_conf.beg_auth_asym_id 
_struct_conf.beg_auth_seq_id 
_struct_conf.end_auth_comp_id 
_struct_conf.end_auth_asym_id 
_struct_conf.end_auth_seq_id 
_struct_conf.pdbx_PDB_helix_class 
_struct_conf.details 
_struct_conf.pdbx_PDB_helix_length 
HELX_P HELX_P1 AA1 ASN A 10 ? GLU A 14 ? ASN A 152 GLU A 156 5 ? 5  
HELX_P HELX_P2 AA2 GLN A 17 ? PHE A 21 ? GLN A 159 PHE A 163 5 ? 5  
HELX_P HELX_P3 AA3 ALA A 58 ? GLU A 70 ? ALA A 200 GLU A 212 1 ? 13 
HELX_P HELX_P4 AA4 ASN B 10 ? GLU B 14 ? ASN B 152 GLU B 156 5 ? 5  
HELX_P HELX_P5 AA5 GLN B 17 ? PHE B 21 ? GLN B 159 PHE B 163 5 ? 5  
HELX_P HELX_P6 AA6 ALA B 58 ? PHE B 71 ? ALA B 200 PHE B 213 1 ? 14 
# 
_struct_conf_type.id          HELX_P 
_struct_conf_type.criteria    ? 
_struct_conf_type.reference   ? 
# 
loop_
_struct_conn.id 
_struct_conn.conn_type_id 
_struct_conn.pdbx_leaving_atom_flag 
_struct_conn.pdbx_PDB_id 
_struct_conn.ptnr1_label_asym_id 
_struct_conn.ptnr1_label_comp_id 
_struct_conn.ptnr1_label_seq_id 
_struct_conn.ptnr1_label_atom_id 
_struct_conn.pdbx_ptnr1_label_alt_id 
_struct_conn.pdbx_ptnr1_PDB_ins_code 
_struct_conn.pdbx_ptnr1_standard_comp_id 
_struct_conn.ptnr1_symmetry 
_struct_conn.ptnr2_label_asym_id 
_struct_conn.ptnr2_label_comp_id 
_struct_conn.ptnr2_label_seq_id 
_struct_conn.ptnr2_label_atom_id 
_struct_conn.pdbx_ptnr2_label_alt_id 
_struct_conn.pdbx_ptnr2_PDB_ins_code 
_struct_conn.ptnr1_auth_asym_id 
_struct_conn.ptnr1_auth_comp_id 
_struct_conn.ptnr1_auth_seq_id 
_struct_conn.ptnr2_auth_asym_id 
_struct_conn.ptnr2_auth_comp_id 
_struct_conn.ptnr2_auth_seq_id 
_struct_conn.ptnr2_symmetry 
_struct_conn.pdbx_ptnr3_label_atom_id 
_struct_conn.pdbx_ptnr3_label_seq_id 
_struct_conn.pdbx_ptnr3_label_comp_id 
_struct_conn.pdbx_ptnr3_label_asym_id 
_struct_conn.pdbx_ptnr3_label_alt_id 
_struct_conn.pdbx_ptnr3_PDB_ins_code 
_struct_conn.details 
_struct_conn.pdbx_dist_value 
_struct_conn.pdbx_value_order 
_struct_conn.pdbx_role 
covale1 covale both ? A GLN 7 C ? ? ? 1_555 A MSE 8 N ? ? A GLN 149 A MSE 150 1_555 ? ? ? ? ? ? ? 1.329 ? ? 
covale2 covale both ? A MSE 8 C ? ? ? 1_555 A LEU 9 N ? ? A MSE 150 A LEU 151 1_555 ? ? ? ? ? ? ? 1.330 ? ? 
covale3 covale both ? B GLN 7 C ? ? ? 1_555 B MSE 8 N ? ? B GLN 149 B MSE 150 1_555 ? ? ? ? ? ? ? 1.330 ? ? 
covale4 covale both ? B MSE 8 C ? ? ? 1_555 B LEU 9 N ? ? B MSE 150 B LEU 151 1_555 ? ? ? ? ? ? ? 1.323 ? ? 
# 
_struct_conn_type.id          covale 
_struct_conn_type.criteria    ? 
_struct_conn_type.reference   ? 
# 
loop_
_pdbx_modification_feature.ordinal 
_pdbx_modification_feature.label_comp_id 
_pdbx_modification_feature.label_asym_id 
_pdbx_modification_feature.label_seq_id 
_pdbx_modification_feature.label_alt_id 
_pdbx_modification_feature.modified_residue_label_comp_id 
_pdbx_modification_feature.modified_residue_label_asym_id 
_pdbx_modification_feature.modified_residue_label_seq_id 
_pdbx_modification_feature.modified_residue_label_alt_id 
_pdbx_modification_feature.auth_comp_id 
_pdbx_modification_feature.auth_asym_id 
_pdbx_modification_feature.auth_seq_id 
_pdbx_modification_feature.PDB_ins_code 
_pdbx_modification_feature.symmetry 
_pdbx_modification_feature.modified_residue_auth_comp_id 
_pdbx_modification_feature.modified_residue_auth_asym_id 
_pdbx_modification_feature.modified_residue_auth_seq_id 
_pdbx_modification_feature.modified_residue_PDB_ins_code 
_pdbx_modification_feature.modified_residue_symmetry 
_pdbx_modification_feature.comp_id_linking_atom 
_pdbx_modification_feature.modified_residue_id_linking_atom 
_pdbx_modification_feature.modified_residue_id 
_pdbx_modification_feature.ref_pcm_id 
_pdbx_modification_feature.ref_comp_id 
_pdbx_modification_feature.type 
_pdbx_modification_feature.category 
1 MSE A 8 ? . . . . MSE A 150 ? 1_555 . . . . . . . MET 1 MSE Selenomethionine 'Named protein modification' 
2 MSE B 8 ? . . . . MSE B 150 ? 1_555 . . . . . . . MET 1 MSE Selenomethionine 'Named protein modification' 
# 
loop_
_struct_sheet.id 
_struct_sheet.type 
_struct_sheet.number_strands 
_struct_sheet.details 
AA1 ? 4 ? 
AA2 ? 4 ? 
# 
loop_
_struct_sheet_order.sheet_id 
_struct_sheet_order.range_id_1 
_struct_sheet_order.range_id_2 
_struct_sheet_order.offset 
_struct_sheet_order.sense 
AA1 1 2 ? anti-parallel 
AA1 2 3 ? anti-parallel 
AA1 3 4 ? anti-parallel 
AA2 1 2 ? anti-parallel 
AA2 2 3 ? anti-parallel 
AA2 3 4 ? anti-parallel 
# 
loop_
_struct_sheet_range.sheet_id 
_struct_sheet_range.id 
_struct_sheet_range.beg_label_comp_id 
_struct_sheet_range.beg_label_asym_id 
_struct_sheet_range.beg_label_seq_id 
_struct_sheet_range.pdbx_beg_PDB_ins_code 
_struct_sheet_range.end_label_comp_id 
_struct_sheet_range.end_label_asym_id 
_struct_sheet_range.end_label_seq_id 
_struct_sheet_range.pdbx_end_PDB_ins_code 
_struct_sheet_range.beg_auth_comp_id 
_struct_sheet_range.beg_auth_asym_id 
_struct_sheet_range.beg_auth_seq_id 
_struct_sheet_range.end_auth_comp_id 
_struct_sheet_range.end_auth_asym_id 
_struct_sheet_range.end_auth_seq_id 
AA1 1 TYR A 4  ? GLN A 7  ? TYR A 146 GLN A 149 
AA1 2 ARG A 52 ? GLY A 57 ? ARG A 194 GLY A 199 
AA1 3 ILE A 27 ? ARG A 34 ? ILE A 169 ARG A 176 
AA1 4 GLU A 37 ? ILE A 39 ? GLU A 179 ILE A 181 
AA2 1 TYR B 4  ? GLN B 7  ? TYR B 146 GLN B 149 
AA2 2 ARG B 52 ? GLY B 57 ? ARG B 194 GLY B 199 
AA2 3 ILE B 27 ? ARG B 34 ? ILE B 169 ARG B 176 
AA2 4 GLU B 37 ? ILE B 39 ? GLU B 179 ILE B 181 
# 
loop_
_pdbx_struct_sheet_hbond.sheet_id 
_pdbx_struct_sheet_hbond.range_id_1 
_pdbx_struct_sheet_hbond.range_id_2 
_pdbx_struct_sheet_hbond.range_1_label_atom_id 
_pdbx_struct_sheet_hbond.range_1_label_comp_id 
_pdbx_struct_sheet_hbond.range_1_label_asym_id 
_pdbx_struct_sheet_hbond.range_1_label_seq_id 
_pdbx_struct_sheet_hbond.range_1_PDB_ins_code 
_pdbx_struct_sheet_hbond.range_1_auth_atom_id 
_pdbx_struct_sheet_hbond.range_1_auth_comp_id 
_pdbx_struct_sheet_hbond.range_1_auth_asym_id 
_pdbx_struct_sheet_hbond.range_1_auth_seq_id 
_pdbx_struct_sheet_hbond.range_2_label_atom_id 
_pdbx_struct_sheet_hbond.range_2_label_comp_id 
_pdbx_struct_sheet_hbond.range_2_label_asym_id 
_pdbx_struct_sheet_hbond.range_2_label_seq_id 
_pdbx_struct_sheet_hbond.range_2_PDB_ins_code 
_pdbx_struct_sheet_hbond.range_2_auth_atom_id 
_pdbx_struct_sheet_hbond.range_2_auth_comp_id 
_pdbx_struct_sheet_hbond.range_2_auth_asym_id 
_pdbx_struct_sheet_hbond.range_2_auth_seq_id 
AA1 1 2 N ILE A 6  ? N ILE A 148 O LEU A 53 ? O LEU A 195 
AA1 2 3 O ARG A 52 ? O ARG A 194 N ILE A 33 ? N ILE A 175 
AA1 3 4 N ILE A 32 ? N ILE A 174 O ILE A 39 ? O ILE A 181 
AA2 1 2 N ILE B 6  ? N ILE B 148 O LEU B 53 ? O LEU B 195 
AA2 2 3 O ILE B 54 ? O ILE B 196 N ARG B 31 ? N ARG B 173 
AA2 3 4 N ILE B 32 ? N ILE B 174 O ILE B 39 ? O ILE B 181 
# 
_struct_site.id                   AC1 
_struct_site.pdbx_evidence_code   Software 
_struct_site.pdbx_auth_asym_id    A 
_struct_site.pdbx_auth_comp_id    2BA 
_struct_site.pdbx_auth_seq_id     301 
_struct_site.pdbx_auth_ins_code   ? 
_struct_site.pdbx_num_residues    18 
_struct_site.details              'binding site for residue 2BA A 301' 
# 
loop_
_struct_site_gen.id 
_struct_site_gen.site_id 
_struct_site_gen.pdbx_num_res 
_struct_site_gen.label_comp_id 
_struct_site_gen.label_asym_id 
_struct_site_gen.label_seq_id 
_struct_site_gen.pdbx_auth_ins_code 
_struct_site_gen.auth_comp_id 
_struct_site_gen.auth_asym_id 
_struct_site_gen.auth_seq_id 
_struct_site_gen.label_atom_id 
_struct_site_gen.label_alt_id 
_struct_site_gen.symmetry 
_struct_site_gen.details 
1  AC1 18 LEU A 18 ? LEU A 160 . ? 1_555 ? 
2  AC1 18 ARG A 19 ? ARG A 161 . ? 1_555 ? 
3  AC1 18 PHE A 23 ? PHE A 165 . ? 1_555 ? 
4  AC1 18 ILE A 28 ? ILE A 170 . ? 1_555 ? 
5  AC1 18 PHE A 29 ? PHE A 171 . ? 1_555 ? 
6  AC1 18 PRO A 41 ? PRO A 183 . ? 1_555 ? 
7  AC1 18 HIS A 42 ? HIS A 184 . ? 1_555 ? 
8  AC1 18 GLY A 43 ? GLY A 185 . ? 1_555 ? 
9  AC1 18 HOH D .  ? HOH A 409 . ? 1_555 ? 
10 AC1 18 LEU B 18 ? LEU B 160 . ? 1_555 ? 
11 AC1 18 ARG B 19 ? ARG B 161 . ? 1_555 ? 
12 AC1 18 PHE B 23 ? PHE B 165 . ? 1_555 ? 
13 AC1 18 ILE B 28 ? ILE B 170 . ? 1_555 ? 
14 AC1 18 PHE B 29 ? PHE B 171 . ? 1_555 ? 
15 AC1 18 PRO B 41 ? PRO B 183 . ? 1_555 ? 
16 AC1 18 HIS B 42 ? HIS B 184 . ? 1_555 ? 
17 AC1 18 GLY B 43 ? GLY B 185 . ? 1_555 ? 
18 AC1 18 HOH E .  ? HOH B 305 . ? 1_555 ? 
# 
_pdbx_entry_details.entry_id                   5F29 
_pdbx_entry_details.compound_details           ? 
_pdbx_entry_details.source_details             ? 
_pdbx_entry_details.nonpolymer_details         ? 
_pdbx_entry_details.sequence_details           ? 
_pdbx_entry_details.has_ligand_of_interest     ? 
_pdbx_entry_details.has_protein_modification   Y 
# 
_pdbx_validate_symm_contact.id                1 
_pdbx_validate_symm_contact.PDB_model_num     1 
_pdbx_validate_symm_contact.auth_atom_id_1    O 
_pdbx_validate_symm_contact.auth_asym_id_1    A 
_pdbx_validate_symm_contact.auth_comp_id_1    HOH 
_pdbx_validate_symm_contact.auth_seq_id_1     403 
_pdbx_validate_symm_contact.PDB_ins_code_1    ? 
_pdbx_validate_symm_contact.label_alt_id_1    ? 
_pdbx_validate_symm_contact.site_symmetry_1   1_555 
_pdbx_validate_symm_contact.auth_atom_id_2    O 
_pdbx_validate_symm_contact.auth_asym_id_2    A 
_pdbx_validate_symm_contact.auth_comp_id_2    HOH 
_pdbx_validate_symm_contact.auth_seq_id_2     414 
_pdbx_validate_symm_contact.PDB_ins_code_2    ? 
_pdbx_validate_symm_contact.label_alt_id_2    ? 
_pdbx_validate_symm_contact.site_symmetry_2   3_544 
_pdbx_validate_symm_contact.dist              2.13 
# 
_pdbx_validate_rmsd_angle.id                         1 
_pdbx_validate_rmsd_angle.PDB_model_num              1 
_pdbx_validate_rmsd_angle.auth_atom_id_1             CA 
_pdbx_validate_rmsd_angle.auth_asym_id_1             A 
_pdbx_validate_rmsd_angle.auth_comp_id_1             GLU 
_pdbx_validate_rmsd_angle.auth_seq_id_1              212 
_pdbx_validate_rmsd_angle.PDB_ins_code_1             ? 
_pdbx_validate_rmsd_angle.label_alt_id_1             ? 
_pdbx_validate_rmsd_angle.auth_atom_id_2             C 
_pdbx_validate_rmsd_angle.auth_asym_id_2             A 
_pdbx_validate_rmsd_angle.auth_comp_id_2             GLU 
_pdbx_validate_rmsd_angle.auth_seq_id_2              212 
_pdbx_validate_rmsd_angle.PDB_ins_code_2             ? 
_pdbx_validate_rmsd_angle.label_alt_id_2             ? 
_pdbx_validate_rmsd_angle.auth_atom_id_3             O 
_pdbx_validate_rmsd_angle.auth_asym_id_3             A 
_pdbx_validate_rmsd_angle.auth_comp_id_3             GLU 
_pdbx_validate_rmsd_angle.auth_seq_id_3              212 
_pdbx_validate_rmsd_angle.PDB_ins_code_3             ? 
_pdbx_validate_rmsd_angle.label_alt_id_3             ? 
_pdbx_validate_rmsd_angle.angle_value                107.21 
_pdbx_validate_rmsd_angle.angle_target_value         120.10 
_pdbx_validate_rmsd_angle.angle_deviation            -12.89 
_pdbx_validate_rmsd_angle.angle_standard_deviation   2.10 
_pdbx_validate_rmsd_angle.linker_flag                N 
# 
_pdbx_validate_torsion.id              1 
_pdbx_validate_torsion.PDB_model_num   1 
_pdbx_validate_torsion.auth_comp_id    ASN 
_pdbx_validate_torsion.auth_asym_id    B 
_pdbx_validate_torsion.auth_seq_id     157 
_pdbx_validate_torsion.PDB_ins_code    ? 
_pdbx_validate_torsion.label_alt_id    ? 
_pdbx_validate_torsion.phi             68.95 
_pdbx_validate_torsion.psi             -8.23 
# 
loop_
_pdbx_struct_mod_residue.id 
_pdbx_struct_mod_residue.label_asym_id 
_pdbx_struct_mod_residue.label_comp_id 
_pdbx_struct_mod_residue.label_seq_id 
_pdbx_struct_mod_residue.auth_asym_id 
_pdbx_struct_mod_residue.auth_comp_id 
_pdbx_struct_mod_residue.auth_seq_id 
_pdbx_struct_mod_residue.PDB_ins_code 
_pdbx_struct_mod_residue.parent_comp_id 
_pdbx_struct_mod_residue.details 
1 A MSE 8 A MSE 150 ? MET 'modified residue' 
2 B MSE 8 B MSE 150 ? MET 'modified residue' 
# 
loop_
_pdbx_unobs_or_zero_occ_residues.id 
_pdbx_unobs_or_zero_occ_residues.PDB_model_num 
_pdbx_unobs_or_zero_occ_residues.polymer_flag 
_pdbx_unobs_or_zero_occ_residues.occupancy_flag 
_pdbx_unobs_or_zero_occ_residues.auth_asym_id 
_pdbx_unobs_or_zero_occ_residues.auth_comp_id 
_pdbx_unobs_or_zero_occ_residues.auth_seq_id 
_pdbx_unobs_or_zero_occ_residues.PDB_ins_code 
_pdbx_unobs_or_zero_occ_residues.label_asym_id 
_pdbx_unobs_or_zero_occ_residues.label_comp_id 
_pdbx_unobs_or_zero_occ_residues.label_seq_id 
1 1 Y 1 A PHE 213 ? A PHE 71 
2 1 Y 1 A TYR 214 ? A TYR 72 
3 1 Y 1 A PHE 215 ? A PHE 73 
4 1 Y 1 B TYR 214 ? B TYR 72 
5 1 Y 1 B PHE 215 ? B PHE 73 
# 
loop_
_chem_comp_atom.comp_id 
_chem_comp_atom.atom_id 
_chem_comp_atom.type_symbol 
_chem_comp_atom.pdbx_aromatic_flag 
_chem_comp_atom.pdbx_stereo_config 
_chem_comp_atom.pdbx_ordinal 
2BA P      P  N R 1   
2BA O1P    O  N N 2   
2BA O2P    O  N N 3   
2BA "O5'"  O  N N 4   
2BA "C5'"  C  N N 5   
2BA "C4'"  C  N R 6   
2BA "O4'"  O  N N 7   
2BA "C3'"  C  N S 8   
2BA "O3'"  O  N N 9   
2BA "C2'"  C  N R 10  
2BA "O2'"  O  N N 11  
2BA "C1'"  C  N R 12  
2BA N9     N  Y N 13  
2BA C8     C  Y N 14  
2BA N7     N  Y N 15  
2BA C5     C  Y N 16  
2BA C6     C  Y N 17  
2BA N6     N  N N 18  
2BA N1     N  Y N 19  
2BA C2     C  Y N 20  
2BA N3     N  Y N 21  
2BA C4     C  Y N 22  
2BA P1     P  N R 23  
2BA O1P1   O  N N 24  
2BA O2P1   O  N N 25  
2BA "O5'1" O  N N 26  
2BA "C5'1" C  N N 27  
2BA "C4'1" C  N R 28  
2BA "O4'1" O  N N 29  
2BA "C3'1" C  N S 30  
2BA "O3'1" O  N N 31  
2BA "C2'1" C  N R 32  
2BA "O2'1" O  N N 33  
2BA "C1'1" C  N R 34  
2BA N91    N  Y N 35  
2BA C81    C  Y N 36  
2BA N71    N  Y N 37  
2BA C51    C  Y N 38  
2BA C61    C  Y N 39  
2BA N61    N  N N 40  
2BA N11    N  Y N 41  
2BA C21    C  Y N 42  
2BA N31    N  Y N 43  
2BA C41    C  Y N 44  
2BA "H5'"  H  N N 45  
2BA "H5'A" H  N N 46  
2BA "H4'"  H  N N 47  
2BA "H3'"  H  N N 48  
2BA "H2'"  H  N N 49  
2BA "HO2'" H  N N 50  
2BA "H1'"  H  N N 51  
2BA H8     H  N N 52  
2BA HN6    H  N N 53  
2BA HN6A   H  N N 54  
2BA H2     H  N N 55  
2BA "HC5'" H  N N 56  
2BA HC5A   H  N N 57  
2BA "HC4'" H  N N 58  
2BA "HC3'" H  N N 59  
2BA "HC2'" H  N N 60  
2BA HO2A   H  N N 61  
2BA "HC1'" H  N N 62  
2BA HC8    H  N N 63  
2BA H1N6   H  N N 64  
2BA H1NA   H  N N 65  
2BA HC2    H  N N 66  
2BA H2P    H  N N 67  
2BA H2OP   H  N N 68  
ALA N      N  N N 69  
ALA CA     C  N S 70  
ALA C      C  N N 71  
ALA O      O  N N 72  
ALA CB     C  N N 73  
ALA OXT    O  N N 74  
ALA H      H  N N 75  
ALA H2     H  N N 76  
ALA HA     H  N N 77  
ALA HB1    H  N N 78  
ALA HB2    H  N N 79  
ALA HB3    H  N N 80  
ALA HXT    H  N N 81  
ARG N      N  N N 82  
ARG CA     C  N S 83  
ARG C      C  N N 84  
ARG O      O  N N 85  
ARG CB     C  N N 86  
ARG CG     C  N N 87  
ARG CD     C  N N 88  
ARG NE     N  N N 89  
ARG CZ     C  N N 90  
ARG NH1    N  N N 91  
ARG NH2    N  N N 92  
ARG OXT    O  N N 93  
ARG H      H  N N 94  
ARG H2     H  N N 95  
ARG HA     H  N N 96  
ARG HB2    H  N N 97  
ARG HB3    H  N N 98  
ARG HG2    H  N N 99  
ARG HG3    H  N N 100 
ARG HD2    H  N N 101 
ARG HD3    H  N N 102 
ARG HE     H  N N 103 
ARG HH11   H  N N 104 
ARG HH12   H  N N 105 
ARG HH21   H  N N 106 
ARG HH22   H  N N 107 
ARG HXT    H  N N 108 
ASN N      N  N N 109 
ASN CA     C  N S 110 
ASN C      C  N N 111 
ASN O      O  N N 112 
ASN CB     C  N N 113 
ASN CG     C  N N 114 
ASN OD1    O  N N 115 
ASN ND2    N  N N 116 
ASN OXT    O  N N 117 
ASN H      H  N N 118 
ASN H2     H  N N 119 
ASN HA     H  N N 120 
ASN HB2    H  N N 121 
ASN HB3    H  N N 122 
ASN HD21   H  N N 123 
ASN HD22   H  N N 124 
ASN HXT    H  N N 125 
ASP N      N  N N 126 
ASP CA     C  N S 127 
ASP C      C  N N 128 
ASP O      O  N N 129 
ASP CB     C  N N 130 
ASP CG     C  N N 131 
ASP OD1    O  N N 132 
ASP OD2    O  N N 133 
ASP OXT    O  N N 134 
ASP H      H  N N 135 
ASP H2     H  N N 136 
ASP HA     H  N N 137 
ASP HB2    H  N N 138 
ASP HB3    H  N N 139 
ASP HD2    H  N N 140 
ASP HXT    H  N N 141 
GLN N      N  N N 142 
GLN CA     C  N S 143 
GLN C      C  N N 144 
GLN O      O  N N 145 
GLN CB     C  N N 146 
GLN CG     C  N N 147 
GLN CD     C  N N 148 
GLN OE1    O  N N 149 
GLN NE2    N  N N 150 
GLN OXT    O  N N 151 
GLN H      H  N N 152 
GLN H2     H  N N 153 
GLN HA     H  N N 154 
GLN HB2    H  N N 155 
GLN HB3    H  N N 156 
GLN HG2    H  N N 157 
GLN HG3    H  N N 158 
GLN HE21   H  N N 159 
GLN HE22   H  N N 160 
GLN HXT    H  N N 161 
GLU N      N  N N 162 
GLU CA     C  N S 163 
GLU C      C  N N 164 
GLU O      O  N N 165 
GLU CB     C  N N 166 
GLU CG     C  N N 167 
GLU CD     C  N N 168 
GLU OE1    O  N N 169 
GLU OE2    O  N N 170 
GLU OXT    O  N N 171 
GLU H      H  N N 172 
GLU H2     H  N N 173 
GLU HA     H  N N 174 
GLU HB2    H  N N 175 
GLU HB3    H  N N 176 
GLU HG2    H  N N 177 
GLU HG3    H  N N 178 
GLU HE2    H  N N 179 
GLU HXT    H  N N 180 
GLY N      N  N N 181 
GLY CA     C  N N 182 
GLY C      C  N N 183 
GLY O      O  N N 184 
GLY OXT    O  N N 185 
GLY H      H  N N 186 
GLY H2     H  N N 187 
GLY HA2    H  N N 188 
GLY HA3    H  N N 189 
GLY HXT    H  N N 190 
HIS N      N  N N 191 
HIS CA     C  N S 192 
HIS C      C  N N 193 
HIS O      O  N N 194 
HIS CB     C  N N 195 
HIS CG     C  Y N 196 
HIS ND1    N  Y N 197 
HIS CD2    C  Y N 198 
HIS CE1    C  Y N 199 
HIS NE2    N  Y N 200 
HIS OXT    O  N N 201 
HIS H      H  N N 202 
HIS H2     H  N N 203 
HIS HA     H  N N 204 
HIS HB2    H  N N 205 
HIS HB3    H  N N 206 
HIS HD1    H  N N 207 
HIS HD2    H  N N 208 
HIS HE1    H  N N 209 
HIS HE2    H  N N 210 
HIS HXT    H  N N 211 
HOH O      O  N N 212 
HOH H1     H  N N 213 
HOH H2     H  N N 214 
ILE N      N  N N 215 
ILE CA     C  N S 216 
ILE C      C  N N 217 
ILE O      O  N N 218 
ILE CB     C  N S 219 
ILE CG1    C  N N 220 
ILE CG2    C  N N 221 
ILE CD1    C  N N 222 
ILE OXT    O  N N 223 
ILE H      H  N N 224 
ILE H2     H  N N 225 
ILE HA     H  N N 226 
ILE HB     H  N N 227 
ILE HG12   H  N N 228 
ILE HG13   H  N N 229 
ILE HG21   H  N N 230 
ILE HG22   H  N N 231 
ILE HG23   H  N N 232 
ILE HD11   H  N N 233 
ILE HD12   H  N N 234 
ILE HD13   H  N N 235 
ILE HXT    H  N N 236 
LEU N      N  N N 237 
LEU CA     C  N S 238 
LEU C      C  N N 239 
LEU O      O  N N 240 
LEU CB     C  N N 241 
LEU CG     C  N N 242 
LEU CD1    C  N N 243 
LEU CD2    C  N N 244 
LEU OXT    O  N N 245 
LEU H      H  N N 246 
LEU H2     H  N N 247 
LEU HA     H  N N 248 
LEU HB2    H  N N 249 
LEU HB3    H  N N 250 
LEU HG     H  N N 251 
LEU HD11   H  N N 252 
LEU HD12   H  N N 253 
LEU HD13   H  N N 254 
LEU HD21   H  N N 255 
LEU HD22   H  N N 256 
LEU HD23   H  N N 257 
LEU HXT    H  N N 258 
LYS N      N  N N 259 
LYS CA     C  N S 260 
LYS C      C  N N 261 
LYS O      O  N N 262 
LYS CB     C  N N 263 
LYS CG     C  N N 264 
LYS CD     C  N N 265 
LYS CE     C  N N 266 
LYS NZ     N  N N 267 
LYS OXT    O  N N 268 
LYS H      H  N N 269 
LYS H2     H  N N 270 
LYS HA     H  N N 271 
LYS HB2    H  N N 272 
LYS HB3    H  N N 273 
LYS HG2    H  N N 274 
LYS HG3    H  N N 275 
LYS HD2    H  N N 276 
LYS HD3    H  N N 277 
LYS HE2    H  N N 278 
LYS HE3    H  N N 279 
LYS HZ1    H  N N 280 
LYS HZ2    H  N N 281 
LYS HZ3    H  N N 282 
LYS HXT    H  N N 283 
MSE N      N  N N 284 
MSE CA     C  N S 285 
MSE C      C  N N 286 
MSE O      O  N N 287 
MSE OXT    O  N N 288 
MSE CB     C  N N 289 
MSE CG     C  N N 290 
MSE SE     SE N N 291 
MSE CE     C  N N 292 
MSE H      H  N N 293 
MSE H2     H  N N 294 
MSE HA     H  N N 295 
MSE HXT    H  N N 296 
MSE HB2    H  N N 297 
MSE HB3    H  N N 298 
MSE HG2    H  N N 299 
MSE HG3    H  N N 300 
MSE HE1    H  N N 301 
MSE HE2    H  N N 302 
MSE HE3    H  N N 303 
PHE N      N  N N 304 
PHE CA     C  N S 305 
PHE C      C  N N 306 
PHE O      O  N N 307 
PHE CB     C  N N 308 
PHE CG     C  Y N 309 
PHE CD1    C  Y N 310 
PHE CD2    C  Y N 311 
PHE CE1    C  Y N 312 
PHE CE2    C  Y N 313 
PHE CZ     C  Y N 314 
PHE OXT    O  N N 315 
PHE H      H  N N 316 
PHE H2     H  N N 317 
PHE HA     H  N N 318 
PHE HB2    H  N N 319 
PHE HB3    H  N N 320 
PHE HD1    H  N N 321 
PHE HD2    H  N N 322 
PHE HE1    H  N N 323 
PHE HE2    H  N N 324 
PHE HZ     H  N N 325 
PHE HXT    H  N N 326 
PRO N      N  N N 327 
PRO CA     C  N S 328 
PRO C      C  N N 329 
PRO O      O  N N 330 
PRO CB     C  N N 331 
PRO CG     C  N N 332 
PRO CD     C  N N 333 
PRO OXT    O  N N 334 
PRO H      H  N N 335 
PRO HA     H  N N 336 
PRO HB2    H  N N 337 
PRO HB3    H  N N 338 
PRO HG2    H  N N 339 
PRO HG3    H  N N 340 
PRO HD2    H  N N 341 
PRO HD3    H  N N 342 
PRO HXT    H  N N 343 
SER N      N  N N 344 
SER CA     C  N S 345 
SER C      C  N N 346 
SER O      O  N N 347 
SER CB     C  N N 348 
SER OG     O  N N 349 
SER OXT    O  N N 350 
SER H      H  N N 351 
SER H2     H  N N 352 
SER HA     H  N N 353 
SER HB2    H  N N 354 
SER HB3    H  N N 355 
SER HG     H  N N 356 
SER HXT    H  N N 357 
THR N      N  N N 358 
THR CA     C  N S 359 
THR C      C  N N 360 
THR O      O  N N 361 
THR CB     C  N R 362 
THR OG1    O  N N 363 
THR CG2    C  N N 364 
THR OXT    O  N N 365 
THR H      H  N N 366 
THR H2     H  N N 367 
THR HA     H  N N 368 
THR HB     H  N N 369 
THR HG1    H  N N 370 
THR HG21   H  N N 371 
THR HG22   H  N N 372 
THR HG23   H  N N 373 
THR HXT    H  N N 374 
TYR N      N  N N 375 
TYR CA     C  N S 376 
TYR C      C  N N 377 
TYR O      O  N N 378 
TYR CB     C  N N 379 
TYR CG     C  Y N 380 
TYR CD1    C  Y N 381 
TYR CD2    C  Y N 382 
TYR CE1    C  Y N 383 
TYR CE2    C  Y N 384 
TYR CZ     C  Y N 385 
TYR OH     O  N N 386 
TYR OXT    O  N N 387 
TYR H      H  N N 388 
TYR H2     H  N N 389 
TYR HA     H  N N 390 
TYR HB2    H  N N 391 
TYR HB3    H  N N 392 
TYR HD1    H  N N 393 
TYR HD2    H  N N 394 
TYR HE1    H  N N 395 
TYR HE2    H  N N 396 
TYR HH     H  N N 397 
TYR HXT    H  N N 398 
VAL N      N  N N 399 
VAL CA     C  N S 400 
VAL C      C  N N 401 
VAL O      O  N N 402 
VAL CB     C  N N 403 
VAL CG1    C  N N 404 
VAL CG2    C  N N 405 
VAL OXT    O  N N 406 
VAL H      H  N N 407 
VAL H2     H  N N 408 
VAL HA     H  N N 409 
VAL HB     H  N N 410 
VAL HG11   H  N N 411 
VAL HG12   H  N N 412 
VAL HG13   H  N N 413 
VAL HG21   H  N N 414 
VAL HG22   H  N N 415 
VAL HG23   H  N N 416 
VAL HXT    H  N N 417 
# 
loop_
_chem_comp_bond.comp_id 
_chem_comp_bond.atom_id_1 
_chem_comp_bond.atom_id_2 
_chem_comp_bond.value_order 
_chem_comp_bond.pdbx_aromatic_flag 
_chem_comp_bond.pdbx_stereo_config 
_chem_comp_bond.pdbx_ordinal 
2BA P      O1P    doub N N 1   
2BA P      O2P    sing N N 2   
2BA P      "O5'"  sing N N 3   
2BA P      "O3'1" sing N N 4   
2BA "O5'"  "C5'"  sing N N 5   
2BA "C5'"  "C4'"  sing N N 6   
2BA "C4'"  "O4'"  sing N N 7   
2BA "C4'"  "C3'"  sing N N 8   
2BA "O4'"  "C1'"  sing N N 9   
2BA "C3'"  "O3'"  sing N N 10  
2BA "C3'"  "C2'"  sing N N 11  
2BA "O3'"  P1     sing N N 12  
2BA "C2'"  "O2'"  sing N N 13  
2BA "C2'"  "C1'"  sing N N 14  
2BA "C1'"  N9     sing N N 15  
2BA N9     C8     sing Y N 16  
2BA N9     C4     sing Y N 17  
2BA C8     N7     doub Y N 18  
2BA N7     C5     sing Y N 19  
2BA C5     C6     doub Y N 20  
2BA C5     C4     sing Y N 21  
2BA C6     N6     sing N N 22  
2BA C6     N1     sing Y N 23  
2BA N1     C2     doub Y N 24  
2BA C2     N3     sing Y N 25  
2BA N3     C4     doub Y N 26  
2BA P1     O1P1   doub N N 27  
2BA P1     O2P1   sing N N 28  
2BA P1     "O5'1" sing N N 29  
2BA "O5'1" "C5'1" sing N N 30  
2BA "C5'1" "C4'1" sing N N 31  
2BA "C4'1" "O4'1" sing N N 32  
2BA "C4'1" "C3'1" sing N N 33  
2BA "O4'1" "C1'1" sing N N 34  
2BA "C3'1" "O3'1" sing N N 35  
2BA "C3'1" "C2'1" sing N N 36  
2BA "C2'1" "O2'1" sing N N 37  
2BA "C2'1" "C1'1" sing N N 38  
2BA "C1'1" N91    sing N N 39  
2BA N91    C81    sing Y N 40  
2BA N91    C41    sing Y N 41  
2BA C81    N71    doub Y N 42  
2BA N71    C51    sing Y N 43  
2BA C51    C61    doub Y N 44  
2BA C51    C41    sing Y N 45  
2BA C61    N61    sing N N 46  
2BA C61    N11    sing Y N 47  
2BA N11    C21    doub Y N 48  
2BA C21    N31    sing Y N 49  
2BA N31    C41    doub Y N 50  
2BA "C5'"  "H5'"  sing N N 51  
2BA "C5'"  "H5'A" sing N N 52  
2BA "C4'"  "H4'"  sing N N 53  
2BA "C3'"  "H3'"  sing N N 54  
2BA "C2'"  "H2'"  sing N N 55  
2BA "O2'"  "HO2'" sing N N 56  
2BA "C1'"  "H1'"  sing N N 57  
2BA C8     H8     sing N N 58  
2BA N6     HN6    sing N N 59  
2BA N6     HN6A   sing N N 60  
2BA C2     H2     sing N N 61  
2BA "C5'1" "HC5'" sing N N 62  
2BA "C5'1" HC5A   sing N N 63  
2BA "C4'1" "HC4'" sing N N 64  
2BA "C3'1" "HC3'" sing N N 65  
2BA "C2'1" "HC2'" sing N N 66  
2BA "O2'1" HO2A   sing N N 67  
2BA "C1'1" "HC1'" sing N N 68  
2BA C81    HC8    sing N N 69  
2BA N61    H1N6   sing N N 70  
2BA N61    H1NA   sing N N 71  
2BA C21    HC2    sing N N 72  
2BA O2P    H2P    sing N N 73  
2BA O2P1   H2OP   sing N N 74  
ALA N      CA     sing N N 75  
ALA N      H      sing N N 76  
ALA N      H2     sing N N 77  
ALA CA     C      sing N N 78  
ALA CA     CB     sing N N 79  
ALA CA     HA     sing N N 80  
ALA C      O      doub N N 81  
ALA C      OXT    sing N N 82  
ALA CB     HB1    sing N N 83  
ALA CB     HB2    sing N N 84  
ALA CB     HB3    sing N N 85  
ALA OXT    HXT    sing N N 86  
ARG N      CA     sing N N 87  
ARG N      H      sing N N 88  
ARG N      H2     sing N N 89  
ARG CA     C      sing N N 90  
ARG CA     CB     sing N N 91  
ARG CA     HA     sing N N 92  
ARG C      O      doub N N 93  
ARG C      OXT    sing N N 94  
ARG CB     CG     sing N N 95  
ARG CB     HB2    sing N N 96  
ARG CB     HB3    sing N N 97  
ARG CG     CD     sing N N 98  
ARG CG     HG2    sing N N 99  
ARG CG     HG3    sing N N 100 
ARG CD     NE     sing N N 101 
ARG CD     HD2    sing N N 102 
ARG CD     HD3    sing N N 103 
ARG NE     CZ     sing N N 104 
ARG NE     HE     sing N N 105 
ARG CZ     NH1    sing N N 106 
ARG CZ     NH2    doub N N 107 
ARG NH1    HH11   sing N N 108 
ARG NH1    HH12   sing N N 109 
ARG NH2    HH21   sing N N 110 
ARG NH2    HH22   sing N N 111 
ARG OXT    HXT    sing N N 112 
ASN N      CA     sing N N 113 
ASN N      H      sing N N 114 
ASN N      H2     sing N N 115 
ASN CA     C      sing N N 116 
ASN CA     CB     sing N N 117 
ASN CA     HA     sing N N 118 
ASN C      O      doub N N 119 
ASN C      OXT    sing N N 120 
ASN CB     CG     sing N N 121 
ASN CB     HB2    sing N N 122 
ASN CB     HB3    sing N N 123 
ASN CG     OD1    doub N N 124 
ASN CG     ND2    sing N N 125 
ASN ND2    HD21   sing N N 126 
ASN ND2    HD22   sing N N 127 
ASN OXT    HXT    sing N N 128 
ASP N      CA     sing N N 129 
ASP N      H      sing N N 130 
ASP N      H2     sing N N 131 
ASP CA     C      sing N N 132 
ASP CA     CB     sing N N 133 
ASP CA     HA     sing N N 134 
ASP C      O      doub N N 135 
ASP C      OXT    sing N N 136 
ASP CB     CG     sing N N 137 
ASP CB     HB2    sing N N 138 
ASP CB     HB3    sing N N 139 
ASP CG     OD1    doub N N 140 
ASP CG     OD2    sing N N 141 
ASP OD2    HD2    sing N N 142 
ASP OXT    HXT    sing N N 143 
GLN N      CA     sing N N 144 
GLN N      H      sing N N 145 
GLN N      H2     sing N N 146 
GLN CA     C      sing N N 147 
GLN CA     CB     sing N N 148 
GLN CA     HA     sing N N 149 
GLN C      O      doub N N 150 
GLN C      OXT    sing N N 151 
GLN CB     CG     sing N N 152 
GLN CB     HB2    sing N N 153 
GLN CB     HB3    sing N N 154 
GLN CG     CD     sing N N 155 
GLN CG     HG2    sing N N 156 
GLN CG     HG3    sing N N 157 
GLN CD     OE1    doub N N 158 
GLN CD     NE2    sing N N 159 
GLN NE2    HE21   sing N N 160 
GLN NE2    HE22   sing N N 161 
GLN OXT    HXT    sing N N 162 
GLU N      CA     sing N N 163 
GLU N      H      sing N N 164 
GLU N      H2     sing N N 165 
GLU CA     C      sing N N 166 
GLU CA     CB     sing N N 167 
GLU CA     HA     sing N N 168 
GLU C      O      doub N N 169 
GLU C      OXT    sing N N 170 
GLU CB     CG     sing N N 171 
GLU CB     HB2    sing N N 172 
GLU CB     HB3    sing N N 173 
GLU CG     CD     sing N N 174 
GLU CG     HG2    sing N N 175 
GLU CG     HG3    sing N N 176 
GLU CD     OE1    doub N N 177 
GLU CD     OE2    sing N N 178 
GLU OE2    HE2    sing N N 179 
GLU OXT    HXT    sing N N 180 
GLY N      CA     sing N N 181 
GLY N      H      sing N N 182 
GLY N      H2     sing N N 183 
GLY CA     C      sing N N 184 
GLY CA     HA2    sing N N 185 
GLY CA     HA3    sing N N 186 
GLY C      O      doub N N 187 
GLY C      OXT    sing N N 188 
GLY OXT    HXT    sing N N 189 
HIS N      CA     sing N N 190 
HIS N      H      sing N N 191 
HIS N      H2     sing N N 192 
HIS CA     C      sing N N 193 
HIS CA     CB     sing N N 194 
HIS CA     HA     sing N N 195 
HIS C      O      doub N N 196 
HIS C      OXT    sing N N 197 
HIS CB     CG     sing N N 198 
HIS CB     HB2    sing N N 199 
HIS CB     HB3    sing N N 200 
HIS CG     ND1    sing Y N 201 
HIS CG     CD2    doub Y N 202 
HIS ND1    CE1    doub Y N 203 
HIS ND1    HD1    sing N N 204 
HIS CD2    NE2    sing Y N 205 
HIS CD2    HD2    sing N N 206 
HIS CE1    NE2    sing Y N 207 
HIS CE1    HE1    sing N N 208 
HIS NE2    HE2    sing N N 209 
HIS OXT    HXT    sing N N 210 
HOH O      H1     sing N N 211 
HOH O      H2     sing N N 212 
ILE N      CA     sing N N 213 
ILE N      H      sing N N 214 
ILE N      H2     sing N N 215 
ILE CA     C      sing N N 216 
ILE CA     CB     sing N N 217 
ILE CA     HA     sing N N 218 
ILE C      O      doub N N 219 
ILE C      OXT    sing N N 220 
ILE CB     CG1    sing N N 221 
ILE CB     CG2    sing N N 222 
ILE CB     HB     sing N N 223 
ILE CG1    CD1    sing N N 224 
ILE CG1    HG12   sing N N 225 
ILE CG1    HG13   sing N N 226 
ILE CG2    HG21   sing N N 227 
ILE CG2    HG22   sing N N 228 
ILE CG2    HG23   sing N N 229 
ILE CD1    HD11   sing N N 230 
ILE CD1    HD12   sing N N 231 
ILE CD1    HD13   sing N N 232 
ILE OXT    HXT    sing N N 233 
LEU N      CA     sing N N 234 
LEU N      H      sing N N 235 
LEU N      H2     sing N N 236 
LEU CA     C      sing N N 237 
LEU CA     CB     sing N N 238 
LEU CA     HA     sing N N 239 
LEU C      O      doub N N 240 
LEU C      OXT    sing N N 241 
LEU CB     CG     sing N N 242 
LEU CB     HB2    sing N N 243 
LEU CB     HB3    sing N N 244 
LEU CG     CD1    sing N N 245 
LEU CG     CD2    sing N N 246 
LEU CG     HG     sing N N 247 
LEU CD1    HD11   sing N N 248 
LEU CD1    HD12   sing N N 249 
LEU CD1    HD13   sing N N 250 
LEU CD2    HD21   sing N N 251 
LEU CD2    HD22   sing N N 252 
LEU CD2    HD23   sing N N 253 
LEU OXT    HXT    sing N N 254 
LYS N      CA     sing N N 255 
LYS N      H      sing N N 256 
LYS N      H2     sing N N 257 
LYS CA     C      sing N N 258 
LYS CA     CB     sing N N 259 
LYS CA     HA     sing N N 260 
LYS C      O      doub N N 261 
LYS C      OXT    sing N N 262 
LYS CB     CG     sing N N 263 
LYS CB     HB2    sing N N 264 
LYS CB     HB3    sing N N 265 
LYS CG     CD     sing N N 266 
LYS CG     HG2    sing N N 267 
LYS CG     HG3    sing N N 268 
LYS CD     CE     sing N N 269 
LYS CD     HD2    sing N N 270 
LYS CD     HD3    sing N N 271 
LYS CE     NZ     sing N N 272 
LYS CE     HE2    sing N N 273 
LYS CE     HE3    sing N N 274 
LYS NZ     HZ1    sing N N 275 
LYS NZ     HZ2    sing N N 276 
LYS NZ     HZ3    sing N N 277 
LYS OXT    HXT    sing N N 278 
MSE N      CA     sing N N 279 
MSE N      H      sing N N 280 
MSE N      H2     sing N N 281 
MSE CA     C      sing N N 282 
MSE CA     CB     sing N N 283 
MSE CA     HA     sing N N 284 
MSE C      O      doub N N 285 
MSE C      OXT    sing N N 286 
MSE OXT    HXT    sing N N 287 
MSE CB     CG     sing N N 288 
MSE CB     HB2    sing N N 289 
MSE CB     HB3    sing N N 290 
MSE CG     SE     sing N N 291 
MSE CG     HG2    sing N N 292 
MSE CG     HG3    sing N N 293 
MSE SE     CE     sing N N 294 
MSE CE     HE1    sing N N 295 
MSE CE     HE2    sing N N 296 
MSE CE     HE3    sing N N 297 
PHE N      CA     sing N N 298 
PHE N      H      sing N N 299 
PHE N      H2     sing N N 300 
PHE CA     C      sing N N 301 
PHE CA     CB     sing N N 302 
PHE CA     HA     sing N N 303 
PHE C      O      doub N N 304 
PHE C      OXT    sing N N 305 
PHE CB     CG     sing N N 306 
PHE CB     HB2    sing N N 307 
PHE CB     HB3    sing N N 308 
PHE CG     CD1    doub Y N 309 
PHE CG     CD2    sing Y N 310 
PHE CD1    CE1    sing Y N 311 
PHE CD1    HD1    sing N N 312 
PHE CD2    CE2    doub Y N 313 
PHE CD2    HD2    sing N N 314 
PHE CE1    CZ     doub Y N 315 
PHE CE1    HE1    sing N N 316 
PHE CE2    CZ     sing Y N 317 
PHE CE2    HE2    sing N N 318 
PHE CZ     HZ     sing N N 319 
PHE OXT    HXT    sing N N 320 
PRO N      CA     sing N N 321 
PRO N      CD     sing N N 322 
PRO N      H      sing N N 323 
PRO CA     C      sing N N 324 
PRO CA     CB     sing N N 325 
PRO CA     HA     sing N N 326 
PRO C      O      doub N N 327 
PRO C      OXT    sing N N 328 
PRO CB     CG     sing N N 329 
PRO CB     HB2    sing N N 330 
PRO CB     HB3    sing N N 331 
PRO CG     CD     sing N N 332 
PRO CG     HG2    sing N N 333 
PRO CG     HG3    sing N N 334 
PRO CD     HD2    sing N N 335 
PRO CD     HD3    sing N N 336 
PRO OXT    HXT    sing N N 337 
SER N      CA     sing N N 338 
SER N      H      sing N N 339 
SER N      H2     sing N N 340 
SER CA     C      sing N N 341 
SER CA     CB     sing N N 342 
SER CA     HA     sing N N 343 
SER C      O      doub N N 344 
SER C      OXT    sing N N 345 
SER CB     OG     sing N N 346 
SER CB     HB2    sing N N 347 
SER CB     HB3    sing N N 348 
SER OG     HG     sing N N 349 
SER OXT    HXT    sing N N 350 
THR N      CA     sing N N 351 
THR N      H      sing N N 352 
THR N      H2     sing N N 353 
THR CA     C      sing N N 354 
THR CA     CB     sing N N 355 
THR CA     HA     sing N N 356 
THR C      O      doub N N 357 
THR C      OXT    sing N N 358 
THR CB     OG1    sing N N 359 
THR CB     CG2    sing N N 360 
THR CB     HB     sing N N 361 
THR OG1    HG1    sing N N 362 
THR CG2    HG21   sing N N 363 
THR CG2    HG22   sing N N 364 
THR CG2    HG23   sing N N 365 
THR OXT    HXT    sing N N 366 
TYR N      CA     sing N N 367 
TYR N      H      sing N N 368 
TYR N      H2     sing N N 369 
TYR CA     C      sing N N 370 
TYR CA     CB     sing N N 371 
TYR CA     HA     sing N N 372 
TYR C      O      doub N N 373 
TYR C      OXT    sing N N 374 
TYR CB     CG     sing N N 375 
TYR CB     HB2    sing N N 376 
TYR CB     HB3    sing N N 377 
TYR CG     CD1    doub Y N 378 
TYR CG     CD2    sing Y N 379 
TYR CD1    CE1    sing Y N 380 
TYR CD1    HD1    sing N N 381 
TYR CD2    CE2    doub Y N 382 
TYR CD2    HD2    sing N N 383 
TYR CE1    CZ     doub Y N 384 
TYR CE1    HE1    sing N N 385 
TYR CE2    CZ     sing Y N 386 
TYR CE2    HE2    sing N N 387 
TYR CZ     OH     sing N N 388 
TYR OH     HH     sing N N 389 
TYR OXT    HXT    sing N N 390 
VAL N      CA     sing N N 391 
VAL N      H      sing N N 392 
VAL N      H2     sing N N 393 
VAL CA     C      sing N N 394 
VAL CA     CB     sing N N 395 
VAL CA     HA     sing N N 396 
VAL C      O      doub N N 397 
VAL C      OXT    sing N N 398 
VAL CB     CG1    sing N N 399 
VAL CB     CG2    sing N N 400 
VAL CB     HB     sing N N 401 
VAL CG1    HG11   sing N N 402 
VAL CG1    HG12   sing N N 403 
VAL CG1    HG13   sing N N 404 
VAL CG2    HG21   sing N N 405 
VAL CG2    HG22   sing N N 406 
VAL CG2    HG23   sing N N 407 
VAL OXT    HXT    sing N N 408 
# 
_atom_sites.entry_id                    5F29 
_atom_sites.fract_transf_matrix[1][1]   -0.01740568 
_atom_sites.fract_transf_matrix[1][2]   0.00443141 
_atom_sites.fract_transf_matrix[1][3]   -0.01607357 
_atom_sites.fract_transf_matrix[2][1]   -0.00439559 
_atom_sites.fract_transf_matrix[2][2]   0.01822069 
_atom_sites.fract_transf_matrix[2][3]   0.00978323 
_atom_sites.fract_transf_matrix[3][1]   0.00940172 
_atom_sites.fract_transf_matrix[3][2]   0.00673721 
_atom_sites.fract_transf_matrix[3][3]   -0.00832347 
_atom_sites.fract_transf_vector[1]      0.192724 
_atom_sites.fract_transf_vector[2]      -0.002442 
_atom_sites.fract_transf_vector[3]      -0.093768 
# 
loop_
_atom_type.symbol 
C  
N  
O  
P  
SE 
# 
loop_
_atom_site.group_PDB 
_atom_site.id 
_atom_site.type_symbol 
_atom_site.label_atom_id 
_atom_site.label_alt_id 
_atom_site.label_comp_id 
_atom_site.label_asym_id 
_atom_site.label_entity_id 
_atom_site.label_seq_id 
_atom_site.pdbx_PDB_ins_code 
_atom_site.Cartn_x 
_atom_site.Cartn_y 
_atom_site.Cartn_z 
_atom_site.occupancy 
_atom_site.B_iso_or_equiv 
_atom_site.pdbx_formal_charge 
_atom_site.auth_seq_id 
_atom_site.auth_comp_id 
_atom_site.auth_asym_id 
_atom_site.auth_atom_id 
_atom_site.pdbx_PDB_model_num 
ATOM   1    N  N      . THR A 1 1  ? 16.044  -5.381  -0.119  1.00 45.50  ? 143 THR A N      1 
ATOM   2    C  CA     . THR A 1 1  ? 14.720  -5.561  0.475   1.00 47.30  ? 143 THR A CA     1 
ATOM   3    C  C      . THR A 1 1  ? 13.790  -4.365  0.227   1.00 46.92  ? 143 THR A C      1 
ATOM   4    O  O      . THR A 1 1  ? 14.219  -3.213  0.239   1.00 39.69  ? 143 THR A O      1 
ATOM   5    C  CB     . THR A 1 1  ? 14.796  -5.959  1.979   1.00 42.64  ? 143 THR A CB     1 
ATOM   6    O  OG1    . THR A 1 1  ? 14.110  -4.992  2.790   1.00 57.63  ? 143 THR A OG1    1 
ATOM   7    C  CG2    . THR A 1 1  ? 16.215  -6.114  2.422   1.00 34.39  ? 143 THR A CG2    1 
ATOM   8    N  N      . SER A 1 2  ? 12.519  -4.648  -0.039  1.00 33.75  ? 144 SER A N      1 
ATOM   9    C  CA     . SER A 1 2  ? 11.556  -3.574  -0.289  1.00 37.68  ? 144 SER A CA     1 
ATOM   10   C  C      . SER A 1 2  ? 10.380  -3.616  0.693   1.00 41.32  ? 144 SER A C      1 
ATOM   11   O  O      . SER A 1 2  ? 9.683   -2.616  0.874   1.00 40.92  ? 144 SER A O      1 
ATOM   12   C  CB     . SER A 1 2  ? 11.054  -3.582  -1.732  1.00 40.31  ? 144 SER A CB     1 
ATOM   13   O  OG     . SER A 1 2  ? 10.109  -4.607  -1.939  1.00 47.50  ? 144 SER A OG     1 
ATOM   14   N  N      . LEU A 1 3  ? 10.161  -4.773  1.313   1.00 40.16  ? 145 LEU A N      1 
ATOM   15   C  CA     . LEU A 1 3  ? 9.145   -4.920  2.368   1.00 32.49  ? 145 LEU A CA     1 
ATOM   16   C  C      . LEU A 1 3  ? 9.862   -5.038  3.704   1.00 35.37  ? 145 LEU A C      1 
ATOM   17   O  O      . LEU A 1 3  ? 10.642  -5.971  3.932   1.00 41.24  ? 145 LEU A O      1 
ATOM   18   C  CB     . LEU A 1 3  ? 8.267   -6.154  2.106   1.00 27.77  ? 145 LEU A CB     1 
ATOM   19   C  CG     . LEU A 1 3  ? 7.424   -6.115  0.829   1.00 27.54  ? 145 LEU A CG     1 
ATOM   20   C  CD1    . LEU A 1 3  ? 6.727   -7.445  0.555   1.00 34.62  ? 145 LEU A CD1    1 
ATOM   21   C  CD2    . LEU A 1 3  ? 6.414   -5.002  0.876   1.00 34.95  ? 145 LEU A CD2    1 
ATOM   22   N  N      . TYR A 1 4  ? 9.633   -4.059  4.572   1.00 34.01  ? 146 TYR A N      1 
ATOM   23   C  CA     . TYR A 1 4  ? 10.250  -4.033  5.873   1.00 33.21  ? 146 TYR A CA     1 
ATOM   24   C  C      . TYR A 1 4  ? 9.187   -4.312  6.919   1.00 36.14  ? 146 TYR A C      1 
ATOM   25   O  O      . TYR A 1 4  ? 7.997   -4.097  6.682   1.00 34.20  ? 146 TYR A O      1 
ATOM   26   C  CB     . TYR A 1 4  ? 10.859  -2.647  6.129   1.00 37.61  ? 146 TYR A CB     1 
ATOM   27   C  CG     . TYR A 1 4  ? 11.864  -2.205  5.091   1.00 45.08  ? 146 TYR A CG     1 
ATOM   28   C  CD1    . TYR A 1 4  ? 13.218  -2.470  5.248   1.00 50.81  ? 146 TYR A CD1    1 
ATOM   29   C  CD2    . TYR A 1 4  ? 11.457  -1.523  3.949   1.00 49.31  ? 146 TYR A CD2    1 
ATOM   30   C  CE1    . TYR A 1 4  ? 14.140  -2.067  4.298   1.00 57.95  ? 146 TYR A CE1    1 
ATOM   31   C  CE2    . TYR A 1 4  ? 12.373  -1.114  2.993   1.00 55.83  ? 146 TYR A CE2    1 
ATOM   32   C  CZ     . TYR A 1 4  ? 13.708  -1.389  3.173   1.00 56.65  ? 146 TYR A CZ     1 
ATOM   33   O  OH     . TYR A 1 4  ? 14.610  -0.979  2.223   1.00 61.59  ? 146 TYR A OH     1 
ATOM   34   N  N      . GLU A 1 5  ? 9.608   -4.789  8.078   1.00 35.02  ? 147 GLU A N      1 
ATOM   35   C  CA     . GLU A 1 5  ? 8.664   -5.017  9.153   1.00 34.76  ? 147 GLU A CA     1 
ATOM   36   C  C      . GLU A 1 5  ? 8.960   -4.107  10.325  1.00 33.20  ? 147 GLU A C      1 
ATOM   37   O  O      . GLU A 1 5  ? 10.113  -3.957  10.725  1.00 39.06  ? 147 GLU A O      1 
ATOM   38   C  CB     . GLU A 1 5  ? 8.715   -6.472  9.598   1.00 37.84  ? 147 GLU A CB     1 
ATOM   39   C  CG     . GLU A 1 5  ? 7.830   -6.787  10.781  1.00 40.03  ? 147 GLU A CG     1 
ATOM   40   C  CD     . GLU A 1 5  ? 7.789   -8.272  11.088  1.00 51.74  ? 147 GLU A CD     1 
ATOM   41   O  OE1    . GLU A 1 5  ? 8.108   -9.074  10.183  1.00 58.15  ? 147 GLU A OE1    1 
ATOM   42   O  OE2    . GLU A 1 5  ? 7.442   -8.635  12.233  1.00 51.57  ? 147 GLU A OE2    1 
ATOM   43   N  N      . ILE A 1 6  ? 7.911   -3.505  10.888  1.00 33.44  ? 148 ILE A N      1 
ATOM   44   C  CA     . ILE A 1 6  ? 8.033   -2.671  12.075  1.00 39.31  ? 148 ILE A CA     1 
ATOM   45   C  C      . ILE A 1 6  ? 7.009   -3.098  13.132  1.00 37.79  ? 148 ILE A C      1 
ATOM   46   O  O      . ILE A 1 6  ? 5.846   -3.303  12.809  1.00 29.66  ? 148 ILE A O      1 
ATOM   47   C  CB     . ILE A 1 6  ? 7.828   -1.189  11.717  1.00 37.79  ? 148 ILE A CB     1 
ATOM   48   C  CG1    . ILE A 1 6  ? 8.892   -0.746  10.710  1.00 32.80  ? 148 ILE A CG1    1 
ATOM   49   C  CG2    . ILE A 1 6  ? 7.860   -0.308  12.979  1.00 32.24  ? 148 ILE A CG2    1 
ATOM   50   C  CD1    . ILE A 1 6  ? 8.598   0.579   10.074  1.00 39.91  ? 148 ILE A CD1    1 
ATOM   51   N  N      . GLN A 1 7  ? 7.443   -3.250  14.380  1.00 34.06  ? 149 GLN A N      1 
ATOM   52   C  CA     . GLN A 1 7  ? 6.530   -3.590  15.465  1.00 35.61  ? 149 GLN A CA     1 
ATOM   53   C  C      . GLN A 1 7  ? 5.879   -2.314  15.984  1.00 29.36  ? 149 GLN A C      1 
ATOM   54   O  O      . GLN A 1 7  ? 6.570   -1.328  16.238  1.00 33.99  ? 149 GLN A O      1 
ATOM   55   C  CB     . GLN A 1 7  ? 7.292   -4.261  16.610  1.00 37.76  ? 149 GLN A CB     1 
ATOM   56   C  CG     . GLN A 1 7  ? 8.333   -5.266  16.170  1.00 51.80  ? 149 GLN A CG     1 
ATOM   57   C  CD     . GLN A 1 7  ? 7.706   -6.482  15.533  1.00 53.83  ? 149 GLN A CD     1 
ATOM   58   O  OE1    . GLN A 1 7  ? 6.768   -7.059  16.081  1.00 65.45  ? 149 GLN A OE1    1 
ATOM   59   N  NE2    . GLN A 1 7  ? 8.208   -6.871  14.370  1.00 51.52  ? 149 GLN A NE2    1 
HETATM 60   N  N      . MSE A 1 8  ? 4.558   -2.318  16.137  1.00 31.47  ? 150 MSE A N      1 
HETATM 61   C  CA     . MSE A 1 8  ? 3.883   -1.167  16.723  1.00 33.63  ? 150 MSE A CA     1 
HETATM 62   C  C      . MSE A 1 8  ? 3.840   -1.270  18.254  1.00 36.27  ? 150 MSE A C      1 
HETATM 63   O  O      . MSE A 1 8  ? 2.892   -1.800  18.828  1.00 34.92  ? 150 MSE A O      1 
HETATM 64   C  CB     . MSE A 1 8  ? 2.474   -0.981  16.132  1.00 26.13  ? 150 MSE A CB     1 
HETATM 65   C  CG     . MSE A 1 8  ? 2.106   0.497   15.919  1.00 26.91  ? 150 MSE A CG     1 
HETATM 66   SE SE     . MSE A 1 8  ? 2.164   1.536   17.577  0.49 38.83  ? 150 MSE A SE     1 
HETATM 67   C  CE     . MSE A 1 8  ? 0.453   1.003   18.330  1.00 35.69  ? 150 MSE A CE     1 
ATOM   68   N  N      . LEU A 1 9  ? 4.883   -0.764  18.906  1.00 32.22  ? 151 LEU A N      1 
ATOM   69   C  CA     . LEU A 1 9  ? 5.027   -0.909  20.349  1.00 35.09  ? 151 LEU A CA     1 
ATOM   70   C  C      . LEU A 1 9  ? 4.965   0.437   21.076  1.00 41.35  ? 151 LEU A C      1 
ATOM   71   O  O      . LEU A 1 9  ? 5.441   0.568   22.204  1.00 47.01  ? 151 LEU A O      1 
ATOM   72   C  CB     . LEU A 1 9  ? 6.347   -1.610  20.654  1.00 40.61  ? 151 LEU A CB     1 
ATOM   73   C  CG     . LEU A 1 9  ? 6.501   -2.976  19.993  1.00 40.04  ? 151 LEU A CG     1 
ATOM   74   C  CD1    . LEU A 1 9  ? 7.891   -3.550  20.239  1.00 39.54  ? 151 LEU A CD1    1 
ATOM   75   C  CD2    . LEU A 1 9  ? 5.432   -3.908  20.517  1.00 46.66  ? 151 LEU A CD2    1 
ATOM   76   N  N      . ASN A 1 10 ? 4.385   1.436   20.420  1.00 35.80  ? 152 ASN A N      1 
ATOM   77   C  CA     . ASN A 1 10 ? 4.289   2.776   20.980  1.00 37.24  ? 152 ASN A CA     1 
ATOM   78   C  C      . ASN A 1 10 ? 2.831   3.116   21.319  1.00 35.09  ? 152 ASN A C      1 
ATOM   79   O  O      . ASN A 1 10 ? 1.986   3.210   20.417  1.00 32.88  ? 152 ASN A O      1 
ATOM   80   C  CB     . ASN A 1 10 ? 4.883   3.793   19.998  1.00 36.52  ? 152 ASN A CB     1 
ATOM   81   C  CG     . ASN A 1 10 ? 5.040   5.162   20.606  1.00 48.58  ? 152 ASN A CG     1 
ATOM   82   O  OD1    . ASN A 1 10 ? 4.430   5.476   21.627  1.00 45.91  ? 152 ASN A OD1    1 
ATOM   83   N  ND2    . ASN A 1 10 ? 5.868   5.993   19.981  1.00 47.36  ? 152 ASN A ND2    1 
ATOM   84   N  N      . TYR A 1 11 ? 2.540   3.285   22.612  1.00 32.45  ? 153 TYR A N      1 
ATOM   85   C  CA     . TYR A 1 11 ? 1.159   3.487   23.075  1.00 35.15  ? 153 TYR A CA     1 
ATOM   86   C  C      . TYR A 1 11 ? 0.530   4.766   22.546  1.00 38.97  ? 153 TYR A C      1 
ATOM   87   O  O      . TYR A 1 11 ? -0.697  4.854   22.392  1.00 34.81  ? 153 TYR A O      1 
ATOM   88   C  CB     . TYR A 1 11 ? 1.055   3.409   24.613  1.00 46.48  ? 153 TYR A CB     1 
ATOM   89   C  CG     . TYR A 1 11 ? 1.697   4.548   25.386  1.00 50.82  ? 153 TYR A CG     1 
ATOM   90   C  CD1    . TYR A 1 11 ? 0.937   5.614   25.855  1.00 53.37  ? 153 TYR A CD1    1 
ATOM   91   C  CD2    . TYR A 1 11 ? 3.054   4.540   25.683  1.00 54.11  ? 153 TYR A CD2    1 
ATOM   92   C  CE1    . TYR A 1 11 ? 1.512   6.652   26.582  1.00 55.45  ? 153 TYR A CE1    1 
ATOM   93   C  CE2    . TYR A 1 11 ? 3.639   5.572   26.408  1.00 63.16  ? 153 TYR A CE2    1 
ATOM   94   C  CZ     . TYR A 1 11 ? 2.861   6.625   26.857  1.00 58.97  ? 153 TYR A CZ     1 
ATOM   95   O  OH     . TYR A 1 11 ? 3.436   7.654   27.573  1.00 55.14  ? 153 TYR A OH     1 
ATOM   96   N  N      . LYS A 1 12 ? 1.380   5.746   22.249  1.00 34.21  ? 154 LYS A N      1 
ATOM   97   C  CA     . LYS A 1 12 ? 0.940   7.012   21.680  1.00 38.64  ? 154 LYS A CA     1 
ATOM   98   C  C      . LYS A 1 12 ? 0.190   6.887   20.341  1.00 34.69  ? 154 LYS A C      1 
ATOM   99   O  O      . LYS A 1 12 ? -0.511  7.820   19.926  1.00 31.61  ? 154 LYS A O      1 
ATOM   100  C  CB     . LYS A 1 12 ? 2.140   7.941   21.532  1.00 49.37  ? 154 LYS A CB     1 
ATOM   101  C  CG     . LYS A 1 12 ? 2.953   8.084   22.812  1.00 53.57  ? 154 LYS A CG     1 
ATOM   102  C  CD     . LYS A 1 12 ? 2.972   9.514   23.328  1.00 64.09  ? 154 LYS A CD     1 
ATOM   103  C  CE     . LYS A 1 12 ? 4.005   9.679   24.433  1.00 62.28  ? 154 LYS A CE     1 
ATOM   104  N  NZ     . LYS A 1 12 ? 5.388   9.511   23.898  1.00 69.77  ? 154 LYS A NZ     1 
ATOM   105  N  N      . TYR A 1 13 ? 0.333   5.752   19.661  1.00 40.95  ? 155 TYR A N      1 
ATOM   106  C  CA     . TYR A 1 13 ? -0.372  5.552   18.394  1.00 36.20  ? 155 TYR A CA     1 
ATOM   107  C  C      . TYR A 1 13 ? -1.523  4.548   18.415  1.00 28.52  ? 155 TYR A C      1 
ATOM   108  O  O      . TYR A 1 13 ? -2.071  4.223   17.372  1.00 35.19  ? 155 TYR A O      1 
ATOM   109  C  CB     . TYR A 1 13 ? 0.602   5.223   17.258  1.00 32.99  ? 155 TYR A CB     1 
ATOM   110  C  CG     . TYR A 1 13 ? 1.586   6.334   17.051  1.00 34.25  ? 155 TYR A CG     1 
ATOM   111  C  CD1    . TYR A 1 13 ? 1.217   7.496   16.390  1.00 39.45  ? 155 TYR A CD1    1 
ATOM   112  C  CD2    . TYR A 1 13 ? 2.875   6.237   17.541  1.00 37.24  ? 155 TYR A CD2    1 
ATOM   113  C  CE1    . TYR A 1 13 ? 2.111   8.523   16.215  1.00 51.15  ? 155 TYR A CE1    1 
ATOM   114  C  CE2    . TYR A 1 13 ? 3.776   7.259   17.363  1.00 51.64  ? 155 TYR A CE2    1 
ATOM   115  C  CZ     . TYR A 1 13 ? 3.390   8.400   16.706  1.00 50.75  ? 155 TYR A CZ     1 
ATOM   116  O  OH     . TYR A 1 13 ? 4.282   9.428   16.533  1.00 49.81  ? 155 TYR A OH     1 
ATOM   117  N  N      . GLU A 1 14 ? -1.914  4.086   19.598  1.00 38.85  ? 156 GLU A N      1 
ATOM   118  C  CA     . GLU A 1 14 ? -3.054  3.180   19.689  1.00 36.28  ? 156 GLU A CA     1 
ATOM   119  C  C      . GLU A 1 14 ? -4.346  3.892   19.288  1.00 33.15  ? 156 GLU A C      1 
ATOM   120  O  O      . GLU A 1 14 ? -4.603  5.034   19.706  1.00 35.28  ? 156 GLU A O      1 
ATOM   121  C  CB     . GLU A 1 14 ? -3.186  2.617   21.101  1.00 41.80  ? 156 GLU A CB     1 
ATOM   122  C  CG     . GLU A 1 14 ? -2.057  1.721   21.497  1.00 41.06  ? 156 GLU A CG     1 
ATOM   123  C  CD     . GLU A 1 14 ? -2.113  1.339   22.968  1.00 53.85  ? 156 GLU A CD     1 
ATOM   124  O  OE1    . GLU A 1 14 ? -1.191  0.626   23.415  1.00 51.88  ? 156 GLU A OE1    1 
ATOM   125  O  OE2    . GLU A 1 14 ? -3.065  1.757   23.674  1.00 50.21  ? 156 GLU A OE2    1 
ATOM   126  N  N      . ASN A 1 15 ? -5.158  3.201   18.492  1.00 34.57  ? 157 ASN A N      1 
ATOM   127  C  CA     . ASN A 1 15 ? -6.396  3.749   17.932  1.00 40.47  ? 157 ASN A CA     1 
ATOM   128  C  C      . ASN A 1 15 ? -6.207  4.860   16.914  1.00 43.49  ? 157 ASN A C      1 
ATOM   129  O  O      . ASN A 1 15 ? -7.188  5.433   16.451  1.00 48.96  ? 157 ASN A O      1 
ATOM   130  C  CB     . ASN A 1 15 ? -7.386  4.216   19.014  1.00 49.30  ? 157 ASN A CB     1 
ATOM   131  C  CG     . ASN A 1 15 ? -7.820  3.090   19.944  1.00 55.57  ? 157 ASN A CG     1 
ATOM   132  O  OD1    . ASN A 1 15 ? -7.311  2.967   21.053  1.00 56.61  ? 157 ASN A OD1    1 
ATOM   133  N  ND2    . ASN A 1 15 ? -8.765  2.269   19.494  1.00 57.17  ? 157 ASN A ND2    1 
ATOM   134  N  N      . ILE A 1 16 ? -4.965  5.173   16.553  1.00 34.21  ? 158 ILE A N      1 
ATOM   135  C  CA     . ILE A 1 16 ? -4.767  6.195   15.524  1.00 38.66  ? 158 ILE A CA     1 
ATOM   136  C  C      . ILE A 1 16 ? -4.944  5.577   14.141  1.00 31.10  ? 158 ILE A C      1 
ATOM   137  O  O      . ILE A 1 16 ? -4.325  4.561   13.826  1.00 31.67  ? 158 ILE A O      1 
ATOM   138  C  CB     . ILE A 1 16 ? -3.396  6.896   15.652  1.00 40.91  ? 158 ILE A CB     1 
ATOM   139  C  CG1    . ILE A 1 16 ? -3.278  7.564   17.023  1.00 37.59  ? 158 ILE A CG1    1 
ATOM   140  C  CG2    . ILE A 1 16 ? -3.212  7.909   14.555  1.00 33.84  ? 158 ILE A CG2    1 
ATOM   141  C  CD1    . ILE A 1 16 ? -4.319  8.596   17.268  1.00 33.93  ? 158 ILE A CD1    1 
ATOM   142  N  N      . GLN A 1 17 ? -5.813  6.185   13.332  1.00 31.91  ? 159 GLN A N      1 
ATOM   143  C  CA     . GLN A 1 17 ? -6.131  5.656   12.018  1.00 34.70  ? 159 GLN A CA     1 
ATOM   144  C  C      . GLN A 1 17 ? -5.074  6.095   11.033  1.00 29.56  ? 159 GLN A C      1 
ATOM   145  O  O      . GLN A 1 17 ? -4.499  7.184   11.181  1.00 37.18  ? 159 GLN A O      1 
ATOM   146  C  CB     . GLN A 1 17 ? -7.497  6.143   11.544  1.00 36.17  ? 159 GLN A CB     1 
ATOM   147  C  CG     . GLN A 1 17 ? -8.590  5.985   12.583  1.00 45.70  ? 159 GLN A CG     1 
ATOM   148  C  CD     . GLN A 1 17 ? -9.962  5.884   11.971  1.00 62.87  ? 159 GLN A CD     1 
ATOM   149  O  OE1    . GLN A 1 17 ? -10.773 5.046   12.376  1.00 76.66  ? 159 GLN A OE1    1 
ATOM   150  N  NE2    . GLN A 1 17 ? -10.235 6.734   10.990  1.00 59.58  ? 159 GLN A NE2    1 
ATOM   151  N  N      . LEU A 1 18 ? -4.834  5.259   10.027  1.00 29.12  ? 160 LEU A N      1 
ATOM   152  C  CA     . LEU A 1 18 ? -3.841  5.566   9.005   1.00 31.27  ? 160 LEU A CA     1 
ATOM   153  C  C      . LEU A 1 18 ? -4.078  6.921   8.369   1.00 32.47  ? 160 LEU A C      1 
ATOM   154  O  O      . LEU A 1 18 ? -3.128  7.649   8.102   1.00 35.12  ? 160 LEU A O      1 
ATOM   155  C  CB     . LEU A 1 18 ? -3.818  4.486   7.933   1.00 31.69  ? 160 LEU A CB     1 
ATOM   156  C  CG     . LEU A 1 18 ? -3.354  3.145   8.486   1.00 32.82  ? 160 LEU A CG     1 
ATOM   157  C  CD1    . LEU A 1 18 ? -3.019  2.168   7.350   1.00 31.62  ? 160 LEU A CD1    1 
ATOM   158  C  CD2    . LEU A 1 18 ? -2.149  3.373   9.383   1.00 31.53  ? 160 LEU A CD2    1 
ATOM   159  N  N      . ARG A 1 19 ? -5.343  7.288   8.185   1.00 33.91  ? 161 ARG A N      1 
ATOM   160  C  CA     . ARG A 1 19 ? -5.662  8.560   7.538   1.00 39.27  ? 161 ARG A CA     1 
ATOM   161  C  C      . ARG A 1 19 ? -5.223  9.775   8.350   1.00 40.21  ? 161 ARG A C      1 
ATOM   162  O  O      . ARG A 1 19 ? -5.111  10.881  7.810   1.00 45.72  ? 161 ARG A O      1 
ATOM   163  C  CB     . ARG A 1 19 ? -7.154  8.649   7.252   1.00 36.31  ? 161 ARG A CB     1 
ATOM   164  C  CG     . ARG A 1 19 ? -8.007  8.831   8.495   1.00 42.50  ? 161 ARG A CG     1 
ATOM   165  C  CD     . ARG A 1 19 ? -9.431  9.162   8.091   1.00 55.83  ? 161 ARG A CD     1 
ATOM   166  N  NE     . ARG A 1 19 ? -9.857  8.352   6.954   1.00 74.35  ? 161 ARG A NE     1 
ATOM   167  C  CZ     . ARG A 1 19 ? -10.785 7.403   7.022   1.00 85.92  ? 161 ARG A CZ     1 
ATOM   168  N  NH1    . ARG A 1 19 ? -11.395 7.160   8.174   1.00 92.48  ? 161 ARG A NH1    1 
ATOM   169  N  NH2    . ARG A 1 19 ? -11.113 6.708   5.941   1.00 83.61  ? 161 ARG A NH2    1 
ATOM   170  N  N      . ASN A 1 20 ? -4.976  9.574   9.643   1.00 37.71  ? 162 ASN A N      1 
ATOM   171  C  CA     . ASN A 1 20 ? -4.459  10.634  10.492  1.00 43.18  ? 162 ASN A CA     1 
ATOM   172  C  C      . ASN A 1 20 ? -3.006  10.460  10.910  1.00 41.49  ? 162 ASN A C      1 
ATOM   173  O  O      . ASN A 1 20 ? -2.422  11.364  11.492  1.00 39.86  ? 162 ASN A O      1 
ATOM   174  C  CB     . ASN A 1 20 ? -5.338  10.804  11.734  1.00 44.92  ? 162 ASN A CB     1 
ATOM   175  C  CG     . ASN A 1 20 ? -6.755  11.143  11.378  1.00 49.50  ? 162 ASN A CG     1 
ATOM   176  O  OD1    . ASN A 1 20 ? -7.005  11.831  10.388  1.00 52.10  ? 162 ASN A OD1    1 
ATOM   177  N  ND2    . ASN A 1 20 ? -7.700  10.641  12.162  1.00 58.04  ? 162 ASN A ND2    1 
ATOM   178  N  N      . PHE A 1 21 ? -2.422  9.299   10.630  1.00 37.41  ? 163 PHE A N      1 
ATOM   179  C  CA     . PHE A 1 21 ? -1.031  9.053   10.994  1.00 46.63  ? 163 PHE A CA     1 
ATOM   180  C  C      . PHE A 1 21 ? -0.063  10.054  10.321  1.00 57.37  ? 163 PHE A C      1 
ATOM   181  O  O      . PHE A 1 21 ? -0.208  10.379  9.140   1.00 51.49  ? 163 PHE A O      1 
ATOM   182  C  CB     . PHE A 1 21 ? -0.638  7.602   10.693  1.00 38.55  ? 163 PHE A CB     1 
ATOM   183  C  CG     . PHE A 1 21 ? 0.692   7.209   11.258  1.00 43.53  ? 163 PHE A CG     1 
ATOM   184  C  CD1    . PHE A 1 21 ? 0.776   6.565   12.480  1.00 42.16  ? 163 PHE A CD1    1 
ATOM   185  C  CD2    . PHE A 1 21 ? 1.861   7.478   10.564  1.00 57.08  ? 163 PHE A CD2    1 
ATOM   186  C  CE1    . PHE A 1 21 ? 1.994   6.205   12.995  1.00 43.44  ? 163 PHE A CE1    1 
ATOM   187  C  CE2    . PHE A 1 21 ? 3.084   7.125   11.082  1.00 57.27  ? 163 PHE A CE2    1 
ATOM   188  C  CZ     . PHE A 1 21 ? 3.151   6.486   12.303  1.00 47.79  ? 163 PHE A CZ     1 
ATOM   189  N  N      . PRO A 1 22 ? 0.911   10.567  11.096  1.00 61.89  ? 164 PRO A N      1 
ATOM   190  C  CA     . PRO A 1 22 ? 1.952   11.502  10.645  1.00 64.73  ? 164 PRO A CA     1 
ATOM   191  C  C      . PRO A 1 22 ? 3.227   10.815  10.140  1.00 76.48  ? 164 PRO A C      1 
ATOM   192  O  O      . PRO A 1 22 ? 4.236   10.812  10.850  1.00 75.59  ? 164 PRO A O      1 
ATOM   193  C  CB     . PRO A 1 22 ? 2.272   12.278  11.917  1.00 68.68  ? 164 PRO A CB     1 
ATOM   194  C  CG     . PRO A 1 22 ? 2.028   11.317  13.016  1.00 66.26  ? 164 PRO A CG     1 
ATOM   195  C  CD     . PRO A 1 22 ? 0.892   10.434  12.567  1.00 60.99  ? 164 PRO A CD     1 
ATOM   196  N  N      . PHE A 1 23 ? 3.188   10.274  8.924   1.00 80.40  ? 165 PHE A N      1 
ATOM   197  C  CA     . PHE A 1 23 ? 4.279   9.441   8.407   1.00 85.18  ? 165 PHE A CA     1 
ATOM   198  C  C      . PHE A 1 23 ? 5.630   10.155  8.314   1.00 95.62  ? 165 PHE A C      1 
ATOM   199  O  O      . PHE A 1 23 ? 5.702   11.329  7.938   1.00 92.69  ? 165 PHE A O      1 
ATOM   200  C  CB     . PHE A 1 23 ? 3.903   8.852   7.043   1.00 80.69  ? 165 PHE A CB     1 
ATOM   201  C  CG     . PHE A 1 23 ? 2.612   8.083   7.056   1.00 67.65  ? 165 PHE A CG     1 
ATOM   202  C  CD1    . PHE A 1 23 ? 2.581   6.752   7.447   1.00 62.48  ? 165 PHE A CD1    1 
ATOM   203  C  CD2    . PHE A 1 23 ? 1.426   8.695   6.683   1.00 64.30  ? 165 PHE A CD2    1 
ATOM   204  C  CE1    . PHE A 1 23 ? 1.386   6.052   7.471   1.00 48.46  ? 165 PHE A CE1    1 
ATOM   205  C  CE2    . PHE A 1 23 ? 0.232   7.998   6.698   1.00 55.15  ? 165 PHE A CE2    1 
ATOM   206  C  CZ     . PHE A 1 23 ? 0.213   6.671   7.092   1.00 51.25  ? 165 PHE A CZ     1 
ATOM   207  N  N      . GLY A 1 24 ? 6.694   9.425   8.643   1.00 104.07 ? 166 GLY A N      1 
ATOM   208  C  CA     . GLY A 1 24 ? 8.048   9.950   8.597   1.00 107.85 ? 166 GLY A CA     1 
ATOM   209  C  C      . GLY A 1 24 ? 8.534   10.258  7.194   1.00 109.57 ? 166 GLY A C      1 
ATOM   210  O  O      . GLY A 1 24 ? 9.614   10.821  7.013   1.00 114.25 ? 166 GLY A O      1 
ATOM   211  N  N      . GLY A 1 25 ? 7.732   9.886   6.201   1.00 100.00 ? 167 GLY A N      1 
ATOM   212  C  CA     . GLY A 1 25 ? 8.057   10.132  4.810   1.00 88.70  ? 167 GLY A CA     1 
ATOM   213  C  C      . GLY A 1 25 ? 7.070   9.455   3.876   1.00 73.74  ? 167 GLY A C      1 
ATOM   214  O  O      . GLY A 1 25 ? 5.885   9.332   4.185   1.00 69.68  ? 167 GLY A O      1 
ATOM   215  N  N      . ASP A 1 26 ? 7.568   9.019   2.724   1.00 57.10  ? 168 ASP A N      1 
ATOM   216  C  CA     . ASP A 1 26 ? 6.755   8.357   1.716   1.00 55.28  ? 168 ASP A CA     1 
ATOM   217  C  C      . ASP A 1 26 ? 6.682   6.866   2.029   1.00 44.52  ? 168 ASP A C      1 
ATOM   218  O  O      . ASP A 1 26 ? 7.590   6.107   1.696   1.00 49.74  ? 168 ASP A O      1 
ATOM   219  C  CB     . ASP A 1 26 ? 7.373   8.573   0.333   1.00 71.51  ? 168 ASP A CB     1 
ATOM   220  C  CG     . ASP A 1 26 ? 6.435   8.197   -0.801  1.00 79.15  ? 168 ASP A CG     1 
ATOM   221  O  OD1    . ASP A 1 26 ? 5.264   7.853   -0.523  1.00 80.29  ? 168 ASP A OD1    1 
ATOM   222  O  OD2    . ASP A 1 26 ? 6.871   8.261   -1.975  1.00 78.99  ? 168 ASP A OD2    1 
ATOM   223  N  N      . ILE A 1 27 ? 5.609   6.454   2.686   1.00 50.29  ? 169 ILE A N      1 
ATOM   224  C  CA     . ILE A 1 27 ? 5.468   5.061   3.084   1.00 37.86  ? 169 ILE A CA     1 
ATOM   225  C  C      . ILE A 1 27 ? 4.036   4.587   2.907   1.00 37.42  ? 169 ILE A C      1 
ATOM   226  O  O      . ILE A 1 27 ? 3.092   5.357   3.082   1.00 36.74  ? 169 ILE A O      1 
ATOM   227  C  CB     . ILE A 1 27 ? 5.937   4.853   4.536   1.00 43.48  ? 169 ILE A CB     1 
ATOM   228  C  CG1    . ILE A 1 27 ? 5.748   3.400   4.965   1.00 52.58  ? 169 ILE A CG1    1 
ATOM   229  C  CG2    . ILE A 1 27 ? 5.192   5.773   5.467   1.00 51.97  ? 169 ILE A CG2    1 
ATOM   230  C  CD1    . ILE A 1 27 ? 5.564   3.238   6.440   1.00 54.46  ? 169 ILE A CD1    1 
ATOM   231  N  N      . ILE A 1 28 ? 3.886   3.316   2.538   1.00 31.53  ? 170 ILE A N      1 
ATOM   232  C  CA     . ILE A 1 28 ? 2.587   2.685   2.452   1.00 22.83  ? 170 ILE A CA     1 
ATOM   233  C  C      . ILE A 1 28 ? 2.638   1.439   3.349   1.00 28.90  ? 170 ILE A C      1 
ATOM   234  O  O      . ILE A 1 28 ? 3.625   0.698   3.322   1.00 32.68  ? 170 ILE A O      1 
ATOM   235  C  CB     . ILE A 1 28 ? 2.293   2.287   1.003   1.00 29.60  ? 170 ILE A CB     1 
ATOM   236  C  CG1    . ILE A 1 28 ? 1.602   3.440   0.271   1.00 47.26  ? 170 ILE A CG1    1 
ATOM   237  C  CG2    . ILE A 1 28 ? 1.410   1.062   0.937   1.00 37.94  ? 170 ILE A CG2    1 
ATOM   238  C  CD1    . ILE A 1 28 ? 0.202   3.727   0.759   1.00 47.59  ? 170 ILE A CD1    1 
ATOM   239  N  N      . PHE A 1 29 ? 1.600   1.247   4.167   1.00 29.52  ? 171 PHE A N      1 
ATOM   240  C  CA     . PHE A 1 29 ? 1.446   0.033   4.964   1.00 27.28  ? 171 PHE A CA     1 
ATOM   241  C  C      . PHE A 1 29 ? 0.852   -1.038  4.047   1.00 30.41  ? 171 PHE A C      1 
ATOM   242  O  O      . PHE A 1 29 ? -0.282  -0.908  3.584   1.00 32.25  ? 171 PHE A O      1 
ATOM   243  C  CB     . PHE A 1 29 ? 0.513   0.295   6.152   1.00 25.92  ? 171 PHE A CB     1 
ATOM   244  C  CG     . PHE A 1 29 ? 1.145   1.098   7.269   1.00 26.16  ? 171 PHE A CG     1 
ATOM   245  C  CD1    . PHE A 1 29 ? 1.645   2.366   7.042   1.00 43.28  ? 171 PHE A CD1    1 
ATOM   246  C  CD2    . PHE A 1 29 ? 1.196   0.598   8.558   1.00 39.70  ? 171 PHE A CD2    1 
ATOM   247  C  CE1    . PHE A 1 29 ? 2.221   3.093   8.077   1.00 42.58  ? 171 PHE A CE1    1 
ATOM   248  C  CE2    . PHE A 1 29 ? 1.758   1.337   9.594   1.00 38.83  ? 171 PHE A CE2    1 
ATOM   249  C  CZ     . PHE A 1 29 ? 2.270   2.583   9.346   1.00 36.86  ? 171 PHE A CZ     1 
ATOM   250  N  N      . VAL A 1 30 ? 1.630   -2.079  3.777   1.00 23.83  ? 172 VAL A N      1 
ATOM   251  C  CA     . VAL A 1 30 ? 1.261   -3.114  2.826   1.00 23.47  ? 172 VAL A CA     1 
ATOM   252  C  C      . VAL A 1 30 ? 0.361   -4.154  3.459   1.00 24.12  ? 172 VAL A C      1 
ATOM   253  O  O      . VAL A 1 30 ? -0.654  -4.555  2.862   1.00 25.00  ? 172 VAL A O      1 
ATOM   254  C  CB     . VAL A 1 30 ? 2.533   -3.757  2.236   1.00 29.71  ? 172 VAL A CB     1 
ATOM   255  C  CG1    . VAL A 1 30 ? 2.183   -4.915  1.316   1.00 28.77  ? 172 VAL A CG1    1 
ATOM   256  C  CG2    . VAL A 1 30 ? 3.354   -2.665  1.498   1.00 26.41  ? 172 VAL A CG2    1 
ATOM   257  N  N      . ARG A 1 31 ? 0.719   -4.553  4.681   1.00 23.34  ? 173 ARG A N      1 
ATOM   258  C  CA     . ARG A 1 31 ? -0.082  -5.473  5.493   1.00 25.63  ? 173 ARG A CA     1 
ATOM   259  C  C      . ARG A 1 31 ? 0.150   -5.118  6.953   1.00 25.35  ? 173 ARG A C      1 
ATOM   260  O  O      . ARG A 1 31 ? 1.211   -4.595  7.325   1.00 25.09  ? 173 ARG A O      1 
ATOM   261  C  CB     . ARG A 1 31 ? 0.315   -6.955  5.274   1.00 25.50  ? 173 ARG A CB     1 
ATOM   262  C  CG     . ARG A 1 31 ? 0.135   -7.512  3.865   1.00 25.55  ? 173 ARG A CG     1 
ATOM   263  C  CD     . ARG A 1 31 ? -1.335  -7.724  3.505   1.00 27.07  ? 173 ARG A CD     1 
ATOM   264  N  NE     . ARG A 1 31 ? -1.485  -8.415  2.230   1.00 33.78  ? 173 ARG A NE     1 
ATOM   265  C  CZ     . ARG A 1 31 ? -1.778  -9.706  2.101   1.00 45.40  ? 173 ARG A CZ     1 
ATOM   266  N  NH1    . ARG A 1 31 ? -1.992  -10.463 3.177   1.00 46.06  ? 173 ARG A NH1    1 
ATOM   267  N  NH2    . ARG A 1 31 ? -1.866  -10.239 0.889   1.00 39.93  ? 173 ARG A NH2    1 
ATOM   268  N  N      . ILE A 1 32 ? -0.830  -5.430  7.784   1.00 22.17  ? 174 ILE A N      1 
ATOM   269  C  CA     . ILE A 1 32 ? -0.642  -5.407  9.233   1.00 20.34  ? 174 ILE A CA     1 
ATOM   270  C  C      . ILE A 1 32 ? -0.988  -6.804  9.719   1.00 23.71  ? 174 ILE A C      1 
ATOM   271  O  O      . ILE A 1 32 ? -2.046  -7.338  9.388   1.00 24.28  ? 174 ILE A O      1 
ATOM   272  C  CB     . ILE A 1 32 ? -1.574  -4.407  9.935   1.00 19.33  ? 174 ILE A CB     1 
ATOM   273  C  CG1    . ILE A 1 32 ? -1.227  -2.967  9.547   1.00 24.03  ? 174 ILE A CG1    1 
ATOM   274  C  CG2    . ILE A 1 32 ? -1.525  -4.597  11.474  1.00 25.27  ? 174 ILE A CG2    1 
ATOM   275  C  CD1    . ILE A 1 32 ? -2.183  -1.935  10.106  1.00 30.10  ? 174 ILE A CD1    1 
ATOM   276  N  N      . ILE A 1 33 ? -0.063  -7.408  10.450  1.00 25.81  ? 175 ILE A N      1 
ATOM   277  C  CA     . ILE A 1 33 ? -0.300  -8.742  10.992  1.00 27.83  ? 175 ILE A CA     1 
ATOM   278  C  C      . ILE A 1 33 ? -0.712  -8.549  12.442  1.00 30.43  ? 175 ILE A C      1 
ATOM   279  O  O      . ILE A 1 33 ? 0.068   -8.059  13.260  1.00 33.64  ? 175 ILE A O      1 
ATOM   280  C  CB     . ILE A 1 33 ? 0.933   -9.633  10.854  1.00 26.66  ? 175 ILE A CB     1 
ATOM   281  C  CG1    . ILE A 1 33 ? 1.268   -9.800  9.367   1.00 35.76  ? 175 ILE A CG1    1 
ATOM   282  C  CG2    . ILE A 1 33 ? 0.688   -11.013 11.526  1.00 36.90  ? 175 ILE A CG2    1 
ATOM   283  C  CD1    . ILE A 1 33 ? 2.622   -10.389 9.095   1.00 43.07  ? 175 ILE A CD1    1 
ATOM   284  N  N      . ARG A 1 34 ? -1.963  -8.903  12.724  1.00 30.62  ? 176 ARG A N      1 
ATOM   285  C  CA     . ARG A 1 34 ? -2.601  -8.642  14.011  1.00 30.45  ? 176 ARG A CA     1 
ATOM   286  C  C      . ARG A 1 34 ? -3.351  -9.906  14.462  1.00 43.47  ? 176 ARG A C      1 
ATOM   287  O  O      . ARG A 1 34 ? -4.162  -10.451 13.716  1.00 44.53  ? 176 ARG A O      1 
ATOM   288  C  CB     . ARG A 1 34 ? -3.579  -7.472  13.870  1.00 37.71  ? 176 ARG A CB     1 
ATOM   289  C  CG     . ARG A 1 34 ? -4.418  -7.206  15.129  1.00 37.69  ? 176 ARG A CG     1 
ATOM   290  C  CD     . ARG A 1 34 ? -5.340  -6.016  14.938  1.00 40.73  ? 176 ARG A CD     1 
ATOM   291  N  NE     . ARG A 1 34 ? -4.609  -4.808  14.528  1.00 35.02  ? 176 ARG A NE     1 
ATOM   292  C  CZ     . ARG A 1 34 ? -5.174  -3.768  13.931  1.00 41.19  ? 176 ARG A CZ     1 
ATOM   293  N  NH1    . ARG A 1 34 ? -6.473  -3.790  13.675  1.00 39.93  ? 176 ARG A NH1    1 
ATOM   294  N  NH2    . ARG A 1 34 ? -4.439  -2.710  13.581  1.00 34.67  ? 176 ARG A NH2    1 
ATOM   295  N  N      . ASN A 1 35 ? -3.094  -10.358 15.681  1.00 54.61  ? 177 ASN A N      1 
ATOM   296  C  CA     . ASN A 1 35 ? -3.793  -11.528 16.204  1.00 62.19  ? 177 ASN A CA     1 
ATOM   297  C  C      . ASN A 1 35 ? -3.800  -12.685 15.202  1.00 59.48  ? 177 ASN A C      1 
ATOM   298  O  O      . ASN A 1 35 ? -4.847  -13.304 14.957  1.00 59.20  ? 177 ASN A O      1 
ATOM   299  C  CB     . ASN A 1 35 ? -5.231  -11.167 16.584  1.00 61.79  ? 177 ASN A CB     1 
ATOM   300  C  CG     . ASN A 1 35 ? -5.301  -10.124 17.664  1.00 63.38  ? 177 ASN A CG     1 
ATOM   301  O  OD1    . ASN A 1 35 ? -4.422  -10.043 18.524  1.00 69.50  ? 177 ASN A OD1    1 
ATOM   302  N  ND2    . ASN A 1 35 ? -6.349  -9.315  17.630  1.00 63.49  ? 177 ASN A ND2    1 
ATOM   303  N  N      . ASN A 1 36 ? -2.638  -12.930 14.592  1.00 43.02  ? 178 ASN A N      1 
ATOM   304  C  CA     . ASN A 1 36 ? -2.448  -14.069 13.706  1.00 50.76  ? 178 ASN A CA     1 
ATOM   305  C  C      . ASN A 1 36 ? -3.279  -14.010 12.419  1.00 42.23  ? 178 ASN A C      1 
ATOM   306  O  O      . ASN A 1 36 ? -3.696  -15.021 11.872  1.00 42.03  ? 178 ASN A O      1 
ATOM   307  C  CB     . ASN A 1 36 ? -2.718  -15.344 14.492  1.00 55.34  ? 178 ASN A CB     1 
ATOM   308  C  CG     . ASN A 1 36 ? -2.266  -15.224 15.942  1.00 65.40  ? 178 ASN A CG     1 
ATOM   309  O  OD1    . ASN A 1 36 ? -1.179  -14.710 16.222  1.00 71.27  ? 178 ASN A OD1    1 
ATOM   310  N  ND2    . ASN A 1 36 ? -3.122  -15.641 16.872  1.00 71.26  ? 178 ASN A ND2    1 
ATOM   311  N  N      . GLU A 1 37 ? -3.492  -12.793 11.950  1.00 32.98  ? 179 GLU A N      1 
ATOM   312  C  CA     . GLU A 1 37 ? -4.250  -12.519 10.742  1.00 34.82  ? 179 GLU A CA     1 
ATOM   313  C  C      . GLU A 1 37 ? -3.498  -11.421 9.984   1.00 34.07  ? 179 GLU A C      1 
ATOM   314  O  O      . GLU A 1 37 ? -2.845  -10.582 10.609  1.00 34.50  ? 179 GLU A O      1 
ATOM   315  C  CB     . GLU A 1 37 ? -5.644  -12.036 11.150  1.00 48.69  ? 179 GLU A CB     1 
ATOM   316  C  CG     . GLU A 1 37 ? -6.471  -11.406 10.048  1.00 63.64  ? 179 GLU A CG     1 
ATOM   317  C  CD     . GLU A 1 37 ? -7.892  -11.143 10.499  1.00 74.98  ? 179 GLU A CD     1 
ATOM   318  O  OE1    . GLU A 1 37 ? -8.384  -10.006 10.316  1.00 80.94  ? 179 GLU A OE1    1 
ATOM   319  O  OE2    . GLU A 1 37 ? -8.513  -12.081 11.043  1.00 75.78  ? 179 GLU A OE2    1 
ATOM   320  N  N      . SER A 1 38 ? -3.563  -11.434 8.653   1.00 28.68  ? 180 SER A N      1 
ATOM   321  C  CA     . SER A 1 38 ? -2.894  -10.428 7.838   1.00 33.53  ? 180 SER A CA     1 
ATOM   322  C  C      . SER A 1 38 ? -3.930  -9.525  7.182   1.00 40.48  ? 180 SER A C      1 
ATOM   323  O  O      . SER A 1 38 ? -4.671  -9.946  6.296   1.00 42.72  ? 180 SER A O      1 
ATOM   324  C  CB     . SER A 1 38 ? -2.021  -11.097 6.763   1.00 31.62  ? 180 SER A CB     1 
ATOM   325  O  OG     . SER A 1 38 ? -1.322  -10.133 6.008   1.00 34.88  ? 180 SER A OG     1 
ATOM   326  N  N      . ILE A 1 39 ? -3.949  -8.269  7.612   1.00 33.95  ? 181 ILE A N      1 
ATOM   327  C  CA     . ILE A 1 39 ? -4.922  -7.288  7.149   1.00 37.36  ? 181 ILE A CA     1 
ATOM   328  C  C      . ILE A 1 39 ? -4.380  -6.384  6.039   1.00 30.20  ? 181 ILE A C      1 
ATOM   329  O  O      . ILE A 1 39 ? -3.253  -5.881  6.119   1.00 25.98  ? 181 ILE A O      1 
ATOM   330  C  CB     . ILE A 1 39 ? -5.329  -6.365  8.312   1.00 37.04  ? 181 ILE A CB     1 
ATOM   331  C  CG1    . ILE A 1 39 ? -6.067  -7.145  9.401   1.00 42.49  ? 181 ILE A CG1    1 
ATOM   332  C  CG2    . ILE A 1 39 ? -6.176  -5.188  7.826   1.00 37.19  ? 181 ILE A CG2    1 
ATOM   333  C  CD1    . ILE A 1 39 ? -6.370  -6.281  10.586  1.00 37.65  ? 181 ILE A CD1    1 
ATOM   334  N  N      . VAL A 1 40 ? -5.191  -6.153  5.013   1.00 29.12  ? 182 VAL A N      1 
ATOM   335  C  CA     . VAL A 1 40 ? -4.848  -5.111  4.050   1.00 28.48  ? 182 VAL A CA     1 
ATOM   336  C  C      . VAL A 1 40 ? -5.281  -3.775  4.641   1.00 31.44  ? 182 VAL A C      1 
ATOM   337  O  O      . VAL A 1 40 ? -6.464  -3.562  4.883   1.00 32.65  ? 182 VAL A O      1 
ATOM   338  C  CB     . VAL A 1 40 ? -5.515  -5.325  2.670   1.00 34.12  ? 182 VAL A CB     1 
ATOM   339  C  CG1    . VAL A 1 40 ? -5.177  -4.159  1.746   1.00 28.66  ? 182 VAL A CG1    1 
ATOM   340  C  CG2    . VAL A 1 40 ? -5.077  -6.654  2.043   1.00 38.65  ? 182 VAL A CG2    1 
ATOM   341  N  N      . PRO A 1 41 ? -4.322  -2.879  4.906   1.00 31.22  ? 183 PRO A N      1 
ATOM   342  C  CA     . PRO A 1 41 ? -4.657  -1.660  5.653   1.00 34.61  ? 183 PRO A CA     1 
ATOM   343  C  C      . PRO A 1 41 ? -5.269  -0.589  4.758   1.00 25.39  ? 183 PRO A C      1 
ATOM   344  O  O      . PRO A 1 41 ? -4.869  -0.448  3.592   1.00 25.45  ? 183 PRO A O      1 
ATOM   345  C  CB     . PRO A 1 41 ? -3.289  -1.179  6.168   1.00 29.85  ? 183 PRO A CB     1 
ATOM   346  C  CG     . PRO A 1 41 ? -2.320  -2.305  5.859   1.00 30.05  ? 183 PRO A CG     1 
ATOM   347  C  CD     . PRO A 1 41 ? -2.874  -2.973  4.657   1.00 25.53  ? 183 PRO A CD     1 
ATOM   348  N  N      . HIS A 1 42 ? -6.241  0.146   5.301   1.00 29.96  ? 184 HIS A N      1 
ATOM   349  C  CA     . HIS A 1 42 ? -6.785  1.320   4.617   1.00 34.08  ? 184 HIS A CA     1 
ATOM   350  C  C      . HIS A 1 42 ? -6.903  2.519   5.569   1.00 32.47  ? 184 HIS A C      1 
ATOM   351  O  O      . HIS A 1 42 ? -6.391  2.497   6.692   1.00 33.01  ? 184 HIS A O      1 
ATOM   352  C  CB     . HIS A 1 42 ? -8.133  1.011   3.947   1.00 35.30  ? 184 HIS A CB     1 
ATOM   353  C  CG     . HIS A 1 42 ? -8.075  -0.112  2.960   1.00 34.64  ? 184 HIS A CG     1 
ATOM   354  N  ND1    . HIS A 1 42 ? -7.576  0.039   1.683   1.00 33.64  ? 184 HIS A ND1    1 
ATOM   355  C  CD2    . HIS A 1 42 ? -8.445  -1.413  3.069   1.00 35.64  ? 184 HIS A CD2    1 
ATOM   356  C  CE1    . HIS A 1 42 ? -7.645  -1.119  1.046   1.00 39.70  ? 184 HIS A CE1    1 
ATOM   357  N  NE2    . HIS A 1 42 ? -8.172  -2.013  1.864   1.00 36.02  ? 184 HIS A NE2    1 
ATOM   358  N  N      . GLY A 1 43 ? -7.560  3.580   5.105   1.00 36.05  ? 185 GLY A N      1 
ATOM   359  C  CA     . GLY A 1 43 ? -7.574  4.822   5.840   1.00 31.10  ? 185 GLY A CA     1 
ATOM   360  C  C      . GLY A 1 43 ? -8.114  4.734   7.248   1.00 36.09  ? 185 GLY A C      1 
ATOM   361  O  O      . GLY A 1 43 ? -7.586  5.386   8.160   1.00 42.86  ? 185 GLY A O      1 
ATOM   362  N  N      . ASP A 1 44 ? -9.160  3.943   7.457   1.00 36.00  ? 186 ASP A N      1 
ATOM   363  C  CA     . ASP A 1 44 ? -9.728  3.897   8.804   1.00 45.92  ? 186 ASP A CA     1 
ATOM   364  C  C      . ASP A 1 44 ? -9.224  2.721   9.632   1.00 36.28  ? 186 ASP A C      1 
ATOM   365  O  O      . ASP A 1 44 ? -9.663  2.513   10.741  1.00 37.42  ? 186 ASP A O      1 
ATOM   366  C  CB     . ASP A 1 44 ? -11.261 4.078   8.848   1.00 60.73  ? 186 ASP A CB     1 
ATOM   367  C  CG     . ASP A 1 44 ? -12.027 2.988   8.126   1.00 64.74  ? 186 ASP A CG     1 
ATOM   368  O  OD1    . ASP A 1 44 ? -11.596 1.816   8.151   1.00 67.14  ? 186 ASP A OD1    1 
ATOM   369  O  OD2    . ASP A 1 44 ? -13.093 3.316   7.551   1.00 64.93  ? 186 ASP A OD2    1 
ATOM   370  N  N      . THR A 1 45 ? -8.270  1.979   9.078   1.00 37.49  ? 187 THR A N      1 
ATOM   371  C  CA     . THR A 1 45 ? -7.518  0.998   9.852   1.00 30.41  ? 187 THR A CA     1 
ATOM   372  C  C      . THR A 1 45 ? -6.808  1.700   11.008  1.00 38.15  ? 187 THR A C      1 
ATOM   373  O  O      . THR A 1 45 ? -6.077  2.681   10.796  1.00 34.22  ? 187 THR A O      1 
ATOM   374  C  CB     . THR A 1 45 ? -6.455  0.295   8.983   1.00 31.24  ? 187 THR A CB     1 
ATOM   375  O  OG1    . THR A 1 45 ? -7.086  -0.375  7.881   1.00 32.89  ? 187 THR A OG1    1 
ATOM   376  C  CG2    . THR A 1 45 ? -5.683  -0.692  9.798   1.00 28.31  ? 187 THR A CG2    1 
ATOM   377  N  N      . GLN A 1 46 ? -7.051  1.214   12.224  1.00 35.70  ? 188 GLN A N      1 
ATOM   378  C  CA     . GLN A 1 46 ? -6.414  1.737   13.427  1.00 40.42  ? 188 GLN A CA     1 
ATOM   379  C  C      . GLN A 1 46 ? -5.189  0.920   13.790  1.00 44.57  ? 188 GLN A C      1 
ATOM   380  O  O      . GLN A 1 46 ? -5.211  -0.311  13.726  1.00 50.95  ? 188 GLN A O      1 
ATOM   381  C  CB     . GLN A 1 46 ? -7.362  1.655   14.626  1.00 43.05  ? 188 GLN A CB     1 
ATOM   382  C  CG     . GLN A 1 46 ? -8.553  2.564   14.611  1.00 47.99  ? 188 GLN A CG     1 
ATOM   383  C  CD     . GLN A 1 46 ? -9.262  2.554   15.959  1.00 52.20  ? 188 GLN A CD     1 
ATOM   384  O  OE1    . GLN A 1 46 ? -8.824  1.889   16.890  1.00 49.71  ? 188 GLN A OE1    1 
ATOM   385  N  NE2    . GLN A 1 46 ? -10.350 3.304   16.065  1.00 58.61  ? 188 GLN A NE2    1 
ATOM   386  N  N      . LEU A 1 47 ? -4.131  1.594   14.215  1.00 34.66  ? 189 LEU A N      1 
ATOM   387  C  CA     . LEU A 1 47 ? -2.994  0.887   14.775  1.00 35.81  ? 189 LEU A CA     1 
ATOM   388  C  C      . LEU A 1 47 ? -3.363  0.296   16.125  1.00 41.03  ? 189 LEU A C      1 
ATOM   389  O  O      . LEU A 1 47 ? -4.199  0.841   16.846  1.00 39.82  ? 189 LEU A O      1 
ATOM   390  C  CB     . LEU A 1 47 ? -1.777  1.802   14.876  1.00 40.50  ? 189 LEU A CB     1 
ATOM   391  C  CG     . LEU A 1 47 ? -1.280  2.294   13.509  1.00 41.06  ? 189 LEU A CG     1 
ATOM   392  C  CD1    . LEU A 1 47 ? -0.160  3.312   13.663  1.00 37.07  ? 189 LEU A CD1    1 
ATOM   393  C  CD2    . LEU A 1 47 ? -0.842  1.113   12.618  1.00 37.26  ? 189 LEU A CD2    1 
ATOM   394  N  N      . ARG A 1 48 ? -2.772  -0.851  16.441  1.00 34.91  ? 190 ARG A N      1 
ATOM   395  C  CA     . ARG A 1 48 ? -2.975  -1.486  17.738  1.00 36.32  ? 190 ARG A CA     1 
ATOM   396  C  C      . ARG A 1 48 ? -1.630  -1.891  18.299  1.00 35.06  ? 190 ARG A C      1 
ATOM   397  O  O      . ARG A 1 48 ? -0.720  -2.222  17.542  1.00 30.31  ? 190 ARG A O      1 
ATOM   398  C  CB     . ARG A 1 48 ? -3.864  -2.726  17.588  1.00 44.64  ? 190 ARG A CB     1 
ATOM   399  C  CG     . ARG A 1 48 ? -5.323  -2.402  17.393  1.00 49.63  ? 190 ARG A CG     1 
ATOM   400  C  CD     . ARG A 1 48 ? -5.970  -2.150  18.736  1.00 60.35  ? 190 ARG A CD     1 
ATOM   401  N  NE     . ARG A 1 48 ? -7.265  -1.489  18.635  1.00 70.35  ? 190 ARG A NE     1 
ATOM   402  C  CZ     . ARG A 1 48 ? -8.371  -2.075  18.189  1.00 82.66  ? 190 ARG A CZ     1 
ATOM   403  N  NH1    . ARG A 1 48 ? -8.341  -3.335  17.765  1.00 86.88  ? 190 ARG A NH1    1 
ATOM   404  N  NH2    . ARG A 1 48 ? -9.508  -1.392  18.144  1.00 86.48  ? 190 ARG A NH2    1 
ATOM   405  N  N      . TYR A 1 49 ? -1.504  -1.872  19.623  1.00 32.14  ? 191 TYR A N      1 
ATOM   406  C  CA     . TYR A 1 49 ? -0.263  -2.299  20.248  1.00 29.85  ? 191 TYR A CA     1 
ATOM   407  C  C      . TYR A 1 49 ? 0.077   -3.726  19.834  1.00 31.59  ? 191 TYR A C      1 
ATOM   408  O  O      . TYR A 1 49 ? -0.786  -4.601  19.839  1.00 40.43  ? 191 TYR A O      1 
ATOM   409  C  CB     . TYR A 1 49 ? -0.359  -2.239  21.774  1.00 38.53  ? 191 TYR A CB     1 
ATOM   410  C  CG     . TYR A 1 49 ? 0.976   -2.469  22.438  1.00 35.87  ? 191 TYR A CG     1 
ATOM   411  C  CD1    . TYR A 1 49 ? 1.374   -3.738  22.830  1.00 44.43  ? 191 TYR A CD1    1 
ATOM   412  C  CD2    . TYR A 1 49 ? 1.852   -1.414  22.640  1.00 46.24  ? 191 TYR A CD2    1 
ATOM   413  C  CE1    . TYR A 1 49 ? 2.607   -3.945  23.422  1.00 47.13  ? 191 TYR A CE1    1 
ATOM   414  C  CE2    . TYR A 1 49 ? 3.078   -1.607  23.226  1.00 44.73  ? 191 TYR A CE2    1 
ATOM   415  C  CZ     . TYR A 1 49 ? 3.452   -2.867  23.614  1.00 52.50  ? 191 TYR A CZ     1 
ATOM   416  O  OH     . TYR A 1 49 ? 4.682   -3.037  24.201  1.00 62.14  ? 191 TYR A OH     1 
ATOM   417  N  N      . GLY A 1 50 ? 1.337   -3.957  19.479  1.00 31.65  ? 192 GLY A N      1 
ATOM   418  C  CA     . GLY A 1 50 ? 1.786   -5.281  19.107  1.00 33.95  ? 192 GLY A CA     1 
ATOM   419  C  C      . GLY A 1 50 ? 1.620   -5.610  17.626  1.00 39.79  ? 192 GLY A C      1 
ATOM   420  O  O      . GLY A 1 50 ? 2.081   -6.669  17.180  1.00 34.91  ? 192 GLY A O      1 
ATOM   421  N  N      . ASP A 1 51 ? 0.958   -4.727  16.872  1.00 30.97  ? 193 ASP A N      1 
ATOM   422  C  CA     . ASP A 1 51 ? 0.814   -4.924  15.430  1.00 28.21  ? 193 ASP A CA     1 
ATOM   423  C  C      . ASP A 1 51 ? 2.178   -5.181  14.798  1.00 27.94  ? 193 ASP A C      1 
ATOM   424  O  O      . ASP A 1 51 ? 3.172   -4.563  15.182  1.00 34.23  ? 193 ASP A O      1 
ATOM   425  C  CB     . ASP A 1 51 ? 0.215   -3.682  14.770  1.00 26.70  ? 193 ASP A CB     1 
ATOM   426  C  CG     . ASP A 1 51 ? -1.301  -3.640  14.839  1.00 34.72  ? 193 ASP A CG     1 
ATOM   427  O  OD1    . ASP A 1 51 ? -1.916  -4.642  15.255  1.00 32.94  ? 193 ASP A OD1    1 
ATOM   428  O  OD2    . ASP A 1 51 ? -1.864  -2.595  14.450  1.00 32.33  ? 193 ASP A OD2    1 
ATOM   429  N  N      . ARG A 1 52 ? 2.207   -6.084  13.829  1.00 31.48  ? 194 ARG A N      1 
ATOM   430  C  CA     . ARG A 1 52 ? 3.374   -6.277  12.985  1.00 26.50  ? 194 ARG A CA     1 
ATOM   431  C  C      . ARG A 1 52 ? 3.080   -5.594  11.654  1.00 29.57  ? 194 ARG A C      1 
ATOM   432  O  O      . ARG A 1 52 ? 2.228   -6.047  10.888  1.00 30.33  ? 194 ARG A O      1 
ATOM   433  C  CB     . ARG A 1 52 ? 3.628   -7.763  12.743  1.00 35.98  ? 194 ARG A CB     1 
ATOM   434  C  CG     . ARG A 1 52 ? 4.422   -8.485  13.827  1.00 45.15  ? 194 ARG A CG     1 
ATOM   435  C  CD     . ARG A 1 52 ? 4.665   -9.946  13.441  1.00 54.59  ? 194 ARG A CD     1 
ATOM   436  N  NE     . ARG A 1 52 ? 5.468   -10.075 12.223  1.00 49.42  ? 194 ARG A NE     1 
ATOM   437  C  CZ     . ARG A 1 52 ? 5.453   -11.135 11.417  1.00 53.50  ? 194 ARG A CZ     1 
ATOM   438  N  NH1    . ARG A 1 52 ? 4.671   -12.170 11.685  1.00 51.37  ? 194 ARG A NH1    1 
ATOM   439  N  NH2    . ARG A 1 52 ? 6.212   -11.158 10.332  1.00 50.12  ? 194 ARG A NH2    1 
ATOM   440  N  N      . LEU A 1 53 ? 3.767   -4.487  11.398  1.00 25.06  ? 195 LEU A N      1 
ATOM   441  C  CA     . LEU A 1 53 ? 3.494   -3.679  10.229  1.00 21.49  ? 195 LEU A CA     1 
ATOM   442  C  C      . LEU A 1 53 ? 4.459   -4.053  9.120   1.00 23.87  ? 195 LEU A C      1 
ATOM   443  O  O      . LEU A 1 53 ? 5.673   -4.005  9.309   1.00 33.96  ? 195 LEU A O      1 
ATOM   444  C  CB     . LEU A 1 53 ? 3.711   -2.186  10.555  1.00 20.24  ? 195 LEU A CB     1 
ATOM   445  C  CG     . LEU A 1 53 ? 3.063   -1.703  11.858  1.00 28.46  ? 195 LEU A CG     1 
ATOM   446  C  CD1    . LEU A 1 53 ? 3.614   -0.318  12.203  1.00 31.59  ? 195 LEU A CD1    1 
ATOM   447  C  CD2    . LEU A 1 53 ? 1.550   -1.690  11.710  1.00 27.60  ? 195 LEU A CD2    1 
ATOM   448  N  N      . ILE A 1 54 ? 3.912   -4.376  7.962   1.00 20.77  ? 196 ILE A N      1 
ATOM   449  C  CA     . ILE A 1 54 ? 4.734   -4.636  6.782   1.00 21.88  ? 196 ILE A CA     1 
ATOM   450  C  C      . ILE A 1 54 ? 4.619   -3.398  5.923   1.00 29.61  ? 196 ILE A C      1 
ATOM   451  O  O      . ILE A 1 54 ? 3.530   -3.051  5.461   1.00 26.12  ? 196 ILE A O      1 
ATOM   452  C  CB     . ILE A 1 54 ? 4.248   -5.883  6.053   1.00 26.23  ? 196 ILE A CB     1 
ATOM   453  C  CG1    . ILE A 1 54 ? 4.163   -7.033  7.062   1.00 26.71  ? 196 ILE A CG1    1 
ATOM   454  C  CG2    . ILE A 1 54 ? 5.163   -6.233  4.857   1.00 24.24  ? 196 ILE A CG2    1 
ATOM   455  C  CD1    . ILE A 1 54 ? 5.479   -7.308  7.813   1.00 31.79  ? 196 ILE A CD1    1 
ATOM   456  N  N      . VAL A 1 55 ? 5.740   -2.708  5.750   1.00 23.89  ? 197 VAL A N      1 
ATOM   457  C  CA     . VAL A 1 55 ? 5.726   -1.411  5.098   1.00 27.88  ? 197 VAL A CA     1 
ATOM   458  C  C      . VAL A 1 55 ? 6.686   -1.359  3.918   1.00 33.41  ? 197 VAL A C      1 
ATOM   459  O  O      . VAL A 1 55 ? 7.671   -2.095  3.850   1.00 29.14  ? 197 VAL A O      1 
ATOM   460  C  CB     . VAL A 1 55 ? 6.083   -0.285  6.082   1.00 32.22  ? 197 VAL A CB     1 
ATOM   461  C  CG1    . VAL A 1 55 ? 5.251   -0.396  7.338   1.00 41.97  ? 197 VAL A CG1    1 
ATOM   462  C  CG2    . VAL A 1 55 ? 7.565   -0.331  6.429   1.00 36.42  ? 197 VAL A CG2    1 
ATOM   463  N  N      . THR A 1 56 ? 6.390   -0.476  2.984   1.00 31.78  ? 198 THR A N      1 
ATOM   464  C  CA     . THR A 1 56 ? 7.317   -0.241  1.894   1.00 30.45  ? 198 THR A CA     1 
ATOM   465  C  C      . THR A 1 56 ? 7.568   1.260   1.746   1.00 36.15  ? 198 THR A C      1 
ATOM   466  O  O      . THR A 1 56 ? 6.692   2.083   2.037   1.00 33.30  ? 198 THR A O      1 
ATOM   467  C  CB     . THR A 1 56 ? 6.823   -0.861  0.599   1.00 33.85  ? 198 THR A CB     1 
ATOM   468  O  OG1    . THR A 1 56 ? 7.920   -0.954  -0.320  1.00 32.90  ? 198 THR A OG1    1 
ATOM   469  C  CG2    . THR A 1 56 ? 5.702   -0.046  0.003   1.00 26.95  ? 198 THR A CG2    1 
ATOM   470  N  N      . GLY A 1 57 ? 8.782   1.603   1.334   1.00 38.83  ? 199 GLY A N      1 
ATOM   471  C  CA     . GLY A 1 57 ? 9.200   2.992   1.237   1.00 43.86  ? 199 GLY A CA     1 
ATOM   472  C  C      . GLY A 1 57 ? 10.716  3.060   1.246   1.00 48.95  ? 199 GLY A C      1 
ATOM   473  O  O      . GLY A 1 57 ? 11.388  2.036   1.376   1.00 52.87  ? 199 GLY A O      1 
ATOM   474  N  N      . ALA A 1 58 ? 11.272  4.256   1.109   1.00 50.42  ? 200 ALA A N      1 
ATOM   475  C  CA     . ALA A 1 58 ? 12.726  4.375   1.127   1.00 58.65  ? 200 ALA A CA     1 
ATOM   476  C  C      . ALA A 1 58 ? 13.258  4.171   2.542   1.00 52.77  ? 200 ALA A C      1 
ATOM   477  O  O      . ALA A 1 58 ? 12.674  4.659   3.507   1.00 50.25  ? 200 ALA A O      1 
ATOM   478  C  CB     . ALA A 1 58 ? 13.174  5.700   0.549   1.00 67.23  ? 200 ALA A CB     1 
ATOM   479  N  N      . LYS A 1 59 ? 14.361  3.428   2.637   1.00 50.35  ? 201 LYS A N      1 
ATOM   480  C  CA     . LYS A 1 59 ? 14.958  2.987   3.901   1.00 49.44  ? 201 LYS A CA     1 
ATOM   481  C  C      . LYS A 1 59 ? 15.028  4.075   4.977   1.00 54.99  ? 201 LYS A C      1 
ATOM   482  O  O      . LYS A 1 59 ? 14.846  3.793   6.167   1.00 52.42  ? 201 LYS A O      1 
ATOM   483  C  CB     . LYS A 1 59 ? 16.350  2.404   3.624   1.00 56.96  ? 201 LYS A CB     1 
ATOM   484  C  CG     . LYS A 1 59 ? 17.225  2.156   4.847   1.00 71.11  ? 201 LYS A CG     1 
ATOM   485  C  CD     . LYS A 1 59 ? 16.849  0.886   5.594   1.00 72.28  ? 201 LYS A CD     1 
ATOM   486  C  CE     . LYS A 1 59 ? 17.923  0.536   6.623   1.00 80.75  ? 201 LYS A CE     1 
ATOM   487  N  NZ     . LYS A 1 59 ? 17.490  -0.500  7.604   1.00 80.95  ? 201 LYS A NZ     1 
ATOM   488  N  N      . GLU A 1 60 ? 15.267  5.315   4.548   1.00 61.18  ? 202 GLU A N      1 
ATOM   489  C  CA     . GLU A 1 60 ? 15.362  6.467   5.449   1.00 61.42  ? 202 GLU A CA     1 
ATOM   490  C  C      . GLU A 1 60 ? 14.098  6.651   6.289   1.00 60.21  ? 202 GLU A C      1 
ATOM   491  O  O      . GLU A 1 60 ? 14.150  6.620   7.523   1.00 65.19  ? 202 GLU A O      1 
ATOM   492  C  CB     . GLU A 1 60 ? 15.619  7.750   4.651   1.00 75.03  ? 202 GLU A CB     1 
ATOM   493  C  CG     . GLU A 1 60 ? 16.684  7.626   3.562   1.00 88.27  ? 202 GLU A CG     1 
ATOM   494  C  CD     . GLU A 1 60 ? 16.095  7.348   2.185   1.00 92.14  ? 202 GLU A CD     1 
ATOM   495  O  OE1    . GLU A 1 60 ? 16.581  6.425   1.499   1.00 85.25  ? 202 GLU A OE1    1 
ATOM   496  O  OE2    . GLU A 1 60 ? 15.151  8.063   1.786   1.00 98.73  ? 202 GLU A OE2    1 
ATOM   497  N  N      . TYR A 1 61 ? 12.972  6.848   5.604   1.00 56.52  ? 203 TYR A N      1 
ATOM   498  C  CA     . TYR A 1 61 ? 11.668  7.021   6.241   1.00 52.09  ? 203 TYR A CA     1 
ATOM   499  C  C      . TYR A 1 61 ? 11.251  5.775   7.027   1.00 47.32  ? 203 TYR A C      1 
ATOM   500  O  O      . TYR A 1 61 ? 10.711  5.878   8.130   1.00 43.89  ? 203 TYR A O      1 
ATOM   501  C  CB     . TYR A 1 61 ? 10.603  7.353   5.192   1.00 65.83  ? 203 TYR A CB     1 
ATOM   502  C  CG     . TYR A 1 61 ? 11.098  8.187   4.029   1.00 82.78  ? 203 TYR A CG     1 
ATOM   503  C  CD1    . TYR A 1 61 ? 11.162  7.655   2.748   1.00 91.85  ? 203 TYR A CD1    1 
ATOM   504  C  CD2    . TYR A 1 61 ? 11.500  9.504   4.207   1.00 87.19  ? 203 TYR A CD2    1 
ATOM   505  C  CE1    . TYR A 1 61 ? 11.608  8.411   1.680   1.00 100.94 ? 203 TYR A CE1    1 
ATOM   506  C  CE2    . TYR A 1 61 ? 11.953  10.267  3.144   1.00 97.12  ? 203 TYR A CE2    1 
ATOM   507  C  CZ     . TYR A 1 61 ? 12.008  9.715   1.882   1.00 104.28 ? 203 TYR A CZ     1 
ATOM   508  O  OH     . TYR A 1 61 ? 12.458  10.464  0.814   1.00 110.40 ? 203 TYR A OH     1 
ATOM   509  N  N      . VAL A 1 62 ? 11.493  4.605   6.448   1.00 49.26  ? 204 VAL A N      1 
ATOM   510  C  CA     . VAL A 1 62 ? 11.290  3.347   7.156   1.00 47.58  ? 204 VAL A CA     1 
ATOM   511  C  C      . VAL A 1 62 ? 12.054  3.332   8.478   1.00 51.27  ? 204 VAL A C      1 
ATOM   512  O  O      . VAL A 1 62 ? 11.485  3.045   9.534   1.00 43.60  ? 204 VAL A O      1 
ATOM   513  C  CB     . VAL A 1 62 ? 11.708  2.148   6.290   1.00 50.07  ? 204 VAL A CB     1 
ATOM   514  C  CG1    . VAL A 1 62 ? 11.871  0.906   7.142   1.00 49.83  ? 204 VAL A CG1    1 
ATOM   515  C  CG2    . VAL A 1 62 ? 10.685  1.921   5.196   1.00 49.87  ? 204 VAL A CG2    1 
ATOM   516  N  N      . ASP A 1 63 ? 13.340  3.661   8.428   1.00 56.09  ? 205 ASP A N      1 
ATOM   517  C  CA     . ASP A 1 63 ? 14.137  3.735   9.647   1.00 50.98  ? 205 ASP A CA     1 
ATOM   518  C  C      . ASP A 1 63 ? 13.562  4.769   10.607  1.00 46.70  ? 205 ASP A C      1 
ATOM   519  O  O      . ASP A 1 63 ? 13.507  4.550   11.820  1.00 46.03  ? 205 ASP A O      1 
ATOM   520  C  CB     . ASP A 1 63 ? 15.593  4.070   9.322   1.00 59.03  ? 205 ASP A CB     1 
ATOM   521  C  CG     . ASP A 1 63 ? 16.421  2.843   8.996   1.00 71.67  ? 205 ASP A CG     1 
ATOM   522  O  OD1    . ASP A 1 63 ? 15.972  1.722   9.303   1.00 70.31  ? 205 ASP A OD1    1 
ATOM   523  O  OD2    . ASP A 1 63 ? 17.531  3.009   8.446   1.00 81.97  ? 205 ASP A OD2    1 
ATOM   524  N  N      . GLU A 1 64 ? 13.127  5.893   10.047  1.00 55.04  ? 206 GLU A N      1 
ATOM   525  C  CA     . GLU A 1 64 ? 12.547  6.976   10.826  1.00 58.87  ? 206 GLU A CA     1 
ATOM   526  C  C      . GLU A 1 64 ? 11.296  6.483   11.541  1.00 58.63  ? 206 GLU A C      1 
ATOM   527  O  O      . GLU A 1 64 ? 11.137  6.654   12.757  1.00 56.59  ? 206 GLU A O      1 
ATOM   528  C  CB     . GLU A 1 64 ? 12.192  8.131   9.898   1.00 73.72  ? 206 GLU A CB     1 
ATOM   529  C  CG     . GLU A 1 64 ? 12.263  9.498   10.529  1.00 80.28  ? 206 GLU A CG     1 
ATOM   530  C  CD     . GLU A 1 64 ? 12.156  10.596  9.496   1.00 90.34  ? 206 GLU A CD     1 
ATOM   531  O  OE1    . GLU A 1 64 ? 12.894  10.535  8.488   1.00 90.22  ? 206 GLU A OE1    1 
ATOM   532  O  OE2    . GLU A 1 64 ? 11.325  11.508  9.683   1.00 96.14  ? 206 GLU A OE2    1 
ATOM   533  N  N      . LEU A 1 65 ? 10.412  5.856   10.777  1.00 49.21  ? 207 LEU A N      1 
ATOM   534  C  CA     . LEU A 1 65 ? 9.190   5.297   11.333  1.00 43.00  ? 207 LEU A CA     1 
ATOM   535  C  C      . LEU A 1 65 ? 9.478   4.222   12.368  1.00 33.98  ? 207 LEU A C      1 
ATOM   536  O  O      . LEU A 1 65 ? 8.800   4.133   13.397  1.00 42.14  ? 207 LEU A O      1 
ATOM   537  C  CB     . LEU A 1 65 ? 8.333   4.710   10.224  1.00 39.52  ? 207 LEU A CB     1 
ATOM   538  C  CG     . LEU A 1 65 ? 6.906   4.461   10.707  1.00 49.03  ? 207 LEU A CG     1 
ATOM   539  C  CD1    . LEU A 1 65 ? 6.148   5.761   10.678  1.00 45.45  ? 207 LEU A CD1    1 
ATOM   540  C  CD2    . LEU A 1 65 ? 6.208   3.411   9.864   1.00 51.79  ? 207 LEU A CD2    1 
ATOM   541  N  N      . LYS A 1 66 ? 10.475  3.391   12.087  1.00 46.36  ? 208 LYS A N      1 
ATOM   542  C  CA     . LYS A 1 66 ? 10.839  2.311   12.992  1.00 46.99  ? 208 LYS A CA     1 
ATOM   543  C  C      . LYS A 1 66 ? 11.210  2.834   14.381  1.00 51.54  ? 208 LYS A C      1 
ATOM   544  O  O      . LYS A 1 66 ? 10.791  2.270   15.398  1.00 53.07  ? 208 LYS A O      1 
ATOM   545  C  CB     . LYS A 1 66 ? 11.984  1.484   12.401  1.00 55.45  ? 208 LYS A CB     1 
ATOM   546  C  CG     . LYS A 1 66 ? 12.003  0.036   12.859  1.00 55.94  ? 208 LYS A CG     1 
ATOM   547  C  CD     . LYS A 1 66 ? 13.209  -0.720  12.314  1.00 63.56  ? 208 LYS A CD     1 
ATOM   548  C  CE     . LYS A 1 66 ? 13.209  -2.173  12.780  1.00 68.52  ? 208 LYS A CE     1 
ATOM   549  N  NZ     . LYS A 1 66 ? 14.551  -2.817  12.630  1.00 76.75  ? 208 LYS A NZ     1 
ATOM   550  N  N      . GLN A 1 67 ? 11.986  3.919   14.421  1.00 45.96  ? 209 GLN A N      1 
ATOM   551  C  CA     . GLN A 1 67 ? 12.390  4.515   15.687  1.00 57.70  ? 209 GLN A CA     1 
ATOM   552  C  C      . GLN A 1 67 ? 11.205  4.988   16.523  1.00 54.33  ? 209 GLN A C      1 
ATOM   553  O  O      . GLN A 1 67 ? 11.159  4.740   17.728  1.00 48.96  ? 209 GLN A O      1 
ATOM   554  C  CB     . GLN A 1 67 ? 13.372  5.664   15.461  1.00 63.61  ? 209 GLN A CB     1 
ATOM   555  C  CG     . GLN A 1 67 ? 14.819  5.272   15.690  1.00 72.73  ? 209 GLN A CG     1 
ATOM   556  C  CD     . GLN A 1 67 ? 15.705  6.465   15.984  1.00 84.31  ? 209 GLN A CD     1 
ATOM   557  O  OE1    . GLN A 1 67 ? 16.737  6.660   15.337  1.00 86.43  ? 209 GLN A OE1    1 
ATOM   558  N  NE2    . GLN A 1 67 ? 15.312  7.269   16.968  1.00 86.97  ? 209 GLN A NE2    1 
ATOM   559  N  N      . GLU A 1 68 ? 10.250  5.657   15.879  1.00 56.47  ? 210 GLU A N      1 
ATOM   560  C  CA     . GLU A 1 68 ? 9.068   6.158   16.581  1.00 55.52  ? 210 GLU A CA     1 
ATOM   561  C  C      . GLU A 1 68 ? 8.158   5.029   17.057  1.00 47.22  ? 210 GLU A C      1 
ATOM   562  O  O      . GLU A 1 68 ? 7.649   5.054   18.178  1.00 53.90  ? 210 GLU A O      1 
ATOM   563  C  CB     . GLU A 1 68 ? 8.276   7.133   15.701  1.00 52.72  ? 210 GLU A CB     1 
ATOM   564  C  CG     . GLU A 1 68 ? 8.220   8.558   16.239  1.00 71.46  ? 210 GLU A CG     1 
ATOM   565  C  CD     . GLU A 1 68 ? 7.862   8.558   17.724  1.00 76.65  ? 210 GLU A CD     1 
ATOM   566  O  OE1    . GLU A 1 68 ? 6.807   9.129   18.079  1.00 79.18  ? 210 GLU A OE1    1 
ATOM   567  O  OE2    . GLU A 1 68 ? 8.640   8.009   18.539  1.00 77.65  ? 210 GLU A OE2    1 
ATOM   568  N  N      . LEU A 1 69 ? 7.965   4.027   16.207  1.00 37.67  ? 211 LEU A N      1 
ATOM   569  C  CA     . LEU A 1 69 ? 7.004   2.959   16.513  1.00 33.26  ? 211 LEU A CA     1 
ATOM   570  C  C      . LEU A 1 69 ? 7.499   1.859   17.476  1.00 28.60  ? 211 LEU A C      1 
ATOM   571  O  O      . LEU A 1 69 ? 6.766   1.476   18.392  1.00 40.36  ? 211 LEU A O      1 
ATOM   572  C  CB     . LEU A 1 69 ? 6.406   2.383   15.220  1.00 36.19  ? 211 LEU A CB     1 
ATOM   573  C  CG     . LEU A 1 69 ? 5.579   3.400   14.435  1.00 35.31  ? 211 LEU A CG     1 
ATOM   574  C  CD1    . LEU A 1 69 ? 4.880   2.773   13.230  1.00 30.17  ? 211 LEU A CD1    1 
ATOM   575  C  CD2    . LEU A 1 69 ? 4.549   4.045   15.372  1.00 37.37  ? 211 LEU A CD2    1 
ATOM   576  N  N      . GLU A 1 70 ? 8.724   1.359   17.317  1.00 43.47  ? 212 GLU A N      1 
ATOM   577  C  CA     . GLU A 1 70 ? 9.194   0.305   18.224  1.00 44.22  ? 212 GLU A CA     1 
ATOM   578  C  C      . GLU A 1 70 ? 10.365  0.714   19.111  1.00 43.59  ? 212 GLU A C      1 
ATOM   579  O  O      . GLU A 1 70 ? 10.286  0.054   20.145  1.00 56.14  ? 212 GLU A O      1 
ATOM   580  C  CB     . GLU A 1 70 ? 9.502   -0.999  17.467  1.00 58.96  ? 212 GLU A CB     1 
ATOM   581  C  CG     . GLU A 1 70 ? 10.690  -0.964  16.517  1.00 60.34  ? 212 GLU A CG     1 
ATOM   582  C  CD     . GLU A 1 70 ? 10.943  -2.327  15.860  1.00 64.43  ? 212 GLU A CD     1 
ATOM   583  O  OE1    . GLU A 1 70 ? 11.939  -2.992  16.219  1.00 62.87  ? 212 GLU A OE1    1 
ATOM   584  O  OE2    . GLU A 1 70 ? 10.148  -2.739  14.985  1.00 54.46  ? 212 GLU A OE2    1 
ATOM   585  N  N      . THR B 1 1  ? 4.004   -12.268 1.984   1.00 40.94  ? 143 THR B N      1 
ATOM   586  C  CA     . THR B 1 1  ? 2.992   -11.358 1.466   1.00 40.38  ? 143 THR B CA     1 
ATOM   587  C  C      . THR B 1 1  ? 3.040   -11.470 -0.045  1.00 32.30  ? 143 THR B C      1 
ATOM   588  O  O      . THR B 1 1  ? 4.083   -11.243 -0.646  1.00 30.60  ? 143 THR B O      1 
ATOM   589  C  CB     . THR B 1 1  ? 3.305   -9.904  1.869   1.00 41.06  ? 143 THR B CB     1 
ATOM   590  O  OG1    . THR B 1 1  ? 3.262   -9.773  3.297   1.00 36.20  ? 143 THR B OG1    1 
ATOM   591  C  CG2    . THR B 1 1  ? 2.309   -8.937  1.234   1.00 33.93  ? 143 THR B CG2    1 
ATOM   592  N  N      . SER B 1 2  ? 1.934   -11.854 -0.664  1.00 29.47  ? 144 SER B N      1 
ATOM   593  C  CA     . SER B 1 2  ? 1.933   -12.008 -2.104  1.00 33.36  ? 144 SER B CA     1 
ATOM   594  C  C      . SER B 1 2  ? 1.792   -10.637 -2.747  1.00 36.79  ? 144 SER B C      1 
ATOM   595  O  O      . SER B 1 2  ? 0.966   -9.828  -2.316  1.00 35.74  ? 144 SER B O      1 
ATOM   596  C  CB     . SER B 1 2  ? 0.825   -12.961 -2.558  1.00 41.16  ? 144 SER B CB     1 
ATOM   597  O  OG     . SER B 1 2  ? 1.192   -14.310 -2.329  1.00 50.57  ? 144 SER B OG     1 
ATOM   598  N  N      . LEU B 1 3  ? 2.622   -10.369 -3.753  1.00 34.16  ? 145 LEU B N      1 
ATOM   599  C  CA     . LEU B 1 3  ? 2.444   -9.188  -4.597  1.00 28.21  ? 145 LEU B CA     1 
ATOM   600  C  C      . LEU B 1 3  ? 2.231   -9.656  -6.027  1.00 29.20  ? 145 LEU B C      1 
ATOM   601  O  O      . LEU B 1 3  ? 2.787   -10.680 -6.453  1.00 29.23  ? 145 LEU B O      1 
ATOM   602  C  CB     . LEU B 1 3  ? 3.654   -8.246  -4.518  1.00 28.26  ? 145 LEU B CB     1 
ATOM   603  C  CG     . LEU B 1 3  ? 4.168   -7.848  -3.143  1.00 31.65  ? 145 LEU B CG     1 
ATOM   604  C  CD1    . LEU B 1 3  ? 5.508   -7.146  -3.302  1.00 31.97  ? 145 LEU B CD1    1 
ATOM   605  C  CD2    . LEU B 1 3  ? 3.150   -6.964  -2.430  1.00 29.84  ? 145 LEU B CD2    1 
ATOM   606  N  N      . TYR B 1 4  ? 1.394   -8.935  -6.766  1.00 24.79  ? 146 TYR B N      1 
ATOM   607  C  CA     . TYR B 1 4  ? 1.126   -9.285  -8.149  1.00 24.53  ? 146 TYR B CA     1 
ATOM   608  C  C      . TYR B 1 4  ? 1.378   -8.067  -9.019  1.00 29.60  ? 146 TYR B C      1 
ATOM   609  O  O      . TYR B 1 4  ? 1.006   -6.963  -8.647  1.00 28.54  ? 146 TYR B O      1 
ATOM   610  C  CB     . TYR B 1 4  ? -0.323  -9.769  -8.294  1.00 30.52  ? 146 TYR B CB     1 
ATOM   611  C  CG     . TYR B 1 4  ? -0.659  -10.929 -7.371  1.00 32.83  ? 146 TYR B CG     1 
ATOM   612  C  CD1    . TYR B 1 4  ? -0.410  -12.251 -7.738  1.00 37.28  ? 146 TYR B CD1    1 
ATOM   613  C  CD2    . TYR B 1 4  ? -1.214  -10.693 -6.117  1.00 35.81  ? 146 TYR B CD2    1 
ATOM   614  C  CE1    . TYR B 1 4  ? -0.735  -13.317 -6.868  1.00 36.97  ? 146 TYR B CE1    1 
ATOM   615  C  CE2    . TYR B 1 4  ? -1.522  -11.734 -5.255  1.00 33.42  ? 146 TYR B CE2    1 
ATOM   616  C  CZ     . TYR B 1 4  ? -1.289  -13.035 -5.628  1.00 38.93  ? 146 TYR B CZ     1 
ATOM   617  O  OH     . TYR B 1 4  ? -1.622  -14.039 -4.733  1.00 42.09  ? 146 TYR B OH     1 
ATOM   618  N  N      . GLU B 1 5  ? 2.027   -8.269  -10.166 1.00 32.83  ? 147 GLU B N      1 
ATOM   619  C  CA     . GLU B 1 5  ? 2.222   -7.184  -11.127 1.00 27.53  ? 147 GLU B CA     1 
ATOM   620  C  C      . GLU B 1 5  ? 1.097   -7.139  -12.161 1.00 25.85  ? 147 GLU B C      1 
ATOM   621  O  O      . GLU B 1 5  ? 0.693   -8.163  -12.721 1.00 30.44  ? 147 GLU B O      1 
ATOM   622  C  CB     . GLU B 1 5  ? 3.561   -7.331  -11.849 1.00 35.78  ? 147 GLU B CB     1 
ATOM   623  C  CG     . GLU B 1 5  ? 3.707   -6.420  -13.062 1.00 32.36  ? 147 GLU B CG     1 
ATOM   624  C  CD     . GLU B 1 5  ? 5.115   -6.386  -13.599 1.00 46.05  ? 147 GLU B CD     1 
ATOM   625  O  OE1    . GLU B 1 5  ? 5.950   -7.154  -13.085 1.00 41.56  ? 147 GLU B OE1    1 
ATOM   626  O  OE2    . GLU B 1 5  ? 5.389   -5.585  -14.522 1.00 49.37  ? 147 GLU B OE2    1 
ATOM   627  N  N      . ILE B 1 6  ? 0.591   -5.933  -12.410 1.00 29.91  ? 148 ILE B N      1 
ATOM   628  C  CA     . ILE B 1 6  ? -0.470  -5.715  -13.385 1.00 24.96  ? 148 ILE B CA     1 
ATOM   629  C  C      . ILE B 1 6  ? -0.042  -4.558  -14.283 1.00 30.75  ? 148 ILE B C      1 
ATOM   630  O  O      . ILE B 1 6  ? 0.342   -3.495  -13.806 1.00 28.41  ? 148 ILE B O      1 
ATOM   631  C  CB     . ILE B 1 6  ? -1.782  -5.319  -12.706 1.00 30.22  ? 148 ILE B CB     1 
ATOM   632  C  CG1    . ILE B 1 6  ? -2.181  -6.360  -11.654 1.00 30.24  ? 148 ILE B CG1    1 
ATOM   633  C  CG2    . ILE B 1 6  ? -2.879  -5.162  -13.750 1.00 32.72  ? 148 ILE B CG2    1 
ATOM   634  C  CD1    . ILE B 1 6  ? -3.514  -6.065  -10.991 1.00 25.60  ? 148 ILE B CD1    1 
ATOM   635  N  N      . GLN B 1 7  ? -0.084  -4.765  -15.585 1.00 23.48  ? 149 GLN B N      1 
ATOM   636  C  CA     . GLN B 1 7  ? 0.305   -3.695  -16.487 1.00 26.78  ? 149 GLN B CA     1 
ATOM   637  C  C      . GLN B 1 7  ? -0.878  -2.786  -16.757 1.00 26.50  ? 149 GLN B C      1 
ATOM   638  O  O      . GLN B 1 7  ? -1.987  -3.264  -16.975 1.00 28.99  ? 149 GLN B O      1 
ATOM   639  C  CB     . GLN B 1 7  ? 0.815   -4.284  -17.797 1.00 27.49  ? 149 GLN B CB     1 
ATOM   640  C  CG     . GLN B 1 7  ? 2.111   -5.060  -17.671 1.00 31.10  ? 149 GLN B CG     1 
ATOM   641  C  CD     . GLN B 1 7  ? 2.367   -5.906  -18.886 1.00 35.29  ? 149 GLN B CD     1 
ATOM   642  O  OE1    . GLN B 1 7  ? 1.477   -6.622  -19.355 1.00 30.12  ? 149 GLN B OE1    1 
ATOM   643  N  NE2    . GLN B 1 7  ? 3.585   -5.826  -19.422 1.00 47.19  ? 149 GLN B NE2    1 
HETATM 644  N  N      . MSE B 1 8  ? -0.654  -1.476  -16.748 1.00 26.18  ? 150 MSE B N      1 
HETATM 645  C  CA     . MSE B 1 8  ? -1.772  -0.570  -16.984 1.00 33.33  ? 150 MSE B CA     1 
HETATM 646  C  C      . MSE B 1 8  ? -1.906  -0.311  -18.482 1.00 32.92  ? 150 MSE B C      1 
HETATM 647  O  O      . MSE B 1 8  ? -1.311  0.623   -19.029 1.00 31.01  ? 150 MSE B O      1 
HETATM 648  C  CB     . MSE B 1 8  ? -1.590  0.744   -16.242 1.00 33.30  ? 150 MSE B CB     1 
HETATM 649  C  CG     . MSE B 1 8  ? -2.899  1.265   -15.669 1.00 37.66  ? 150 MSE B CG     1 
HETATM 650  SE SE     . MSE B 1 8  ? -4.248  1.590   -17.044 0.47 45.85  ? 150 MSE B SE     1 
HETATM 651  C  CE     . MSE B 1 8  ? -3.520  3.192   -17.817 1.00 42.06  ? 150 MSE B CE     1 
ATOM   652  N  N      . LEU B 1 9  ? -2.701  -1.136  -19.143 1.00 29.60  ? 151 LEU B N      1 
ATOM   653  C  CA     . LEU B 1 9  ? -2.751  -1.093  -20.601 1.00 29.37  ? 151 LEU B CA     1 
ATOM   654  C  C      . LEU B 1 9  ? -4.080  -0.574  -21.133 1.00 27.48  ? 151 LEU B C      1 
ATOM   655  O  O      . LEU B 1 9  ? -4.395  -0.727  -22.315 1.00 30.36  ? 151 LEU B O      1 
ATOM   656  C  CB     . LEU B 1 9  ? -2.444  -2.478  -21.160 1.00 31.92  ? 151 LEU B CB     1 
ATOM   657  C  CG     . LEU B 1 9  ? -1.089  -2.966  -20.667 1.00 31.90  ? 151 LEU B CG     1 
ATOM   658  C  CD1    . LEU B 1 9  ? -0.807  -4.395  -21.112 1.00 29.80  ? 151 LEU B CD1    1 
ATOM   659  C  CD2    . LEU B 1 9  ? -0.015  -2.006  -21.136 1.00 30.43  ? 151 LEU B CD2    1 
ATOM   660  N  N      . ASN B 1 10 ? -4.859  0.022   -20.249 1.00 30.71  ? 152 ASN B N      1 
ATOM   661  C  CA     . ASN B 1 10 ? -6.196  0.468   -20.591 1.00 37.71  ? 152 ASN B CA     1 
ATOM   662  C  C      . ASN B 1 10 ? -6.261  1.974   -20.501 1.00 37.99  ? 152 ASN B C      1 
ATOM   663  O  O      . ASN B 1 10 ? -6.313  2.545   -19.405 1.00 34.48  ? 152 ASN B O      1 
ATOM   664  C  CB     . ASN B 1 10 ? -7.234  -0.148  -19.647 1.00 37.90  ? 152 ASN B CB     1 
ATOM   665  C  CG     . ASN B 1 10 ? -8.642  -0.064  -20.205 1.00 40.85  ? 152 ASN B CG     1 
ATOM   666  O  OD1    . ASN B 1 10 ? -8.921  0.748   -21.084 1.00 37.10  ? 152 ASN B OD1    1 
ATOM   667  N  ND2    . ASN B 1 10 ? -9.533  -0.915  -19.706 1.00 36.75  ? 152 ASN B ND2    1 
ATOM   668  N  N      . TYR B 1 11 ? -6.239  2.609   -21.669 1.00 32.90  ? 153 TYR B N      1 
ATOM   669  C  CA     . TYR B 1 11 ? -6.341  4.062   -21.786 1.00 38.75  ? 153 TYR B CA     1 
ATOM   670  C  C      . TYR B 1 11 ? -7.585  4.627   -21.102 1.00 45.61  ? 153 TYR B C      1 
ATOM   671  O  O      . TYR B 1 11 ? -7.633  5.818   -20.761 1.00 42.90  ? 153 TYR B O      1 
ATOM   672  C  CB     . TYR B 1 11 ? -6.365  4.457   -23.260 1.00 39.79  ? 153 TYR B CB     1 
ATOM   673  C  CG     . TYR B 1 11 ? -5.011  4.478   -23.914 1.00 40.91  ? 153 TYR B CG     1 
ATOM   674  C  CD1    . TYR B 1 11 ? -4.058  5.418   -23.542 1.00 43.48  ? 153 TYR B CD1    1 
ATOM   675  C  CD2    . TYR B 1 11 ? -4.689  3.571   -24.907 1.00 42.19  ? 153 TYR B CD2    1 
ATOM   676  C  CE1    . TYR B 1 11 ? -2.815  5.451   -24.145 1.00 50.80  ? 153 TYR B CE1    1 
ATOM   677  C  CE2    . TYR B 1 11 ? -3.443  3.594   -25.519 1.00 48.04  ? 153 TYR B CE2    1 
ATOM   678  C  CZ     . TYR B 1 11 ? -2.513  4.541   -25.133 1.00 47.13  ? 153 TYR B CZ     1 
ATOM   679  O  OH     . TYR B 1 11 ? -1.272  4.578   -25.730 1.00 45.35  ? 153 TYR B OH     1 
ATOM   680  N  N      . LYS B 1 12 ? -8.589  3.772   -20.920 1.00 44.87  ? 154 LYS B N      1 
ATOM   681  C  CA     . LYS B 1 12 ? -9.808  4.145   -20.209 1.00 47.95  ? 154 LYS B CA     1 
ATOM   682  C  C      . LYS B 1 12 ? -9.481  4.698   -18.832 1.00 48.99  ? 154 LYS B C      1 
ATOM   683  O  O      . LYS B 1 12 ? -10.147 5.612   -18.360 1.00 51.75  ? 154 LYS B O      1 
ATOM   684  C  CB     . LYS B 1 12 ? -10.735 2.936   -20.064 1.00 54.61  ? 154 LYS B CB     1 
ATOM   685  C  CG     . LYS B 1 12 ? -11.962 3.159   -19.185 1.00 69.19  ? 154 LYS B CG     1 
ATOM   686  C  CD     . LYS B 1 12 ? -12.525 1.831   -18.653 1.00 73.05  ? 154 LYS B CD     1 
ATOM   687  C  CE     . LYS B 1 12 ? -14.041 1.728   -18.840 1.00 82.41  ? 154 LYS B CE     1 
ATOM   688  N  NZ     . LYS B 1 12 ? -14.733 1.072   -17.685 1.00 81.56  ? 154 LYS B NZ     1 
ATOM   689  N  N      . TYR B 1 13 ? -8.443  4.161   -18.198 1.00 47.54  ? 155 TYR B N      1 
ATOM   690  C  CA     . TYR B 1 13 ? -8.128  4.532   -16.822 1.00 54.44  ? 155 TYR B CA     1 
ATOM   691  C  C      . TYR B 1 13 ? -6.948  5.474   -16.698 1.00 52.47  ? 155 TYR B C      1 
ATOM   692  O  O      . TYR B 1 13 ? -6.548  5.816   -15.589 1.00 52.20  ? 155 TYR B O      1 
ATOM   693  C  CB     . TYR B 1 13 ? -7.834  3.284   -15.987 1.00 53.09  ? 155 TYR B CB     1 
ATOM   694  C  CG     . TYR B 1 13 ? -9.013  2.371   -15.803 1.00 55.29  ? 155 TYR B CG     1 
ATOM   695  C  CD1    . TYR B 1 13 ? -10.002 2.673   -14.885 1.00 61.31  ? 155 TYR B CD1    1 
ATOM   696  C  CD2    . TYR B 1 13 ? -9.134  1.200   -16.536 1.00 55.40  ? 155 TYR B CD2    1 
ATOM   697  C  CE1    . TYR B 1 13 ? -11.082 1.843   -14.702 1.00 60.25  ? 155 TYR B CE1    1 
ATOM   698  C  CE2    . TYR B 1 13 ? -10.219 0.357   -16.357 1.00 58.77  ? 155 TYR B CE2    1 
ATOM   699  C  CZ     . TYR B 1 13 ? -11.189 0.691   -15.437 1.00 60.35  ? 155 TYR B CZ     1 
ATOM   700  O  OH     . TYR B 1 13 ? -12.274 -0.127  -15.240 1.00 66.46  ? 155 TYR B OH     1 
ATOM   701  N  N      . GLU B 1 14 ? -6.368  5.872   -17.819 1.00 50.04  ? 156 GLU B N      1 
ATOM   702  C  CA     . GLU B 1 14 ? -5.175  6.702   -17.769 1.00 49.39  ? 156 GLU B CA     1 
ATOM   703  C  C      . GLU B 1 14 ? -5.486  8.070   -17.152 1.00 49.68  ? 156 GLU B C      1 
ATOM   704  O  O      . GLU B 1 14 ? -6.584  8.606   -17.317 1.00 52.33  ? 156 GLU B O      1 
ATOM   705  C  CB     . GLU B 1 14 ? -4.517  6.829   -19.151 1.00 49.07  ? 156 GLU B CB     1 
ATOM   706  C  CG     . GLU B 1 14 ? -4.770  8.114   -19.867 1.00 54.53  ? 156 GLU B CG     1 
ATOM   707  C  CD     . GLU B 1 14 ? -3.833  8.288   -21.051 1.00 61.69  ? 156 GLU B CD     1 
ATOM   708  O  OE1    . GLU B 1 14 ? -4.247  8.911   -22.050 1.00 58.28  ? 156 GLU B OE1    1 
ATOM   709  O  OE2    . GLU B 1 14 ? -2.681  7.803   -20.967 1.00 62.39  ? 156 GLU B OE2    1 
ATOM   710  N  N      . ASN B 1 15 ? -4.523  8.590   -16.397 1.00 54.65  ? 157 ASN B N      1 
ATOM   711  C  CA     . ASN B 1 15 ? -4.681  9.838   -15.651 1.00 59.98  ? 157 ASN B CA     1 
ATOM   712  C  C      . ASN B 1 15 ? -5.655  9.795   -14.461 1.00 67.73  ? 157 ASN B C      1 
ATOM   713  O  O      . ASN B 1 15 ? -5.713  10.743  -13.686 1.00 73.21  ? 157 ASN B O      1 
ATOM   714  C  CB     . ASN B 1 15 ? -5.015  11.005  -16.588 1.00 56.55  ? 157 ASN B CB     1 
ATOM   715  C  CG     . ASN B 1 15 ? -4.003  11.168  -17.694 1.00 64.03  ? 157 ASN B CG     1 
ATOM   716  O  OD1    . ASN B 1 15 ? -2.832  10.815  -17.538 1.00 59.82  ? 157 ASN B OD1    1 
ATOM   717  N  ND2    . ASN B 1 15 ? -4.447  11.709  -18.825 1.00 65.82  ? 157 ASN B ND2    1 
ATOM   718  N  N      . ILE B 1 16 ? -6.396  8.701   -14.303 1.00 68.14  ? 158 ILE B N      1 
ATOM   719  C  CA     . ILE B 1 16 ? -7.329  8.569   -13.181 1.00 63.02  ? 158 ILE B CA     1 
ATOM   720  C  C      . ILE B 1 16 ? -6.621  8.469   -11.825 1.00 66.88  ? 158 ILE B C      1 
ATOM   721  O  O      . ILE B 1 16 ? -5.620  7.761   -11.681 1.00 62.68  ? 158 ILE B O      1 
ATOM   722  C  CB     . ILE B 1 16 ? -8.291  7.373   -13.360 1.00 67.41  ? 158 ILE B CB     1 
ATOM   723  C  CG1    . ILE B 1 16 ? -9.080  7.515   -14.657 1.00 73.22  ? 158 ILE B CG1    1 
ATOM   724  C  CG2    . ILE B 1 16 ? -9.256  7.255   -12.183 1.00 71.78  ? 158 ILE B CG2    1 
ATOM   725  C  CD1    . ILE B 1 16 ? -10.231 6.547   -14.773 1.00 76.57  ? 158 ILE B CD1    1 
ATOM   726  N  N      . GLN B 1 17 ? -7.160  9.190   -10.843 1.00 65.16  ? 159 GLN B N      1 
ATOM   727  C  CA     . GLN B 1 17 ? -6.618  9.242   -9.489  1.00 57.74  ? 159 GLN B CA     1 
ATOM   728  C  C      . GLN B 1 17 ? -6.904  7.985   -8.701  1.00 50.19  ? 159 GLN B C      1 
ATOM   729  O  O      . GLN B 1 17 ? -8.013  7.448   -8.761  1.00 55.27  ? 159 GLN B O      1 
ATOM   730  C  CB     . GLN B 1 17 ? -7.264  10.374  -8.709  1.00 50.12  ? 159 GLN B CB     1 
ATOM   731  C  CG     . GLN B 1 17 ? -6.876  11.769  -9.118  1.00 69.03  ? 159 GLN B CG     1 
ATOM   732  C  CD     . GLN B 1 17 ? -7.336  12.766  -8.085  1.00 75.06  ? 159 GLN B CD     1 
ATOM   733  O  OE1    . GLN B 1 17 ? -6.528  13.487  -7.495  1.00 82.77  ? 159 GLN B OE1    1 
ATOM   734  N  NE2    . GLN B 1 17 ? -8.642  12.798  -7.838  1.00 74.30  ? 159 GLN B NE2    1 
ATOM   735  N  N      . LEU B 1 18 ? -5.924  7.549   -7.915  1.00 52.56  ? 160 LEU B N      1 
ATOM   736  C  CA     . LEU B 1 18 ? -6.121  6.407   -7.033  1.00 44.59  ? 160 LEU B CA     1 
ATOM   737  C  C      . LEU B 1 18 ? -7.293  6.612   -6.075  1.00 41.14  ? 160 LEU B C      1 
ATOM   738  O  O      . LEU B 1 18 ? -8.063  5.683   -5.820  1.00 49.16  ? 160 LEU B O      1 
ATOM   739  C  CB     . LEU B 1 18 ? -4.846  6.081   -6.251  1.00 51.57  ? 160 LEU B CB     1 
ATOM   740  C  CG     . LEU B 1 18 ? -3.762  5.274   -6.966  1.00 38.55  ? 160 LEU B CG     1 
ATOM   741  C  CD1    . LEU B 1 18 ? -2.790  4.675   -5.953  1.00 39.86  ? 160 LEU B CD1    1 
ATOM   742  C  CD2    . LEU B 1 18 ? -4.375  4.176   -7.850  1.00 40.99  ? 160 LEU B CD2    1 
ATOM   743  N  N      . ARG B 1 19 ? -7.446  7.832   -5.565  1.00 47.57  ? 161 ARG B N      1 
ATOM   744  C  CA     . ARG B 1 19 ? -8.590  8.145   -4.720  1.00 52.32  ? 161 ARG B CA     1 
ATOM   745  C  C      . ARG B 1 19 ? -9.888  8.058   -5.508  1.00 61.84  ? 161 ARG B C      1 
ATOM   746  O  O      . ARG B 1 19 ? -10.967 7.970   -4.919  1.00 58.90  ? 161 ARG B O      1 
ATOM   747  C  CB     . ARG B 1 19 ? -8.453  9.532   -4.100  1.00 64.02  ? 161 ARG B CB     1 
ATOM   748  C  CG     . ARG B 1 19 ? -9.226  10.711  -4.661  1.00 73.19  ? 161 ARG B CG     1 
ATOM   749  C  CD     . ARG B 1 19 ? -9.665  11.637  -3.545  1.00 82.83  ? 161 ARG B CD     1 
ATOM   750  N  NE     . ARG B 1 19 ? -8.561  11.964  -2.653  1.00 88.72  ? 161 ARG B NE     1 
ATOM   751  C  CZ     . ARG B 1 19 ? -7.620  12.860  -2.929  1.00 88.78  ? 161 ARG B CZ     1 
ATOM   752  N  NH1    . ARG B 1 19 ? -7.646  13.520  -4.079  1.00 87.35  ? 161 ARG B NH1    1 
ATOM   753  N  NH2    . ARG B 1 19 ? -6.652  13.093  -2.055  1.00 89.19  ? 161 ARG B NH2    1 
ATOM   754  N  N      . ASN B 1 20 ? -9.776  8.080   -6.836  1.00 61.36  ? 162 ASN B N      1 
ATOM   755  C  CA     . ASN B 1 20 ? -10.947 8.031   -7.705  1.00 72.37  ? 162 ASN B CA     1 
ATOM   756  C  C      . ASN B 1 20 ? -11.068 6.741   -8.498  1.00 71.94  ? 162 ASN B C      1 
ATOM   757  O  O      . ASN B 1 20 ? -11.862 6.656   -9.431  1.00 76.15  ? 162 ASN B O      1 
ATOM   758  C  CB     . ASN B 1 20 ? -10.962 9.221   -8.663  1.00 75.11  ? 162 ASN B CB     1 
ATOM   759  C  CG     . ASN B 1 20 ? -11.378 10.499  -7.982  1.00 80.08  ? 162 ASN B CG     1 
ATOM   760  O  OD1    . ASN B 1 20 ? -10.538 11.293  -7.562  1.00 82.61  ? 162 ASN B OD1    1 
ATOM   761  N  ND2    . ASN B 1 20 ? -12.684 10.701  -7.857  1.00 87.21  ? 162 ASN B ND2    1 
ATOM   762  N  N      . PHE B 1 21 ? -10.286 5.736   -8.130  1.00 55.88  ? 163 PHE B N      1 
ATOM   763  C  CA     . PHE B 1 21 ? -10.412 4.450   -8.781  1.00 56.10  ? 163 PHE B CA     1 
ATOM   764  C  C      . PHE B 1 21 ? -11.536 3.654   -8.120  1.00 58.30  ? 163 PHE B C      1 
ATOM   765  O  O      . PHE B 1 21 ? -11.668 3.653   -6.898  1.00 61.27  ? 163 PHE B O      1 
ATOM   766  C  CB     . PHE B 1 21 ? -9.080  3.703   -8.728  1.00 58.63  ? 163 PHE B CB     1 
ATOM   767  C  CG     . PHE B 1 21 ? -9.000  2.542   -9.659  1.00 51.83  ? 163 PHE B CG     1 
ATOM   768  C  CD1    . PHE B 1 21 ? -8.658  2.729   -10.984 1.00 51.54  ? 163 PHE B CD1    1 
ATOM   769  C  CD2    . PHE B 1 21 ? -9.247  1.261   -9.208  1.00 54.37  ? 163 PHE B CD2    1 
ATOM   770  C  CE1    . PHE B 1 21 ? -8.579  1.669   -11.842 1.00 50.17  ? 163 PHE B CE1    1 
ATOM   771  C  CE2    . PHE B 1 21 ? -9.167  0.191   -10.064 1.00 54.30  ? 163 PHE B CE2    1 
ATOM   772  C  CZ     . PHE B 1 21 ? -8.834  0.395   -11.385 1.00 53.61  ? 163 PHE B CZ     1 
ATOM   773  N  N      . PRO B 1 22 ? -12.376 2.994   -8.932  1.00 70.12  ? 164 PRO B N      1 
ATOM   774  C  CA     . PRO B 1 22 ? -13.505 2.215   -8.409  1.00 72.90  ? 164 PRO B CA     1 
ATOM   775  C  C      . PRO B 1 22 ? -13.107 0.811   -7.964  1.00 71.97  ? 164 PRO B C      1 
ATOM   776  O  O      . PRO B 1 22 ? -13.251 -0.142  -8.730  1.00 74.31  ? 164 PRO B O      1 
ATOM   777  C  CB     . PRO B 1 22 ? -14.452 2.134   -9.608  1.00 71.33  ? 164 PRO B CB     1 
ATOM   778  C  CG     . PRO B 1 22 ? -13.547 2.181   -10.782 1.00 76.57  ? 164 PRO B CG     1 
ATOM   779  C  CD     . PRO B 1 22 ? -12.398 3.078   -10.402 1.00 75.08  ? 164 PRO B CD     1 
ATOM   780  N  N      . PHE B 1 23 ? -12.624 0.688   -6.732  1.00 71.80  ? 165 PHE B N      1 
ATOM   781  C  CA     . PHE B 1 23 ? -12.200 -0.603  -6.209  1.00 70.87  ? 165 PHE B CA     1 
ATOM   782  C  C      . PHE B 1 23 ? -13.392 -1.494  -5.890  1.00 70.55  ? 165 PHE B C      1 
ATOM   783  O  O      . PHE B 1 23 ? -14.313 -1.088  -5.174  1.00 66.21  ? 165 PHE B O      1 
ATOM   784  C  CB     . PHE B 1 23 ? -11.335 -0.433  -4.958  1.00 71.40  ? 165 PHE B CB     1 
ATOM   785  C  CG     . PHE B 1 23 ? -10.109 0.403   -5.174  1.00 69.99  ? 165 PHE B CG     1 
ATOM   786  C  CD1    . PHE B 1 23 ? -9.015  -0.113  -5.845  1.00 63.42  ? 165 PHE B CD1    1 
ATOM   787  C  CD2    . PHE B 1 23 ? -10.046 1.702   -4.696  1.00 68.86  ? 165 PHE B CD2    1 
ATOM   788  C  CE1    . PHE B 1 23 ? -7.886  0.652   -6.035  1.00 62.38  ? 165 PHE B CE1    1 
ATOM   789  C  CE2    . PHE B 1 23 ? -8.917  2.473   -4.889  1.00 63.80  ? 165 PHE B CE2    1 
ATOM   790  C  CZ     . PHE B 1 23 ? -7.840  1.949   -5.558  1.00 60.29  ? 165 PHE B CZ     1 
ATOM   791  N  N      . GLY B 1 24 ? -13.364 -2.710  -6.425  1.00 62.12  ? 166 GLY B N      1 
ATOM   792  C  CA     . GLY B 1 24 ? -14.412 -3.677  -6.173  1.00 66.06  ? 166 GLY B CA     1 
ATOM   793  C  C      . GLY B 1 24 ? -13.895 -4.780  -5.280  1.00 68.72  ? 166 GLY B C      1 
ATOM   794  O  O      . GLY B 1 24 ? -14.389 -5.907  -5.311  1.00 72.78  ? 166 GLY B O      1 
ATOM   795  N  N      . GLY B 1 25 ? -12.889 -4.448  -4.477  1.00 64.97  ? 167 GLY B N      1 
ATOM   796  C  CA     . GLY B 1 25 ? -12.250 -5.438  -3.637  1.00 60.69  ? 167 GLY B CA     1 
ATOM   797  C  C      . GLY B 1 25 ? -11.203 -4.881  -2.695  1.00 50.30  ? 167 GLY B C      1 
ATOM   798  O  O      . GLY B 1 25 ? -10.879 -3.688  -2.705  1.00 54.44  ? 167 GLY B O      1 
ATOM   799  N  N      . ASP B 1 26 ? -10.680 -5.779  -1.872  1.00 36.11  ? 168 ASP B N      1 
ATOM   800  C  CA     . ASP B 1 26 ? -9.709  -5.449  -0.847  1.00 37.42  ? 168 ASP B CA     1 
ATOM   801  C  C      . ASP B 1 26 ? -8.331  -5.535  -1.484  1.00 34.55  ? 168 ASP B C      1 
ATOM   802  O  O      . ASP B 1 26 ? -7.826  -6.630  -1.752  1.00 40.46  ? 168 ASP B O      1 
ATOM   803  C  CB     . ASP B 1 26 ? -9.834  -6.455  0.294   1.00 40.53  ? 168 ASP B CB     1 
ATOM   804  C  CG     . ASP B 1 26 ? -9.162  -5.995  1.567   1.00 46.80  ? 168 ASP B CG     1 
ATOM   805  O  OD1    . ASP B 1 26 ? -8.714  -4.818  1.635   1.00 40.81  ? 168 ASP B OD1    1 
ATOM   806  O  OD2    . ASP B 1 26 ? -9.103  -6.821  2.509   1.00 41.66  ? 168 ASP B OD2    1 
ATOM   807  N  N      . ILE B 1 27 ? -7.743  -4.373  -1.745  1.00 33.97  ? 169 ILE B N      1 
ATOM   808  C  CA     . ILE B 1 27 ? -6.478  -4.306  -2.467  1.00 31.06  ? 169 ILE B CA     1 
ATOM   809  C  C      . ILE B 1 27 ? -5.708  -3.041  -2.124  1.00 25.02  ? 169 ILE B C      1 
ATOM   810  O  O      . ILE B 1 27 ? -6.300  -1.995  -1.851  1.00 34.28  ? 169 ILE B O      1 
ATOM   811  C  CB     . ILE B 1 27 ? -6.706  -4.387  -4.008  1.00 40.42  ? 169 ILE B CB     1 
ATOM   812  C  CG1    . ILE B 1 27 ? -5.412  -4.767  -4.728  1.00 52.05  ? 169 ILE B CG1    1 
ATOM   813  C  CG2    . ILE B 1 27 ? -7.235  -3.072  -4.559  1.00 51.18  ? 169 ILE B CG2    1 
ATOM   814  C  CD1    . ILE B 1 27 ? -5.615  -5.110  -6.175  1.00 58.45  ? 169 ILE B CD1    1 
ATOM   815  N  N      . ILE B 1 28 ? -4.381  -3.140  -2.108  1.00 25.34  ? 170 ILE B N      1 
ATOM   816  C  CA     . ILE B 1 28 ? -3.541  -1.953  -1.969  1.00 23.77  ? 170 ILE B CA     1 
ATOM   817  C  C      . ILE B 1 28 ? -2.527  -1.951  -3.116  1.00 24.59  ? 170 ILE B C      1 
ATOM   818  O  O      . ILE B 1 28 ? -2.020  -3.003  -3.457  1.00 23.90  ? 170 ILE B O      1 
ATOM   819  C  CB     . ILE B 1 28 ? -2.773  -1.964  -0.612  1.00 32.44  ? 170 ILE B CB     1 
ATOM   820  C  CG1    . ILE B 1 28 ? -3.627  -1.344  0.498   1.00 36.39  ? 170 ILE B CG1    1 
ATOM   821  C  CG2    . ILE B 1 28 ? -1.472  -1.198  -0.719  1.00 40.59  ? 170 ILE B CG2    1 
ATOM   822  C  CD1    . ILE B 1 28 ? -4.022  0.121   0.254   1.00 34.31  ? 170 ILE B CD1    1 
ATOM   823  N  N      . PHE B 1 29 ? -2.248  -0.782  -3.705  1.00 26.11  ? 171 PHE B N      1 
ATOM   824  C  CA     . PHE B 1 29 ? -1.151  -0.638  -4.659  1.00 28.02  ? 171 PHE B CA     1 
ATOM   825  C  C      . PHE B 1 29 ? 0.122   -0.381  -3.864  1.00 30.70  ? 171 PHE B C      1 
ATOM   826  O  O      . PHE B 1 29 ? 0.271   0.677   -3.249  1.00 37.59  ? 171 PHE B O      1 
ATOM   827  C  CB     . PHE B 1 29 ? -1.391  0.556   -5.580  1.00 32.18  ? 171 PHE B CB     1 
ATOM   828  C  CG     . PHE B 1 29 ? -2.425  0.319   -6.648  1.00 36.95  ? 171 PHE B CG     1 
ATOM   829  C  CD1    . PHE B 1 29 ? -3.719  -0.018  -6.323  1.00 44.66  ? 171 PHE B CD1    1 
ATOM   830  C  CD2    . PHE B 1 29 ? -2.098  0.483   -7.988  1.00 45.38  ? 171 PHE B CD2    1 
ATOM   831  C  CE1    . PHE B 1 29 ? -4.664  -0.222  -7.311  1.00 50.24  ? 171 PHE B CE1    1 
ATOM   832  C  CE2    . PHE B 1 29 ? -3.037  0.286   -8.977  1.00 38.89  ? 171 PHE B CE2    1 
ATOM   833  C  CZ     . PHE B 1 29 ? -4.323  -0.059  -8.638  1.00 38.19  ? 171 PHE B CZ     1 
ATOM   834  N  N      . VAL B 1 30 ? 1.032   -1.346  -3.873  1.00 27.65  ? 172 VAL B N      1 
ATOM   835  C  CA     . VAL B 1 30 ? 2.249   -1.272  -3.061  1.00 28.55  ? 172 VAL B CA     1 
ATOM   836  C  C      . VAL B 1 30 ? 3.298   -0.384  -3.727  1.00 39.71  ? 172 VAL B C      1 
ATOM   837  O  O      . VAL B 1 30 ? 3.994   0.399   -3.058  1.00 30.94  ? 172 VAL B O      1 
ATOM   838  C  CB     . VAL B 1 30 ? 2.814   -2.686  -2.854  1.00 28.42  ? 172 VAL B CB     1 
ATOM   839  C  CG1    . VAL B 1 30 ? 4.155   -2.649  -2.166  1.00 29.30  ? 172 VAL B CG1    1 
ATOM   840  C  CG2    . VAL B 1 30 ? 1.802   -3.549  -2.067  1.00 31.08  ? 172 VAL B CG2    1 
ATOM   841  N  N      . ARG B 1 31 ? 3.419   -0.535  -5.048  1.00 34.86  ? 173 ARG B N      1 
ATOM   842  C  CA     . ARG B 1 31 ? 4.357   0.249   -5.840  1.00 33.61  ? 173 ARG B CA     1 
ATOM   843  C  C      . ARG B 1 31 ? 3.809   0.432   -7.250  1.00 39.58  ? 173 ARG B C      1 
ATOM   844  O  O      . ARG B 1 31 ? 3.088   -0.432  -7.750  1.00 33.60  ? 173 ARG B O      1 
ATOM   845  C  CB     . ARG B 1 31 ? 5.711   -0.463  -5.942  1.00 37.51  ? 173 ARG B CB     1 
ATOM   846  C  CG     . ARG B 1 31 ? 6.421   -0.706  -4.638  1.00 49.30  ? 173 ARG B CG     1 
ATOM   847  C  CD     . ARG B 1 31 ? 7.871   -0.346  -4.711  1.00 47.76  ? 173 ARG B CD     1 
ATOM   848  N  NE     . ARG B 1 31 ? 8.404   -0.103  -3.377  1.00 52.03  ? 173 ARG B NE     1 
ATOM   849  C  CZ     . ARG B 1 31 ? 9.574   0.479   -3.147  1.00 59.12  ? 173 ARG B CZ     1 
ATOM   850  N  NH1    . ARG B 1 31 ? 10.321  0.869   -4.167  1.00 61.32  ? 173 ARG B NH1    1 
ATOM   851  N  NH2    . ARG B 1 31 ? 9.993   0.671   -1.905  1.00 49.97  ? 173 ARG B NH2    1 
ATOM   852  N  N      . ILE B 1 32 ? 4.164   1.554   -7.881  1.00 32.74  ? 174 ILE B N      1 
ATOM   853  C  CA     . ILE B 1 32 ? 3.984   1.722   -9.322  1.00 29.81  ? 174 ILE B CA     1 
ATOM   854  C  C      . ILE B 1 32 ? 5.337   2.012   -9.944  1.00 37.36  ? 174 ILE B C      1 
ATOM   855  O  O      . ILE B 1 32 ? 6.041   2.936   -9.519  1.00 41.18  ? 174 ILE B O      1 
ATOM   856  C  CB     . ILE B 1 32 ? 3.055   2.888   -9.659  1.00 35.21  ? 174 ILE B CB     1 
ATOM   857  C  CG1    . ILE B 1 32 ? 1.624   2.544   -9.272  1.00 39.14  ? 174 ILE B CG1    1 
ATOM   858  C  CG2    . ILE B 1 32 ? 3.131   3.224   -11.151 1.00 33.65  ? 174 ILE B CG2    1 
ATOM   859  C  CD1    . ILE B 1 32 ? 0.709   3.723   -9.220  1.00 37.12  ? 174 ILE B CD1    1 
ATOM   860  N  N      . ILE B 1 33 ? 5.705   1.217   -10.944 1.00 47.20  ? 175 ILE B N      1 
ATOM   861  C  CA     . ILE B 1 33 ? 6.930   1.444   -11.697 1.00 50.33  ? 175 ILE B CA     1 
ATOM   862  C  C      . ILE B 1 33 ? 6.597   2.129   -13.014 1.00 49.10  ? 175 ILE B C      1 
ATOM   863  O  O      . ILE B 1 33 ? 5.925   1.549   -13.868 1.00 39.46  ? 175 ILE B O      1 
ATOM   864  C  CB     . ILE B 1 33 ? 7.667   0.142   -11.930 1.00 53.50  ? 175 ILE B CB     1 
ATOM   865  C  CG1    . ILE B 1 33 ? 7.975   -0.491  -10.568 1.00 58.66  ? 175 ILE B CG1    1 
ATOM   866  C  CG2    . ILE B 1 33 ? 8.937   0.377   -12.730 1.00 56.97  ? 175 ILE B CG2    1 
ATOM   867  C  CD1    . ILE B 1 33 ? 8.389   -1.921  -10.636 1.00 59.12  ? 175 ILE B CD1    1 
ATOM   868  N  N      . ARG B 1 34 ? 7.075   3.370   -13.142 1.00 46.94  ? 176 ARG B N      1 
ATOM   869  C  CA     . ARG B 1 34 ? 6.674   4.305   -14.186 1.00 50.48  ? 176 ARG B CA     1 
ATOM   870  C  C      . ARG B 1 34 ? 7.890   5.103   -14.618 1.00 49.12  ? 176 ARG B C      1 
ATOM   871  O  O      . ARG B 1 34 ? 8.549   5.723   -13.782 1.00 50.29  ? 176 ARG B O      1 
ATOM   872  C  CB     . ARG B 1 34 ? 5.635   5.279   -13.631 1.00 46.67  ? 176 ARG B CB     1 
ATOM   873  C  CG     . ARG B 1 34 ? 5.471   6.541   -14.443 1.00 54.05  ? 176 ARG B CG     1 
ATOM   874  C  CD     . ARG B 1 34 ? 4.560   7.515   -13.742 1.00 54.89  ? 176 ARG B CD     1 
ATOM   875  N  NE     . ARG B 1 34 ? 3.304   6.881   -13.346 1.00 52.42  ? 176 ARG B NE     1 
ATOM   876  C  CZ     . ARG B 1 34 ? 2.298   7.524   -12.766 1.00 53.34  ? 176 ARG B CZ     1 
ATOM   877  N  NH1    . ARG B 1 34 ? 2.393   8.825   -12.513 1.00 49.15  ? 176 ARG B NH1    1 
ATOM   878  N  NH2    . ARG B 1 34 ? 1.192   6.872   -12.444 1.00 51.02  ? 176 ARG B NH2    1 
ATOM   879  N  N      . ASN B 1 35 ? 8.183   5.101   -15.915 1.00 55.29  ? 177 ASN B N      1 
ATOM   880  C  CA     . ASN B 1 35 ? 9.365   5.789   -16.438 1.00 62.69  ? 177 ASN B CA     1 
ATOM   881  C  C      . ASN B 1 35 ? 10.649  5.260   -15.775 1.00 68.46  ? 177 ASN B C      1 
ATOM   882  O  O      . ASN B 1 35 ? 11.520  6.035   -15.352 1.00 61.32  ? 177 ASN B O      1 
ATOM   883  C  CB     . ASN B 1 35 ? 9.235   7.313   -16.267 1.00 59.14  ? 177 ASN B CB     1 
ATOM   884  C  CG     . ASN B 1 35 ? 7.944   7.876   -16.866 1.00 60.54  ? 177 ASN B CG     1 
ATOM   885  O  OD1    . ASN B 1 35 ? 7.439   7.390   -17.883 1.00 58.88  ? 177 ASN B OD1    1 
ATOM   886  N  ND2    . ASN B 1 35 ? 7.409   8.913   -16.230 1.00 62.38  ? 177 ASN B ND2    1 
ATOM   887  N  N      . ASN B 1 36 ? 10.730  3.933   -15.669 1.00 80.70  ? 178 ASN B N      1 
ATOM   888  C  CA     . ASN B 1 36 ? 11.895  3.218   -15.126 1.00 81.64  ? 178 ASN B CA     1 
ATOM   889  C  C      . ASN B 1 36 ? 12.179  3.435   -13.631 1.00 77.87  ? 178 ASN B C      1 
ATOM   890  O  O      . ASN B 1 36 ? 13.200  2.980   -13.114 1.00 77.06  ? 178 ASN B O      1 
ATOM   891  C  CB     . ASN B 1 36 ? 13.153  3.492   -15.965 1.00 92.94  ? 178 ASN B CB     1 
ATOM   892  C  CG     . ASN B 1 36 ? 14.150  2.342   -15.924 1.00 99.39  ? 178 ASN B CG     1 
ATOM   893  O  OD1    . ASN B 1 36 ? 15.005  2.276   -15.041 1.00 103.17 ? 178 ASN B OD1    1 
ATOM   894  N  ND2    . ASN B 1 36 ? 14.051  1.439   -16.895 1.00 98.83  ? 178 ASN B ND2    1 
ATOM   895  N  N      . GLU B 1 37 ? 11.274  4.110   -12.932 1.00 66.11  ? 179 GLU B N      1 
ATOM   896  C  CA     . GLU B 1 37 ? 11.456  4.321   -11.500 1.00 62.28  ? 179 GLU B CA     1 
ATOM   897  C  C      . GLU B 1 37 ? 10.337  3.691   -10.671 1.00 61.31  ? 179 GLU B C      1 
ATOM   898  O  O      . GLU B 1 37 ? 9.208   3.552   -11.144 1.00 54.13  ? 179 GLU B O      1 
ATOM   899  C  CB     . GLU B 1 37 ? 11.601  5.809   -11.185 1.00 69.40  ? 179 GLU B CB     1 
ATOM   900  C  CG     . GLU B 1 37 ? 10.317  6.599   -11.213 1.00 71.08  ? 179 GLU B CG     1 
ATOM   901  C  CD     . GLU B 1 37 ? 10.533  8.036   -10.797 1.00 89.88  ? 179 GLU B CD     1 
ATOM   902  O  OE1    . GLU B 1 37 ? 11.445  8.684   -11.354 1.00 99.93  ? 179 GLU B OE1    1 
ATOM   903  O  OE2    . GLU B 1 37 ? 9.804   8.516   -9.902  1.00 94.90  ? 179 GLU B OE2    1 
ATOM   904  N  N      . SER B 1 38 ? 10.664  3.305   -9.439  1.00 61.80  ? 180 SER B N      1 
ATOM   905  C  CA     . SER B 1 38 ? 9.706   2.636   -8.553  1.00 65.98  ? 180 SER B CA     1 
ATOM   906  C  C      . SER B 1 38 ? 9.162   3.601   -7.507  1.00 53.60  ? 180 SER B C      1 
ATOM   907  O  O      . SER B 1 38 ? 9.899   4.070   -6.644  1.00 58.20  ? 180 SER B O      1 
ATOM   908  C  CB     . SER B 1 38 ? 10.355  1.437   -7.853  1.00 78.22  ? 180 SER B CB     1 
ATOM   909  O  OG     . SER B 1 38 ? 11.160  1.850   -6.755  1.00 90.92  ? 180 SER B OG     1 
ATOM   910  N  N      . ILE B 1 39 ? 7.864   3.875   -7.579  1.00 49.87  ? 181 ILE B N      1 
ATOM   911  C  CA     . ILE B 1 39 ? 7.243   4.858   -6.702  1.00 49.41  ? 181 ILE B CA     1 
ATOM   912  C  C      . ILE B 1 39 ? 6.161   4.300   -5.752  1.00 46.15  ? 181 ILE B C      1 
ATOM   913  O  O      . ILE B 1 39 ? 5.474   3.321   -6.052  1.00 39.51  ? 181 ILE B O      1 
ATOM   914  C  CB     . ILE B 1 39 ? 6.672   6.028   -7.506  1.00 50.63  ? 181 ILE B CB     1 
ATOM   915  C  CG1    . ILE B 1 39 ? 5.248   5.739   -7.947  1.00 41.97  ? 181 ILE B CG1    1 
ATOM   916  C  CG2    . ILE B 1 39 ? 7.562   6.344   -8.717  1.00 50.84  ? 181 ILE B CG2    1 
ATOM   917  C  CD1    . ILE B 1 39 ? 4.251   6.739   -7.417  1.00 47.17  ? 181 ILE B CD1    1 
ATOM   918  N  N      . VAL B 1 40 ? 6.018   4.953   -4.605  1.00 52.19  ? 182 VAL B N      1 
ATOM   919  C  CA     . VAL B 1 40 ? 5.021   4.579   -3.602  1.00 47.24  ? 182 VAL B CA     1 
ATOM   920  C  C      . VAL B 1 40 ? 3.723   5.328   -3.881  1.00 38.25  ? 182 VAL B C      1 
ATOM   921  O  O      . VAL B 1 40 ? 3.700   6.552   -3.862  1.00 43.80  ? 182 VAL B O      1 
ATOM   922  C  CB     . VAL B 1 40 ? 5.535   4.916   -2.188  1.00 57.38  ? 182 VAL B CB     1 
ATOM   923  C  CG1    . VAL B 1 40 ? 4.507   4.556   -1.149  1.00 51.71  ? 182 VAL B CG1    1 
ATOM   924  C  CG2    . VAL B 1 40 ? 6.819   4.170   -1.914  1.00 57.30  ? 182 VAL B CG2    1 
ATOM   925  N  N      . PRO B 1 41 ? 2.633   4.591   -4.146  1.00 29.41  ? 183 PRO B N      1 
ATOM   926  C  CA     . PRO B 1 41 ? 1.365   5.160   -4.622  1.00 41.12  ? 183 PRO B CA     1 
ATOM   927  C  C      . PRO B 1 41 ? 0.470   5.755   -3.523  1.00 50.43  ? 183 PRO B C      1 
ATOM   928  O  O      . PRO B 1 41 ? 0.339   5.144   -2.459  1.00 44.38  ? 183 PRO B O      1 
ATOM   929  C  CB     . PRO B 1 41 ? 0.654   3.938   -5.232  1.00 39.20  ? 183 PRO B CB     1 
ATOM   930  C  CG     . PRO B 1 41 ? 1.707   2.799   -5.217  1.00 38.20  ? 183 PRO B CG     1 
ATOM   931  C  CD     . PRO B 1 41 ? 2.552   3.119   -4.044  1.00 28.26  ? 183 PRO B CD     1 
ATOM   932  N  N      . HIS B 1 42 ? -0.151  6.909   -3.786  1.00 41.33  ? 184 HIS B N      1 
ATOM   933  C  CA     . HIS B 1 42 ? -1.067  7.544   -2.823  1.00 36.30  ? 184 HIS B CA     1 
ATOM   934  C  C      . HIS B 1 42 ? -2.386  7.988   -3.454  1.00 40.11  ? 184 HIS B C      1 
ATOM   935  O  O      . HIS B 1 42 ? -2.646  7.697   -4.622  1.00 46.21  ? 184 HIS B O      1 
ATOM   936  C  CB     . HIS B 1 42 ? -0.379  8.678   -2.060  1.00 43.13  ? 184 HIS B CB     1 
ATOM   937  C  CG     . HIS B 1 42 ? 0.794   8.216   -1.253  1.00 53.46  ? 184 HIS B CG     1 
ATOM   938  N  ND1    . HIS B 1 42 ? 0.654   7.486   -0.091  1.00 58.86  ? 184 HIS B ND1    1 
ATOM   939  C  CD2    . HIS B 1 42 ? 2.125   8.350   -1.458  1.00 57.99  ? 184 HIS B CD2    1 
ATOM   940  C  CE1    . HIS B 1 42 ? 1.851   7.205   0.396   1.00 53.84  ? 184 HIS B CE1    1 
ATOM   941  N  NE2    . HIS B 1 42 ? 2.759   7.714   -0.414  1.00 58.00  ? 184 HIS B NE2    1 
ATOM   942  N  N      . GLY B 1 43 ? -3.225  8.671   -2.684  1.00 51.24  ? 185 GLY B N      1 
ATOM   943  C  CA     . GLY B 1 43 ? -4.571  8.988   -3.136  1.00 53.15  ? 185 GLY B CA     1 
ATOM   944  C  C      . GLY B 1 43 ? -4.623  9.800   -4.420  1.00 57.29  ? 185 GLY B C      1 
ATOM   945  O  O      . GLY B 1 43 ? -5.504  9.608   -5.268  1.00 54.26  ? 185 GLY B O      1 
ATOM   946  N  N      . ASP B 1 44 ? -3.655  10.697  -4.563  1.00 62.09  ? 186 ASP B N      1 
ATOM   947  C  CA     . ASP B 1 44 ? -3.584  11.608  -5.701  1.00 72.76  ? 186 ASP B CA     1 
ATOM   948  C  C      . ASP B 1 44 ? -3.026  10.910  -6.930  1.00 70.64  ? 186 ASP B C      1 
ATOM   949  O  O      . ASP B 1 44 ? -3.313  11.309  -8.057  1.00 76.08  ? 186 ASP B O      1 
ATOM   950  C  CB     . ASP B 1 44 ? -2.678  12.785  -5.355  1.00 76.92  ? 186 ASP B CB     1 
ATOM   951  C  CG     . ASP B 1 44 ? -1.341  12.333  -4.808  1.00 80.93  ? 186 ASP B CG     1 
ATOM   952  O  OD1    . ASP B 1 44 ? -1.326  11.344  -4.050  1.00 86.46  ? 186 ASP B OD1    1 
ATOM   953  O  OD2    . ASP B 1 44 ? -0.303  12.946  -5.137  1.00 80.23  ? 186 ASP B OD2    1 
ATOM   954  N  N      . THR B 1 45 ? -2.219  9.878   -6.692  1.00 66.46  ? 187 THR B N      1 
ATOM   955  C  CA     . THR B 1 45 ? -1.495  9.166   -7.744  1.00 60.57  ? 187 THR B CA     1 
ATOM   956  C  C      . THR B 1 45 ? -2.405  8.779   -8.911  1.00 58.34  ? 187 THR B C      1 
ATOM   957  O  O      . THR B 1 45 ? -3.546  8.356   -8.715  1.00 59.03  ? 187 THR B O      1 
ATOM   958  C  CB     . THR B 1 45 ? -0.772  7.937   -7.171  1.00 51.41  ? 187 THR B CB     1 
ATOM   959  O  OG1    . THR B 1 45 ? 0.074   8.359   -6.104  1.00 48.72  ? 187 THR B OG1    1 
ATOM   960  C  CG2    . THR B 1 45 ? 0.080   7.257   -8.208  1.00 44.02  ? 187 THR B CG2    1 
ATOM   961  N  N      . GLN B 1 46 ? -1.899  8.980   -10.123 1.00 60.44  ? 188 GLN B N      1 
ATOM   962  C  CA     . GLN B 1 46 ? -2.643  8.686   -11.336 1.00 56.99  ? 188 GLN B CA     1 
ATOM   963  C  C      . GLN B 1 46 ? -2.142  7.400   -11.942 1.00 55.37  ? 188 GLN B C      1 
ATOM   964  O  O      . GLN B 1 46 ? -0.962  7.079   -11.828 1.00 56.58  ? 188 GLN B O      1 
ATOM   965  C  CB     . GLN B 1 46 ? -2.439  9.796   -12.365 1.00 59.76  ? 188 GLN B CB     1 
ATOM   966  C  CG     . GLN B 1 46 ? -2.586  11.192  -11.816 1.00 61.94  ? 188 GLN B CG     1 
ATOM   967  C  CD     . GLN B 1 46 ? -3.102  12.153  -12.861 1.00 70.09  ? 188 GLN B CD     1 
ATOM   968  O  OE1    . GLN B 1 46 ? -2.542  12.264  -13.953 1.00 70.37  ? 188 GLN B OE1    1 
ATOM   969  N  NE2    . GLN B 1 46 ? -4.205  12.823  -12.550 1.00 65.71  ? 188 GLN B NE2    1 
ATOM   970  N  N      . LEU B 1 47 ? -3.032  6.672   -12.604 1.00 41.37  ? 189 LEU B N      1 
ATOM   971  C  CA     . LEU B 1 47 ? -2.597  5.544   -13.403 1.00 43.18  ? 189 LEU B CA     1 
ATOM   972  C  C      . LEU B 1 47 ? -2.221  6.116   -14.751 1.00 49.68  ? 189 LEU B C      1 
ATOM   973  O  O      . LEU B 1 47 ? -2.945  6.939   -15.303 1.00 54.78  ? 189 LEU B O      1 
ATOM   974  C  CB     . LEU B 1 47 ? -3.707  4.506   -13.559 1.00 38.39  ? 189 LEU B CB     1 
ATOM   975  C  CG     . LEU B 1 47 ? -3.816  3.437   -12.467 1.00 44.47  ? 189 LEU B CG     1 
ATOM   976  C  CD1    . LEU B 1 47 ? -3.090  3.846   -11.194 1.00 41.22  ? 189 LEU B CD1    1 
ATOM   977  C  CD2    . LEU B 1 47 ? -5.268  3.130   -12.178 1.00 44.97  ? 189 LEU B CD2    1 
ATOM   978  N  N      . ARG B 1 48 ? -1.066  5.704   -15.253 1.00 49.85  ? 190 ARG B N      1 
ATOM   979  C  CA     . ARG B 1 48 ? -0.589  6.152   -16.549 1.00 49.49  ? 190 ARG B CA     1 
ATOM   980  C  C      . ARG B 1 48 ? -0.318  4.956   -17.439 1.00 46.48  ? 190 ARG B C      1 
ATOM   981  O  O      . ARG B 1 48 ? 0.053   3.893   -16.954 1.00 45.28  ? 190 ARG B O      1 
ATOM   982  C  CB     . ARG B 1 48 ? 0.666   7.007   -16.377 1.00 47.11  ? 190 ARG B CB     1 
ATOM   983  C  CG     . ARG B 1 48 ? 0.357   8.390   -15.807 1.00 55.05  ? 190 ARG B CG     1 
ATOM   984  C  CD     . ARG B 1 48 ? 1.593   9.259   -15.692 1.00 69.73  ? 190 ARG B CD     1 
ATOM   985  N  NE     . ARG B 1 48 ? 1.260   10.662  -15.450 1.00 74.91  ? 190 ARG B NE     1 
ATOM   986  C  CZ     . ARG B 1 48 ? 2.040   11.512  -14.790 1.00 73.09  ? 190 ARG B CZ     1 
ATOM   987  N  NH1    . ARG B 1 48 ? 3.199   11.100  -14.298 1.00 69.00  ? 190 ARG B NH1    1 
ATOM   988  N  NH2    . ARG B 1 48 ? 1.657   12.768  -14.610 1.00 68.11  ? 190 ARG B NH2    1 
ATOM   989  N  N      . TYR B 1 49 ? -0.510  5.127   -18.743 1.00 45.33  ? 191 TYR B N      1 
ATOM   990  C  CA     . TYR B 1 49 ? -0.330  4.026   -19.668 1.00 40.45  ? 191 TYR B CA     1 
ATOM   991  C  C      . TYR B 1 49 ? 1.082   3.452   -19.552 1.00 40.99  ? 191 TYR B C      1 
ATOM   992  O  O      . TYR B 1 49 ? 2.054   4.201   -19.506 1.00 39.43  ? 191 TYR B O      1 
ATOM   993  C  CB     . TYR B 1 49 ? -0.636  4.451   -21.119 1.00 34.67  ? 191 TYR B CB     1 
ATOM   994  C  CG     . TYR B 1 49 ? -0.795  3.242   -21.989 1.00 40.45  ? 191 TYR B CG     1 
ATOM   995  C  CD1    . TYR B 1 49 ? 0.292   2.705   -22.653 1.00 41.75  ? 191 TYR B CD1    1 
ATOM   996  C  CD2    . TYR B 1 49 ? -2.012  2.581   -22.085 1.00 38.26  ? 191 TYR B CD2    1 
ATOM   997  C  CE1    . TYR B 1 49 ? 0.172   1.578   -23.415 1.00 37.81  ? 191 TYR B CE1    1 
ATOM   998  C  CE2    . TYR B 1 49 ? -2.141  1.450   -22.854 1.00 32.75  ? 191 TYR B CE2    1 
ATOM   999  C  CZ     . TYR B 1 49 ? -1.039  0.950   -23.519 1.00 35.25  ? 191 TYR B CZ     1 
ATOM   1000 O  OH     . TYR B 1 49 ? -1.126  -0.175  -24.291 1.00 36.55  ? 191 TYR B OH     1 
ATOM   1001 N  N      . GLY B 1 50 ? 1.192   2.127   -19.468 1.00 31.78  ? 192 GLY B N      1 
ATOM   1002 C  CA     . GLY B 1 50 ? 2.491   1.487   -19.349 1.00 38.58  ? 192 GLY B CA     1 
ATOM   1003 C  C      . GLY B 1 50 ? 2.960   1.271   -17.915 1.00 37.58  ? 192 GLY B C      1 
ATOM   1004 O  O      . GLY B 1 50 ? 3.954   0.579   -17.681 1.00 40.12  ? 192 GLY B O      1 
ATOM   1005 N  N      . ASP B 1 51 ? 2.243   1.852   -16.957 1.00 33.45  ? 193 ASP B N      1 
ATOM   1006 C  CA     . ASP B 1 51 ? 2.538   1.643   -15.542 1.00 25.51  ? 193 ASP B CA     1 
ATOM   1007 C  C      . ASP B 1 51 ? 2.580   0.150   -15.193 1.00 36.89  ? 193 ASP B C      1 
ATOM   1008 O  O      . ASP B 1 51 ? 1.754   -0.635  -15.656 1.00 40.32  ? 193 ASP B O      1 
ATOM   1009 C  CB     . ASP B 1 51 ? 1.486   2.329   -14.654 1.00 37.68  ? 193 ASP B CB     1 
ATOM   1010 C  CG     . ASP B 1 51 ? 1.796   3.794   -14.378 1.00 48.30  ? 193 ASP B CG     1 
ATOM   1011 O  OD1    . ASP B 1 51 ? 2.770   4.328   -14.950 1.00 47.60  ? 193 ASP B OD1    1 
ATOM   1012 O  OD2    . ASP B 1 51 ? 1.047   4.415   -13.590 1.00 46.52  ? 193 ASP B OD2    1 
ATOM   1013 N  N      . ARG B 1 52 ? 3.556   -0.228  -14.373 1.00 37.49  ? 194 ARG B N      1 
ATOM   1014 C  CA     . ARG B 1 52 ? 3.597   -1.562  -13.795 1.00 31.37  ? 194 ARG B CA     1 
ATOM   1015 C  C      . ARG B 1 52 ? 3.117   -1.427  -12.358 1.00 28.56  ? 194 ARG B C      1 
ATOM   1016 O  O      . ARG B 1 52 ? 3.814   -0.868  -11.504 1.00 35.60  ? 194 ARG B O      1 
ATOM   1017 C  CB     . ARG B 1 52 ? 5.000   -2.131  -13.853 1.00 36.41  ? 194 ARG B CB     1 
ATOM   1018 C  CG     . ARG B 1 52 ? 5.535   -2.193  -15.291 1.00 41.14  ? 194 ARG B CG     1 
ATOM   1019 C  CD     . ARG B 1 52 ? 7.007   -2.520  -15.320 1.00 46.70  ? 194 ARG B CD     1 
ATOM   1020 N  NE     . ARG B 1 52 ? 7.289   -3.832  -14.744 1.00 54.88  ? 194 ARG B NE     1 
ATOM   1021 C  CZ     . ARG B 1 52 ? 8.364   -4.111  -14.013 1.00 56.68  ? 194 ARG B CZ     1 
ATOM   1022 N  NH1    . ARG B 1 52 ? 9.262   -3.167  -13.759 1.00 53.94  ? 194 ARG B NH1    1 
ATOM   1023 N  NH2    . ARG B 1 52 ? 8.541   -5.335  -13.536 1.00 50.10  ? 194 ARG B NH2    1 
ATOM   1024 N  N      . LEU B 1 53 ? 1.896   -1.893  -12.132 1.00 31.52  ? 195 LEU B N      1 
ATOM   1025 C  CA     . LEU B 1 53 ? 1.229   -1.745  -10.844 1.00 23.47  ? 195 LEU B CA     1 
ATOM   1026 C  C      . LEU B 1 53 ? 1.503   -2.989  -10.023 1.00 29.30  ? 195 LEU B C      1 
ATOM   1027 O  O      . LEU B 1 53 ? 1.226   -4.093  -10.480 1.00 28.46  ? 195 LEU B O      1 
ATOM   1028 C  CB     . LEU B 1 53 ? -0.278  -1.596  -11.068 1.00 33.26  ? 195 LEU B CB     1 
ATOM   1029 C  CG     . LEU B 1 53 ? -0.648  -0.634  -12.202 1.00 38.33  ? 195 LEU B CG     1 
ATOM   1030 C  CD1    . LEU B 1 53 ? -2.132  -0.640  -12.423 1.00 46.93  ? 195 LEU B CD1    1 
ATOM   1031 C  CD2    . LEU B 1 53 ? -0.196  0.760   -11.863 1.00 32.51  ? 195 LEU B CD2    1 
ATOM   1032 N  N      . ILE B 1 54 ? 2.073   -2.801  -8.837  1.00 26.58  ? 196 ILE B N      1 
ATOM   1033 C  CA     . ILE B 1 54 ? 2.366   -3.909  -7.935  1.00 22.96  ? 196 ILE B CA     1 
ATOM   1034 C  C      . ILE B 1 54 ? 1.344   -3.842  -6.798  1.00 27.25  ? 196 ILE B C      1 
ATOM   1035 O  O      . ILE B 1 54 ? 1.257   -2.850  -6.075  1.00 27.47  ? 196 ILE B O      1 
ATOM   1036 C  CB     . ILE B 1 54 ? 3.802   -3.833  -7.396  1.00 27.91  ? 196 ILE B CB     1 
ATOM   1037 C  CG1    . ILE B 1 54 ? 4.805   -3.613  -8.551  1.00 30.68  ? 196 ILE B CG1    1 
ATOM   1038 C  CG2    . ILE B 1 54 ? 4.159   -5.087  -6.622  1.00 33.90  ? 196 ILE B CG2    1 
ATOM   1039 C  CD1    . ILE B 1 54 ? 4.754   -4.628  -9.651  1.00 31.80  ? 196 ILE B CD1    1 
ATOM   1040 N  N      . VAL B 1 55 ? 0.540   -4.889  -6.671  1.00 25.75  ? 197 VAL B N      1 
ATOM   1041 C  CA     . VAL B 1 55 ? -0.639  -4.804  -5.827  1.00 22.94  ? 197 VAL B CA     1 
ATOM   1042 C  C      . VAL B 1 55 ? -0.642  -5.985  -4.878  1.00 25.98  ? 197 VAL B C      1 
ATOM   1043 O  O      . VAL B 1 55 ? 0.000   -6.997  -5.142  1.00 25.08  ? 197 VAL B O      1 
ATOM   1044 C  CB     . VAL B 1 55 ? -1.951  -4.803  -6.660  1.00 30.94  ? 197 VAL B CB     1 
ATOM   1045 C  CG1    . VAL B 1 55 ? -1.910  -3.733  -7.739  1.00 36.78  ? 197 VAL B CG1    1 
ATOM   1046 C  CG2    . VAL B 1 55 ? -2.224  -6.180  -7.274  1.00 25.51  ? 197 VAL B CG2    1 
ATOM   1047 N  N      . THR B 1 56 ? -1.368  -5.856  -3.774  1.00 22.05  ? 198 THR B N      1 
ATOM   1048 C  CA     . THR B 1 56 ? -1.518  -6.962  -2.840  1.00 20.74  ? 198 THR B CA     1 
ATOM   1049 C  C      . THR B 1 56 ? -2.989  -6.993  -2.410  1.00 27.52  ? 198 THR B C      1 
ATOM   1050 O  O      . THR B 1 56 ? -3.632  -5.965  -2.369  1.00 24.54  ? 198 THR B O      1 
ATOM   1051 C  CB     . THR B 1 56 ? -0.598  -6.818  -1.604  1.00 27.36  ? 198 THR B CB     1 
ATOM   1052 O  OG1    . THR B 1 56 ? -0.667  -8.008  -0.808  1.00 27.35  ? 198 THR B OG1    1 
ATOM   1053 C  CG2    . THR B 1 56 ? -1.001  -5.637  -0.744  1.00 27.38  ? 198 THR B CG2    1 
ATOM   1054 N  N      . GLY B 1 57 ? -3.524  -8.170  -2.130  1.00 24.20  ? 199 GLY B N      1 
ATOM   1055 C  CA     . GLY B 1 57 ? -4.878  -8.222  -1.600  1.00 23.75  ? 199 GLY B CA     1 
ATOM   1056 C  C      . GLY B 1 57 ? -5.601  -9.510  -1.950  1.00 30.42  ? 199 GLY B C      1 
ATOM   1057 O  O      . GLY B 1 57 ? -4.980  -10.518 -2.266  1.00 28.41  ? 199 GLY B O      1 
ATOM   1058 N  N      . ALA B 1 58 ? -6.927  -9.461  -1.888  1.00 32.09  ? 200 ALA B N      1 
ATOM   1059 C  CA     . ALA B 1 58 ? -7.778  -10.600 -2.250  1.00 33.33  ? 200 ALA B CA     1 
ATOM   1060 C  C      . ALA B 1 58 ? -7.500  -11.014 -3.693  1.00 39.63  ? 200 ALA B C      1 
ATOM   1061 O  O      . ALA B 1 58 ? -7.679  -10.216 -4.614  1.00 30.63  ? 200 ALA B O      1 
ATOM   1062 C  CB     . ALA B 1 58 ? -9.209  -10.227 -2.084  1.00 39.34  ? 200 ALA B CB     1 
ATOM   1063 N  N      . LYS B 1 59 ? -7.083  -12.266 -3.884  1.00 38.80  ? 201 LYS B N      1 
ATOM   1064 C  CA     . LYS B 1 59 ? -6.646  -12.745 -5.195  1.00 39.05  ? 201 LYS B CA     1 
ATOM   1065 C  C      . LYS B 1 59 ? -7.765  -12.680 -6.222  1.00 45.33  ? 201 LYS B C      1 
ATOM   1066 O  O      . LYS B 1 59 ? -7.516  -12.482 -7.419  1.00 45.55  ? 201 LYS B O      1 
ATOM   1067 C  CB     . LYS B 1 59 ? -6.085  -14.165 -5.093  1.00 49.84  ? 201 LYS B CB     1 
ATOM   1068 C  CG     . LYS B 1 59 ? -5.586  -14.761 -6.412  1.00 47.74  ? 201 LYS B CG     1 
ATOM   1069 C  CD     . LYS B 1 59 ? -4.486  -13.924 -7.055  1.00 41.15  ? 201 LYS B CD     1 
ATOM   1070 C  CE     . LYS B 1 59 ? -3.745  -14.742 -8.098  1.00 44.31  ? 201 LYS B CE     1 
ATOM   1071 N  NZ     . LYS B 1 59 ? -4.669  -15.470 -9.010  1.00 47.04  ? 201 LYS B NZ     1 
ATOM   1072 N  N      . GLU B 1 60 ? -8.997  -12.827 -5.745  1.00 43.80  ? 202 GLU B N      1 
ATOM   1073 C  CA     . GLU B 1 60 ? -10.166 -12.732 -6.605  1.00 49.70  ? 202 GLU B CA     1 
ATOM   1074 C  C      . GLU B 1 60 ? -10.316 -11.344 -7.203  1.00 52.17  ? 202 GLU B C      1 
ATOM   1075 O  O      . GLU B 1 60 ? -10.726 -11.210 -8.356  1.00 48.12  ? 202 GLU B O      1 
ATOM   1076 C  CB     . GLU B 1 60 ? -11.441 -13.118 -5.846  1.00 65.40  ? 202 GLU B CB     1 
ATOM   1077 C  CG     . GLU B 1 60 ? -11.589 -12.470 -4.470  1.00 83.21  ? 202 GLU B CG     1 
ATOM   1078 C  CD     . GLU B 1 60 ? -10.971 -13.299 -3.353  1.00 90.43  ? 202 GLU B CD     1 
ATOM   1079 O  OE1    . GLU B 1 60 ? -11.448 -13.202 -2.203  1.00 94.47  ? 202 GLU B OE1    1 
ATOM   1080 O  OE2    . GLU B 1 60 ? -10.009 -14.048 -3.622  1.00 91.02  ? 202 GLU B OE2    1 
ATOM   1081 N  N      . TYR B 1 61 ? -9.998  -10.311 -6.423  1.00 42.93  ? 203 TYR B N      1 
ATOM   1082 C  CA     . TYR B 1 61 ? -10.071 -8.948  -6.935  1.00 39.51  ? 203 TYR B CA     1 
ATOM   1083 C  C      . TYR B 1 61 ? -8.828  -8.540  -7.733  1.00 35.58  ? 203 TYR B C      1 
ATOM   1084 O  O      . TYR B 1 61 ? -8.928  -7.732  -8.661  1.00 36.19  ? 203 TYR B O      1 
ATOM   1085 C  CB     . TYR B 1 61 ? -10.303 -7.921  -5.838  1.00 38.52  ? 203 TYR B CB     1 
ATOM   1086 C  CG     . TYR B 1 61 ? -10.438 -6.543  -6.436  1.00 50.24  ? 203 TYR B CG     1 
ATOM   1087 C  CD1    . TYR B 1 61 ? -11.377 -6.294  -7.439  1.00 56.80  ? 203 TYR B CD1    1 
ATOM   1088 C  CD2    . TYR B 1 61 ? -9.616  -5.500  -6.041  1.00 57.16  ? 203 TYR B CD2    1 
ATOM   1089 C  CE1    . TYR B 1 61 ? -11.497 -5.042  -8.018  1.00 55.93  ? 203 TYR B CE1    1 
ATOM   1090 C  CE2    . TYR B 1 61 ? -9.738  -4.240  -6.616  1.00 60.18  ? 203 TYR B CE2    1 
ATOM   1091 C  CZ     . TYR B 1 61 ? -10.678 -4.020  -7.601  1.00 56.08  ? 203 TYR B CZ     1 
ATOM   1092 O  OH     . TYR B 1 61 ? -10.804 -2.769  -8.171  1.00 56.34  ? 203 TYR B OH     1 
ATOM   1093 N  N      . VAL B 1 62 ? -7.669  -9.065  -7.344  1.00 31.85  ? 204 VAL B N      1 
ATOM   1094 C  CA     . VAL B 1 62 ? -6.471  -8.900  -8.149  1.00 27.10  ? 204 VAL B CA     1 
ATOM   1095 C  C      . VAL B 1 62 ? -6.831  -9.352  -9.550  1.00 28.46  ? 204 VAL B C      1 
ATOM   1096 O  O      . VAL B 1 62 ? -6.588  -8.640  -10.528 1.00 33.72  ? 204 VAL B O      1 
ATOM   1097 C  CB     . VAL B 1 62 ? -5.303  -9.718  -7.592  1.00 23.39  ? 204 VAL B CB     1 
ATOM   1098 C  CG1    . VAL B 1 62 ? -4.113  -9.748  -8.577  1.00 26.70  ? 204 VAL B CG1    1 
ATOM   1099 C  CG2    . VAL B 1 62 ? -4.890  -9.169  -6.241  1.00 29.33  ? 204 VAL B CG2    1 
ATOM   1100 N  N      . ASP B 1 63 ? -7.470  -10.515 -9.643  1.00 33.11  ? 205 ASP B N      1 
ATOM   1101 C  CA     . ASP B 1 63 ? -7.834  -11.082 -10.930 1.00 41.87  ? 205 ASP B CA     1 
ATOM   1102 C  C      . ASP B 1 63 ? -8.797  -10.225 -11.738 1.00 40.22  ? 205 ASP B C      1 
ATOM   1103 O  O      . ASP B 1 63 ? -8.702  -10.171 -12.961 1.00 39.81  ? 205 ASP B O      1 
ATOM   1104 C  CB     . ASP B 1 63 ? -8.380  -12.506 -10.763 1.00 48.60  ? 205 ASP B CB     1 
ATOM   1105 C  CG     . ASP B 1 63 ? -7.295  -13.512 -10.431 1.00 51.86  ? 205 ASP B CG     1 
ATOM   1106 O  OD1    . ASP B 1 63 ? -6.104  -13.182 -10.585 1.00 59.13  ? 205 ASP B OD1    1 
ATOM   1107 O  OD2    . ASP B 1 63 ? -7.638  -14.643 -10.023 1.00 57.03  ? 205 ASP B OD2    1 
ATOM   1108 N  N      . GLU B 1 64 ? -9.723  -9.559  -11.063 1.00 44.36  ? 206 GLU B N      1 
ATOM   1109 C  CA     . GLU B 1 64 ? -10.652 -8.676  -11.750 1.00 45.85  ? 206 GLU B CA     1 
ATOM   1110 C  C      . GLU B 1 64 ? -9.932  -7.429  -12.236 1.00 45.69  ? 206 GLU B C      1 
ATOM   1111 O  O      . GLU B 1 64 ? -10.200 -6.932  -13.326 1.00 42.57  ? 206 GLU B O      1 
ATOM   1112 C  CB     . GLU B 1 64 ? -11.803 -8.259  -10.831 1.00 52.59  ? 206 GLU B CB     1 
ATOM   1113 C  CG     . GLU B 1 64 ? -12.893 -9.300  -10.684 1.00 71.04  ? 206 GLU B CG     1 
ATOM   1114 C  CD     . GLU B 1 64 ? -14.066 -8.791  -9.863  1.00 85.14  ? 206 GLU B CD     1 
ATOM   1115 O  OE1    . GLU B 1 64 ? -14.437 -7.607  -10.018 1.00 88.91  ? 206 GLU B OE1    1 
ATOM   1116 O  OE2    . GLU B 1 64 ? -14.611 -9.574  -9.056  1.00 88.24  ? 206 GLU B OE2    1 
ATOM   1117 N  N      . LEU B 1 65 ? -9.031  -6.915  -11.408 1.00 36.21  ? 207 LEU B N      1 
ATOM   1118 C  CA     . LEU B 1 65 ? -8.212  -5.767  -11.775 1.00 38.98  ? 207 LEU B CA     1 
ATOM   1119 C  C      . LEU B 1 65 ? -7.370  -6.061  -13.024 1.00 31.97  ? 207 LEU B C      1 
ATOM   1120 O  O      . LEU B 1 65 ? -7.211  -5.213  -13.912 1.00 34.13  ? 207 LEU B O      1 
ATOM   1121 C  CB     . LEU B 1 65 ? -7.323  -5.384  -10.598 1.00 37.60  ? 207 LEU B CB     1 
ATOM   1122 C  CG     . LEU B 1 65 ? -6.836  -3.943  -10.623 1.00 48.12  ? 207 LEU B CG     1 
ATOM   1123 C  CD1    . LEU B 1 65 ? -7.982  -3.036  -11.012 1.00 47.48  ? 207 LEU B CD1    1 
ATOM   1124 C  CD2    . LEU B 1 65 ? -6.279  -3.548  -9.267  1.00 54.88  ? 207 LEU B CD2    1 
ATOM   1125 N  N      . LYS B 1 66 ? -6.834  -7.266  -13.088 1.00 28.08  ? 208 LYS B N      1 
ATOM   1126 C  CA     . LYS B 1 66 ? -6.059  -7.696  -14.245 1.00 32.52  ? 208 LYS B CA     1 
ATOM   1127 C  C      . LYS B 1 66 ? -6.908  -7.723  -15.515 1.00 44.56  ? 208 LYS B C      1 
ATOM   1128 O  O      . LYS B 1 66 ? -6.424  -7.379  -16.595 1.00 34.71  ? 208 LYS B O      1 
ATOM   1129 C  CB     . LYS B 1 66 ? -5.433  -9.060  -13.979 1.00 34.85  ? 208 LYS B CB     1 
ATOM   1130 C  CG     . LYS B 1 66 ? -4.278  -8.986  -13.014 1.00 32.86  ? 208 LYS B CG     1 
ATOM   1131 C  CD     . LYS B 1 66 ? -3.730  -10.356 -12.600 1.00 43.75  ? 208 LYS B CD     1 
ATOM   1132 C  CE     . LYS B 1 66 ? -2.908  -11.008 -13.711 1.00 43.89  ? 208 LYS B CE     1 
ATOM   1133 N  NZ     . LYS B 1 66 ? -1.756  -11.770 -13.154 1.00 53.81  ? 208 LYS B NZ     1 
ATOM   1134 N  N      . GLN B 1 67 ? -8.171  -8.124  -15.376 1.00 43.26  ? 209 GLN B N      1 
ATOM   1135 C  CA     . GLN B 1 67 ? -9.132  -8.053  -16.476 1.00 48.45  ? 209 GLN B CA     1 
ATOM   1136 C  C      . GLN B 1 67 ? -9.276  -6.621  -16.961 1.00 48.53  ? 209 GLN B C      1 
ATOM   1137 O  O      . GLN B 1 67 ? -9.133  -6.341  -18.150 1.00 48.67  ? 209 GLN B O      1 
ATOM   1138 C  CB     . GLN B 1 67 ? -10.505 -8.567  -16.032 1.00 53.15  ? 209 GLN B CB     1 
ATOM   1139 C  CG     . GLN B 1 67 ? -10.547 -10.056 -15.736 1.00 63.63  ? 209 GLN B CG     1 
ATOM   1140 C  CD     . GLN B 1 67 ? -11.935 -10.546 -15.351 1.00 65.86  ? 209 GLN B CD     1 
ATOM   1141 O  OE1    . GLN B 1 67 ? -12.898 -9.775  -15.312 1.00 70.65  ? 209 GLN B OE1    1 
ATOM   1142 N  NE2    . GLN B 1 67 ? -12.043 -11.837 -15.068 1.00 56.90  ? 209 GLN B NE2    1 
ATOM   1143 N  N      . GLU B 1 68 ? -9.548  -5.720  -16.023 1.00 33.90  ? 210 GLU B N      1 
ATOM   1144 C  CA     . GLU B 1 68 ? -9.831  -4.329  -16.325 1.00 47.53  ? 210 GLU B CA     1 
ATOM   1145 C  C      . GLU B 1 68 ? -8.645  -3.578  -16.915 1.00 44.22  ? 210 GLU B C      1 
ATOM   1146 O  O      . GLU B 1 68 ? -8.795  -2.835  -17.881 1.00 40.43  ? 210 GLU B O      1 
ATOM   1147 C  CB     . GLU B 1 68 ? -10.293 -3.613  -15.054 1.00 50.78  ? 210 GLU B CB     1 
ATOM   1148 C  CG     . GLU B 1 68 ? -11.708 -3.948  -14.671 1.00 56.59  ? 210 GLU B CG     1 
ATOM   1149 C  CD     . GLU B 1 68 ? -12.681 -3.575  -15.768 1.00 61.73  ? 210 GLU B CD     1 
ATOM   1150 O  OE1    . GLU B 1 68 ? -13.226 -4.488  -16.423 1.00 63.95  ? 210 GLU B OE1    1 
ATOM   1151 O  OE2    . GLU B 1 68 ? -12.883 -2.361  -15.986 1.00 60.91  ? 210 GLU B OE2    1 
ATOM   1152 N  N      . LEU B 1 69 ? -7.469  -3.785  -16.332 1.00 32.29  ? 211 LEU B N      1 
ATOM   1153 C  CA     . LEU B 1 69 ? -6.314  -2.963  -16.647 1.00 35.71  ? 211 LEU B CA     1 
ATOM   1154 C  C      . LEU B 1 69 ? -5.415  -3.537  -17.756 1.00 30.90  ? 211 LEU B C      1 
ATOM   1155 O  O      . LEU B 1 69 ? -4.871  -2.779  -18.544 1.00 30.37  ? 211 LEU B O      1 
ATOM   1156 C  CB     . LEU B 1 69 ? -5.505  -2.705  -15.383 1.00 34.15  ? 211 LEU B CB     1 
ATOM   1157 C  CG     . LEU B 1 69 ? -6.254  -1.953  -14.281 1.00 34.07  ? 211 LEU B CG     1 
ATOM   1158 C  CD1    . LEU B 1 69 ? -5.353  -1.775  -13.090 1.00 33.59  ? 211 LEU B CD1    1 
ATOM   1159 C  CD2    . LEU B 1 69 ? -6.713  -0.596  -14.805 1.00 40.34  ? 211 LEU B CD2    1 
ATOM   1160 N  N      . GLU B 1 70 ? -5.259  -4.859  -17.813 1.00 26.60  ? 212 GLU B N      1 
ATOM   1161 C  CA     . GLU B 1 70 ? -4.383  -5.458  -18.817 1.00 28.66  ? 212 GLU B CA     1 
ATOM   1162 C  C      . GLU B 1 70 ? -5.029  -6.465  -19.776 1.00 26.10  ? 212 GLU B C      1 
ATOM   1163 O  O      . GLU B 1 70 ? -4.321  -7.138  -20.505 1.00 37.42  ? 212 GLU B O      1 
ATOM   1164 C  CB     . GLU B 1 70 ? -3.095  -6.046  -18.188 1.00 31.27  ? 212 GLU B CB     1 
ATOM   1165 C  CG     . GLU B 1 70 ? -3.322  -7.243  -17.280 1.00 31.08  ? 212 GLU B CG     1 
ATOM   1166 C  CD     . GLU B 1 70 ? -2.072  -7.737  -16.536 1.00 36.74  ? 212 GLU B CD     1 
ATOM   1167 O  OE1    . GLU B 1 70 ? -2.100  -8.894  -16.077 1.00 36.93  ? 212 GLU B OE1    1 
ATOM   1168 O  OE2    . GLU B 1 70 ? -1.077  -6.997  -16.391 1.00 34.93  ? 212 GLU B OE2    1 
ATOM   1169 N  N      . PHE B 1 71 ? -6.351  -6.552  -19.837 1.00 37.11  ? 213 PHE B N      1 
ATOM   1170 C  CA     . PHE B 1 71 ? -6.913  -7.378  -20.911 1.00 50.77  ? 213 PHE B CA     1 
ATOM   1171 C  C      . PHE B 1 71 ? -7.430  -6.562  -22.111 1.00 47.97  ? 213 PHE B C      1 
ATOM   1172 O  O      . PHE B 1 71 ? -7.248  -5.332  -22.194 1.00 47.39  ? 213 PHE B O      1 
ATOM   1173 C  CB     . PHE B 1 71 ? -7.962  -8.372  -20.393 1.00 58.51  ? 213 PHE B CB     1 
ATOM   1174 C  CG     . PHE B 1 71 ? -7.393  -9.477  -19.530 1.00 62.47  ? 213 PHE B CG     1 
ATOM   1175 C  CD1    . PHE B 1 71 ? -6.033  -9.579  -19.312 1.00 61.39  ? 213 PHE B CD1    1 
ATOM   1176 C  CD2    . PHE B 1 71 ? -8.228  -10.423 -18.948 1.00 65.90  ? 213 PHE B CD2    1 
ATOM   1177 C  CE1    . PHE B 1 71 ? -5.514  -10.589 -18.523 1.00 62.85  ? 213 PHE B CE1    1 
ATOM   1178 C  CE2    . PHE B 1 71 ? -7.713  -11.432 -18.161 1.00 58.89  ? 213 PHE B CE2    1 
ATOM   1179 C  CZ     . PHE B 1 71 ? -6.356  -11.512 -17.946 1.00 63.75  ? 213 PHE B CZ     1 
HETATM 1180 P  P      . 2BA C 2 .  ? -4.827  9.219   0.302   1.00 47.47  ? 301 2BA A P      1 
HETATM 1181 O  O1P    . 2BA C 2 .  ? -3.357  8.924   0.150   1.00 47.29  ? 301 2BA A O1P    1 
HETATM 1182 O  O2P    . 2BA C 2 .  ? -5.107  10.547  -0.360  1.00 46.58  ? 301 2BA A O2P    1 
HETATM 1183 O  "O5'"  . 2BA C 2 .  ? -5.824  8.347   -0.617  1.00 47.44  ? 301 2BA A "O5'"  1 
HETATM 1184 C  "C5'"  . 2BA C 2 .  ? -6.797  8.328   -0.956  1.00 46.81  ? 301 2BA A "C5'"  1 
HETATM 1185 C  "C4'"  . 2BA C 2 .  ? -7.622  7.087   -0.946  1.00 46.29  ? 301 2BA A "C4'"  1 
HETATM 1186 O  "O4'"  . 2BA C 2 .  ? -6.966  6.716   -2.157  1.00 45.40  ? 301 2BA A "O4'"  1 
HETATM 1187 C  "C3'"  . 2BA C 2 .  ? -7.987  5.804   -0.209  1.00 46.19  ? 301 2BA A "C3'"  1 
HETATM 1188 O  "O3'"  . 2BA C 2 .  ? -9.034  6.204   1.156   1.00 47.73  ? 301 2BA A "O3'"  1 
HETATM 1189 C  "C2'"  . 2BA C 2 .  ? -7.895  4.721   -1.262  1.00 45.42  ? 301 2BA A "C2'"  1 
HETATM 1190 O  "O2'"  . 2BA C 2 .  ? -9.177  4.464   -1.840  1.00 43.51  ? 301 2BA A "O2'"  1 
HETATM 1191 C  "C1'"  . 2BA C 2 .  ? -6.988  5.297   -2.332  1.00 45.33  ? 301 2BA A "C1'"  1 
HETATM 1192 N  N9     . 2BA C 2 .  ? -5.252  4.951   -2.165  1.00 45.30  ? 301 2BA A N9     1 
HETATM 1193 C  C8     . 2BA C 2 .  ? -4.171  5.581   -1.671  1.00 44.79  ? 301 2BA A C8     1 
HETATM 1194 N  N7     . 2BA C 2 .  ? -3.100  4.759   -1.727  1.00 43.54  ? 301 2BA A N7     1 
HETATM 1195 C  C5     . 2BA C 2 .  ? -3.528  3.606   -2.270  1.00 43.84  ? 301 2BA A C5     1 
HETATM 1196 C  C6     . 2BA C 2 .  ? -2.890  2.418   -2.571  1.00 43.78  ? 301 2BA A C6     1 
HETATM 1197 N  N6     . 2BA C 2 .  ? -1.569  2.296   -2.302  1.00 44.56  ? 301 2BA A N6     1 
HETATM 1198 N  N1     . 2BA C 2 .  ? -3.601  1.405   -3.126  1.00 43.50  ? 301 2BA A N1     1 
HETATM 1199 C  C2     . 2BA C 2 .  ? -4.914  1.544   -3.386  1.00 42.90  ? 301 2BA A C2     1 
HETATM 1200 N  N3     . 2BA C 2 .  ? -5.558  2.686   -3.107  1.00 41.84  ? 301 2BA A N3     1 
HETATM 1201 C  C4     . 2BA C 2 .  ? -4.883  3.725   -2.550  1.00 43.94  ? 301 2BA A C4     1 
HETATM 1202 P  P1     . 2BA C 2 .  ? -8.930  5.609   2.648   1.00 48.58  ? 301 2BA A P1     1 
HETATM 1203 O  O1P1   . 2BA C 2 .  ? -8.375  4.247   2.304   1.00 48.65  ? 301 2BA A O1P1   1 
HETATM 1204 O  O2P1   . 2BA C 2 .  ? -10.192 5.435   3.464   1.00 48.42  ? 301 2BA A O2P1   1 
HETATM 1205 O  "O5'1" . 2BA C 2 .  ? -7.744  6.383   3.405   1.00 49.92  ? 301 2BA A "O5'1" 1 
HETATM 1206 C  "C5'1" . 2BA C 2 .  ? -7.821  7.795   3.595   1.00 49.76  ? 301 2BA A "C5'1" 1 
HETATM 1207 C  "C4'1" . 2BA C 2 .  ? -6.235  8.444   3.927   1.00 48.81  ? 301 2BA A "C4'1" 1 
HETATM 1208 O  "O4'1" . 2BA C 2 .  ? -6.083  7.165   4.813   1.00 47.89  ? 301 2BA A "O4'1" 1 
HETATM 1209 C  "C3'1" . 2BA C 2 .  ? -5.337  8.293   2.846   1.00 48.22  ? 301 2BA A "C3'1" 1 
HETATM 1210 O  "O3'1" . 2BA C 2 .  ? -5.500  9.264   1.767   1.00 48.04  ? 301 2BA A "O3'1" 1 
HETATM 1211 C  "C2'1" . 2BA C 2 .  ? -4.104  7.860   3.570   1.00 48.83  ? 301 2BA A "C2'1" 1 
HETATM 1212 O  "O2'1" . 2BA C 2 .  ? -3.054  8.799   3.817   1.00 50.34  ? 301 2BA A "O2'1" 1 
HETATM 1213 C  "C1'1" . 2BA C 2 .  ? -4.674  6.939   4.733   1.00 48.37  ? 301 2BA A "C1'1" 1 
HETATM 1214 N  N91    . 2BA C 2 .  ? -4.378  5.543   4.321   1.00 47.53  ? 301 2BA A N91    1 
HETATM 1215 C  C81    . 2BA C 2 .  ? -5.275  4.623   3.931   1.00 46.86  ? 301 2BA A C81    1 
HETATM 1216 N  N71    . 2BA C 2 .  ? -4.625  3.478   3.623   1.00 46.47  ? 301 2BA A N71    1 
HETATM 1217 C  C51    . 2BA C 2 .  ? -3.310  3.691   3.821   1.00 45.58  ? 301 2BA A C51    1 
HETATM 1218 C  C61    . 2BA C 2 .  ? -2.186  2.893   3.676   1.00 43.93  ? 301 2BA A C61    1 
HETATM 1219 N  N61    . 2BA C 2 .  ? -2.316  1.618   3.250   1.00 42.05  ? 301 2BA A N61    1 
HETATM 1220 N  N11    . 2BA C 2 .  ? -0.968  3.417   3.968   1.00 44.08  ? 301 2BA A N11    1 
HETATM 1221 C  C21    . 2BA C 2 .  ? -0.838  4.687   4.392   1.00 43.45  ? 301 2BA A C21    1 
HETATM 1222 N  N31    . 2BA C 2 .  ? -1.907  5.480   4.543   1.00 43.42  ? 301 2BA A N31    1 
HETATM 1223 C  C41    . 2BA C 2 .  ? -3.154  4.998   4.263   1.00 46.07  ? 301 2BA A C41    1 
HETATM 1224 O  O      . HOH D 3 .  ? -9.592  5.788   16.172  1.00 47.10  ? 401 HOH A O      1 
HETATM 1225 O  O      . HOH D 3 .  ? -11.881 4.540   17.628  1.00 53.69  ? 402 HOH A O      1 
HETATM 1226 O  O      . HOH D 3 .  ? 3.086   -13.625 13.077  1.00 58.39  ? 403 HOH A O      1 
HETATM 1227 O  O      . HOH D 3 .  ? -2.028  -5.847  17.547  1.00 40.57  ? 404 HOH A O      1 
HETATM 1228 O  O      . HOH D 3 .  ? -3.552  -1.074  21.099  1.00 42.95  ? 405 HOH A O      1 
HETATM 1229 O  O      . HOH D 3 .  ? 8.975   -9.565  7.714   1.00 73.92  ? 406 HOH A O      1 
HETATM 1230 O  O      . HOH D 3 .  ? 17.086  -0.884  1.243   1.00 53.49  ? 407 HOH A O      1 
HETATM 1231 O  O      . HOH D 3 .  ? -9.306  -2.444  15.445  1.00 54.77  ? 408 HOH A O      1 
HETATM 1232 O  O      . HOH D 3 .  ? -6.515  2.462   1.278   1.00 38.75  ? 409 HOH A O      1 
HETATM 1233 O  O      . HOH D 3 .  ? -7.864  -8.106  15.773  1.00 51.86  ? 410 HOH A O      1 
HETATM 1234 O  O      . HOH D 3 .  ? 17.258  -3.121  0.750   1.00 74.32  ? 411 HOH A O      1 
HETATM 1235 O  O      . HOH D 3 .  ? 4.078   1.876   24.378  1.00 50.89  ? 412 HOH A O      1 
HETATM 1236 O  O      . HOH D 3 .  ? -0.111  0.027   25.871  1.00 47.02  ? 413 HOH A O      1 
HETATM 1237 O  O      . HOH D 3 .  ? -7.080  8.705   14.094  1.00 46.53  ? 414 HOH A O      1 
HETATM 1238 O  O      . HOH D 3 .  ? 12.254  -5.960  8.105   1.00 46.14  ? 415 HOH A O      1 
HETATM 1239 O  O      . HOH D 3 .  ? -2.407  -5.995  21.815  1.00 102.17 ? 416 HOH A O      1 
HETATM 1240 O  O      . HOH D 3 .  ? 11.039  -4.979  13.343  1.00 52.46  ? 417 HOH A O      1 
HETATM 1241 O  O      . HOH D 3 .  ? -8.388  -1.400  12.482  1.00 41.39  ? 418 HOH A O      1 
HETATM 1242 O  O      . HOH D 3 .  ? 11.428  3.904   20.560  1.00 65.75  ? 419 HOH A O      1 
HETATM 1243 O  O      . HOH D 3 .  ? 15.027  7.699   -1.264  1.00 69.48  ? 420 HOH A O      1 
HETATM 1244 O  O      . HOH D 3 .  ? -10.820 2.118   1.406   1.00 49.36  ? 421 HOH A O      1 
HETATM 1245 O  O      . HOH D 3 .  ? 8.364   -8.768  4.942   1.00 62.38  ? 422 HOH A O      1 
HETATM 1246 O  O      . HOH D 3 .  ? 11.159  -9.669  12.821  1.00 65.20  ? 423 HOH A O      1 
HETATM 1247 O  O      . HOH D 3 .  ? -12.149 -0.631  2.614   1.00 69.30  ? 424 HOH A O      1 
HETATM 1248 O  O      . HOH D 3 .  ? 3.820   11.277  -3.124  1.00 69.67  ? 425 HOH A O      1 
HETATM 1249 O  O      . HOH D 3 .  ? 9.426   4.403   22.318  1.00 66.55  ? 426 HOH A O      1 
HETATM 1250 O  O      . HOH D 3 .  ? -13.546 3.470   1.015   1.00 69.46  ? 427 HOH A O      1 
HETATM 1251 O  O      . HOH D 3 .  ? 19.143  0.190   1.531   1.00 66.08  ? 428 HOH A O      1 
HETATM 1252 O  O      . HOH D 3 .  ? -2.008  13.598  4.564   1.00 69.17  ? 429 HOH A O      1 
HETATM 1253 O  O      . HOH E 3 .  ? 0.074   -10.618 -12.005 1.00 40.58  ? 301 HOH B O      1 
HETATM 1254 O  O      . HOH E 3 .  ? -10.428 0.552   -23.031 1.00 37.62  ? 302 HOH B O      1 
HETATM 1255 O  O      . HOH E 3 .  ? 1.260   11.608  -3.726  1.00 53.98  ? 303 HOH B O      1 
HETATM 1256 O  O      . HOH E 3 .  ? 4.945   -11.010 -7.780  1.00 37.21  ? 304 HOH B O      1 
HETATM 1257 O  O      . HOH E 3 .  ? -1.702  6.489   0.508   1.00 43.71  ? 305 HOH B O      1 
HETATM 1258 O  O      . HOH E 3 .  ? 7.968   -8.299  -14.359 1.00 58.64  ? 306 HOH B O      1 
HETATM 1259 O  O      . HOH E 3 .  ? -13.797 -2.275  -18.518 1.00 61.51  ? 307 HOH B O      1 
HETATM 1260 O  O      . HOH E 3 .  ? -7.947  -7.140  4.967   1.00 34.41  ? 308 HOH B O      1 
HETATM 1261 O  O      . HOH E 3 .  ? -2.059  -10.494 -2.364  1.00 41.03  ? 309 HOH B O      1 
HETATM 1262 O  O      . HOH E 3 .  ? 3.986   4.546   -17.532 1.00 42.81  ? 310 HOH B O      1 
HETATM 1263 O  O      . HOH E 3 .  ? 1.041   5.734   -24.683 1.00 62.34  ? 311 HOH B O      1 
HETATM 1264 O  O      . HOH E 3 .  ? 3.681   -10.577 -10.471 1.00 37.31  ? 312 HOH B O      1 
HETATM 1265 O  O      . HOH E 3 .  ? -1.122  8.809   -23.164 1.00 49.49  ? 313 HOH B O      1 
HETATM 1266 O  O      . HOH E 3 .  ? 3.306   -14.730 0.633   1.00 59.28  ? 314 HOH B O      1 
HETATM 1267 O  O      . HOH E 3 .  ? 1.368   -10.901 5.175   1.00 66.23  ? 315 HOH B O      1 
HETATM 1268 O  O      . HOH E 3 .  ? -16.024 -2.245  -2.782  1.00 68.26  ? 316 HOH B O      1 
HETATM 1269 O  O      . HOH E 3 .  ? -1.109  -14.324 -11.384 1.00 65.30  ? 317 HOH B O      1 
HETATM 1270 O  O      . HOH E 3 .  ? 12.304  0.248   -11.426 1.00 70.28  ? 318 HOH B O      1 
HETATM 1271 O  O      . HOH E 3 .  ? 10.118  -0.498  -16.040 1.00 50.27  ? 319 HOH B O      1 
HETATM 1272 O  O      . HOH E 3 .  ? -14.119 13.577  -6.139  1.00 75.57  ? 320 HOH B O      1 
HETATM 1273 O  O      . HOH E 3 .  ? 9.549   -6.122  -17.221 1.00 54.66  ? 321 HOH B O      1 
HETATM 1274 O  O      . HOH E 3 .  ? -13.576 -4.278  0.310   1.00 63.49  ? 322 HOH B O      1 
HETATM 1275 O  O      . HOH E 3 .  ? 2.130   -12.112 -11.065 1.00 53.12  ? 323 HOH B O      1 
HETATM 1276 O  O      . HOH E 3 .  ? -5.125  11.255  -25.122 1.00 77.41  ? 324 HOH B O      1 
HETATM 1277 O  O      . HOH E 3 .  ? 10.858  11.446  -14.547 1.00 56.72  ? 325 HOH B O      1 
HETATM 1278 O  O      . HOH E 3 .  ? 4.020   -1.886  -21.184 1.00 76.41  ? 326 HOH B O      1 
HETATM 1279 O  O      . HOH E 3 .  ? -15.800 9.514   -4.874  1.00 94.43  ? 327 HOH B O      1 
HETATM 1280 O  O      . HOH E 3 .  ? 1.214   -14.574 -10.656 1.00 48.22  ? 328 HOH B O      1 
# 
